data_5KKC
#
_entry.id   5KKC
#
_cell.length_a   63.602
_cell.length_b   126.085
_cell.length_c   84.237
_cell.angle_alpha   90.00
_cell.angle_beta   99.94
_cell.angle_gamma   90.00
#
_symmetry.space_group_name_H-M   'P 1 21 1'
#
loop_
_entity.id
_entity.type
_entity.pdbx_description
1 polymer 'L-lactate dehydrogenase A chain'
2 non-polymer '[[(2~{R},3~{S},4~{R},5~{R})-5-(5-aminocarbonyl-2~{H}-pyridin-1-yl)-3,4-bis(oxidanyl)oxolan-2-yl]methoxy-oxidanyl-phosphoryl] [(2~{R},3~{S},4~{R},5~{R})-5-(6-aminopurin-9-yl)-3,4-bis(oxidanyl)oxolan-2-yl]methyl hydrogen phosphate'
3 non-polymer 'SULFATE ION'
4 water water
#
_entity_poly.entity_id   1
_entity_poly.type   'polypeptide(L)'
_entity_poly.pdbx_seq_one_letter_code
;AALKDQLIHNLLKEEHVPQNKITVVGVGAVGMACAISILMKDLADELALVDVMEDKLKGEMMDLQHGSLFLRTPKIVSGK
DYSVTANSKLVIITAGARQQEGESRLNLVQRNVNIFKFIIPNVVKYSPHCKLLVVSNPVDILTYVAWKISGFPKNRVIGS
GCNLDSARFRYLMGERLGVHALSCHGWILGEHGDSSVPVWSGMNVAGVSLKTLHPELGTDADKEQWKQVHKQVVDSAYEV
IKLKGYTSWAIGLSVADLAESIMKNLRRVHPISTMIKGLYGIKEDVFLSVPCVLGQNGISDVVKVTLTSEEEAHLKKSAD
TLWGIQKELQF
;
_entity_poly.pdbx_strand_id   A,B,C,D
#
# COMPACT_ATOMS: atom_id res chain seq x y z
N ALA A 1 17.61 21.90 31.91
CA ALA A 1 17.64 20.47 31.49
C ALA A 1 17.97 20.34 30.01
N ALA A 2 18.10 19.09 29.55
CA ALA A 2 18.27 18.84 28.13
C ALA A 2 17.03 19.27 27.35
N LEU A 3 17.24 19.63 26.09
CA LEU A 3 16.14 20.00 25.21
C LEU A 3 15.06 18.94 25.21
N LYS A 4 15.45 17.66 25.06
CA LYS A 4 14.47 16.59 24.95
C LYS A 4 13.58 16.53 26.19
N ASP A 5 14.16 16.73 27.36
CA ASP A 5 13.38 16.67 28.59
C ASP A 5 12.54 17.92 28.78
N GLN A 6 12.97 19.07 28.24
CA GLN A 6 12.13 20.26 28.21
C GLN A 6 10.93 20.06 27.30
N LEU A 7 11.11 19.31 26.23
CA LEU A 7 10.08 19.14 25.19
C LEU A 7 9.14 18.00 25.53
N ILE A 8 9.66 16.93 26.13
CA ILE A 8 8.93 15.69 26.27
C ILE A 8 9.00 15.22 27.71
N HIS A 9 7.85 14.95 28.30
CA HIS A 9 7.74 14.31 29.59
C HIS A 9 7.62 12.81 29.36
N ASN A 10 8.60 12.06 29.82
CA ASN A 10 8.54 10.62 29.76
C ASN A 10 7.55 10.11 30.79
N LEU A 11 6.59 9.32 30.34
CA LEU A 11 5.59 8.75 31.23
C LEU A 11 5.81 7.28 31.47
N LEU A 12 6.74 6.67 30.73
CA LEU A 12 6.80 5.21 30.68
C LEU A 12 8.20 4.76 30.29
N LYS A 13 8.71 3.78 31.03
CA LYS A 13 10.05 3.26 30.78
C LYS A 13 9.98 2.22 29.68
N VAL A 17 10.74 -4.56 22.93
CA VAL A 17 10.57 -5.90 22.35
C VAL A 17 9.79 -5.90 21.03
N PRO A 18 10.48 -6.05 19.90
CA PRO A 18 9.79 -5.89 18.61
C PRO A 18 8.86 -7.06 18.35
N GLN A 19 7.75 -6.75 17.68
CA GLN A 19 6.69 -7.72 17.51
C GLN A 19 6.63 -8.32 16.13
N ASN A 20 7.26 -7.68 15.15
CA ASN A 20 7.18 -8.11 13.76
C ASN A 20 8.54 -7.90 13.09
N LYS A 21 9.57 -8.43 13.71
CA LYS A 21 10.93 -8.15 13.25
C LYS A 21 11.39 -9.13 12.18
N ILE A 22 12.17 -8.61 11.22
CA ILE A 22 12.75 -9.40 10.14
C ILE A 22 14.24 -9.11 10.06
N THR A 23 15.04 -10.15 9.82
CA THR A 23 16.48 -10.00 9.64
C THR A 23 16.82 -10.46 8.23
N VAL A 24 17.71 -9.73 7.58
CA VAL A 24 18.39 -10.17 6.36
C VAL A 24 19.87 -10.41 6.65
N VAL A 25 20.36 -11.63 6.35
CA VAL A 25 21.77 -11.98 6.50
C VAL A 25 22.39 -11.97 5.12
N GLY A 26 23.38 -11.10 4.94
CA GLY A 26 24.00 -10.89 3.65
C GLY A 26 23.45 -9.67 2.95
N VAL A 27 24.22 -8.57 2.92
CA VAL A 27 23.71 -7.31 2.37
C VAL A 27 24.32 -7.08 1.01
N GLY A 28 24.37 -8.13 0.20
CA GLY A 28 24.74 -8.01 -1.18
C GLY A 28 23.58 -7.60 -2.07
N ALA A 29 23.73 -7.97 -3.35
CA ALA A 29 22.74 -7.58 -4.35
C ALA A 29 21.37 -8.16 -4.01
N VAL A 30 21.33 -9.44 -3.62
CA VAL A 30 20.06 -10.10 -3.29
C VAL A 30 19.53 -9.58 -1.95
N GLY A 31 20.41 -9.54 -0.94
CA GLY A 31 19.96 -9.17 0.38
C GLY A 31 19.37 -7.78 0.44
N MET A 32 19.98 -6.81 -0.26
CA MET A 32 19.46 -5.44 -0.20
C MET A 32 18.18 -5.27 -1.04
N ALA A 33 18.00 -6.06 -2.11
CA ALA A 33 16.72 -6.06 -2.82
C ALA A 33 15.62 -6.60 -1.93
N CYS A 34 15.93 -7.67 -1.19
CA CYS A 34 14.98 -8.19 -0.23
C CYS A 34 14.63 -7.12 0.80
N ALA A 35 15.65 -6.45 1.34
CA ALA A 35 15.43 -5.42 2.36
C ALA A 35 14.55 -4.29 1.84
N ILE A 36 14.86 -3.74 0.66
CA ILE A 36 14.08 -2.58 0.22
C ILE A 36 12.66 -3.00 -0.09
N SER A 37 12.47 -4.21 -0.64
CA SER A 37 11.12 -4.66 -0.95
C SER A 37 10.31 -4.91 0.31
N ILE A 38 10.94 -5.48 1.33
CA ILE A 38 10.26 -5.72 2.57
C ILE A 38 9.92 -4.39 3.25
N LEU A 39 10.83 -3.41 3.19
CA LEU A 39 10.54 -2.09 3.80
C LEU A 39 9.37 -1.39 3.10
N MET A 40 9.33 -1.47 1.77
CA MET A 40 8.27 -0.76 1.07
C MET A 40 6.92 -1.46 1.16
N LYS A 41 6.88 -2.68 1.69
CA LYS A 41 5.61 -3.37 1.88
C LYS A 41 5.11 -3.32 3.31
N ASP A 42 5.83 -2.63 4.19
CA ASP A 42 5.40 -2.40 5.56
C ASP A 42 5.18 -3.71 6.32
N LEU A 43 6.06 -4.67 6.16
CA LEU A 43 5.84 -5.97 6.78
C LEU A 43 6.46 -6.08 8.16
N ALA A 44 7.41 -5.20 8.49
CA ALA A 44 8.22 -5.33 9.70
C ALA A 44 8.16 -4.06 10.55
N ASP A 45 8.21 -4.23 11.86
CA ASP A 45 8.40 -3.08 12.75
C ASP A 45 9.86 -2.88 13.09
N GLU A 46 10.73 -3.75 12.62
CA GLU A 46 12.15 -3.61 12.85
C GLU A 46 12.84 -4.44 11.79
N LEU A 47 13.92 -3.93 11.23
CA LEU A 47 14.70 -4.65 10.25
C LEU A 47 16.14 -4.69 10.71
N ALA A 48 16.70 -5.90 10.79
CA ALA A 48 18.10 -6.08 11.14
C ALA A 48 18.90 -6.61 9.95
N LEU A 49 20.13 -6.12 9.81
CA LEU A 49 21.02 -6.53 8.72
C LEU A 49 22.31 -7.05 9.33
N VAL A 50 22.82 -8.16 8.78
CA VAL A 50 24.09 -8.75 9.20
C VAL A 50 24.94 -9.07 7.97
N ASP A 51 26.23 -8.83 8.09
CA ASP A 51 27.19 -9.22 7.09
C ASP A 51 28.54 -9.33 7.80
N VAL A 52 29.52 -9.88 7.09
CA VAL A 52 30.89 -9.89 7.60
C VAL A 52 31.67 -8.67 7.11
N MET A 53 31.22 -8.01 6.06
CA MET A 53 31.88 -6.82 5.57
C MET A 53 31.34 -5.62 6.37
N GLU A 54 32.10 -5.15 7.37
CA GLU A 54 31.53 -4.22 8.34
C GLU A 54 31.30 -2.83 7.75
N ASP A 55 32.19 -2.37 6.88
CA ASP A 55 32.00 -1.06 6.28
C ASP A 55 30.75 -1.05 5.41
N LYS A 56 30.72 -1.91 4.40
CA LYS A 56 29.54 -2.11 3.56
C LYS A 56 28.24 -2.18 4.37
N LEU A 57 28.26 -2.95 5.48
CA LEU A 57 27.07 -3.15 6.31
C LEU A 57 26.60 -1.83 6.92
N LYS A 58 27.54 -1.08 7.50
CA LYS A 58 27.17 0.18 8.09
C LYS A 58 26.64 1.14 7.02
N GLY A 59 27.27 1.13 5.85
CA GLY A 59 26.87 2.01 4.76
C GLY A 59 25.45 1.72 4.28
N GLU A 60 25.15 0.44 4.07
CA GLU A 60 23.80 0.05 3.68
C GLU A 60 22.78 0.44 4.76
N MET A 61 23.06 0.08 6.02
CA MET A 61 22.14 0.45 7.09
C MET A 61 21.84 1.95 7.07
N MET A 62 22.89 2.77 7.01
CA MET A 62 22.74 4.22 7.06
C MET A 62 21.91 4.72 5.88
N ASP A 63 22.15 4.16 4.68
CA ASP A 63 21.42 4.58 3.49
C ASP A 63 19.93 4.33 3.68
N LEU A 64 19.58 3.17 4.25
CA LEU A 64 18.17 2.86 4.51
C LEU A 64 17.62 3.79 5.58
N GLN A 65 18.38 3.98 6.66
CA GLN A 65 17.93 4.87 7.74
C GLN A 65 17.63 6.26 7.21
N HIS A 66 18.45 6.75 6.30
CA HIS A 66 18.22 8.10 5.79
C HIS A 66 16.87 8.22 5.10
N GLY A 67 16.30 7.12 4.64
CA GLY A 67 14.98 7.09 4.08
C GLY A 67 13.86 6.81 5.05
N SER A 68 14.12 6.88 6.37
CA SER A 68 13.10 6.53 7.35
C SER A 68 11.85 7.36 7.19
N LEU A 69 12.00 8.66 6.89
CA LEU A 69 10.86 9.55 6.73
C LEU A 69 9.82 8.98 5.75
N PHE A 70 10.28 8.24 4.75
CA PHE A 70 9.41 7.74 3.68
C PHE A 70 8.92 6.33 3.92
N LEU A 71 9.25 5.73 5.05
CA LEU A 71 8.88 4.36 5.39
C LEU A 71 8.04 4.36 6.65
N ARG A 72 7.59 3.15 6.99
CA ARG A 72 6.78 2.87 8.17
C ARG A 72 7.36 1.72 8.98
N THR A 73 8.66 1.54 8.87
CA THR A 73 9.42 0.59 9.69
C THR A 73 10.32 1.43 10.59
N PRO A 74 10.03 1.56 11.89
CA PRO A 74 10.65 2.63 12.68
C PRO A 74 12.07 2.36 13.16
N LYS A 75 12.59 1.12 13.06
CA LYS A 75 13.92 0.81 13.57
C LYS A 75 14.62 -0.08 12.56
N ILE A 76 15.79 0.36 12.15
CA ILE A 76 16.66 -0.40 11.25
C ILE A 76 18.00 -0.50 11.95
N VAL A 77 18.56 -1.71 12.04
CA VAL A 77 19.75 -1.98 12.84
C VAL A 77 20.68 -2.89 12.05
N SER A 78 21.96 -2.87 12.42
CA SER A 78 22.93 -3.68 11.71
C SER A 78 24.15 -3.97 12.58
N GLY A 79 24.80 -5.06 12.25
CA GLY A 79 26.04 -5.38 12.92
C GLY A 79 26.55 -6.74 12.53
N LYS A 80 27.86 -6.94 12.62
CA LYS A 80 28.41 -8.26 12.41
C LYS A 80 28.07 -9.18 13.56
N ASP A 81 27.73 -8.62 14.72
CA ASP A 81 27.30 -9.42 15.85
C ASP A 81 25.80 -9.69 15.75
N TYR A 82 25.41 -10.96 15.93
CA TYR A 82 24.02 -11.33 15.74
C TYR A 82 23.10 -10.87 16.84
N SER A 83 23.60 -10.21 17.90
CA SER A 83 22.68 -9.68 18.89
C SER A 83 21.67 -8.73 18.24
N VAL A 84 22.04 -8.03 17.16
CA VAL A 84 21.07 -7.13 16.54
C VAL A 84 19.89 -7.87 15.95
N THR A 85 20.03 -9.18 15.71
CA THR A 85 18.95 -9.94 15.09
C THR A 85 17.94 -10.50 16.09
N ALA A 86 18.11 -10.26 17.38
CA ALA A 86 17.32 -10.95 18.39
C ALA A 86 15.83 -10.72 18.21
N ASN A 87 15.04 -11.78 18.46
CA ASN A 87 13.58 -11.75 18.47
C ASN A 87 12.97 -11.57 17.08
N SER A 88 13.68 -11.99 16.03
CA SER A 88 13.14 -11.92 14.68
C SER A 88 12.06 -12.99 14.47
N LYS A 89 10.97 -12.60 13.79
CA LYS A 89 9.99 -13.58 13.32
C LYS A 89 10.49 -14.32 12.10
N LEU A 90 11.24 -13.64 11.24
CA LEU A 90 11.70 -14.20 9.98
C LEU A 90 13.15 -13.79 9.74
N VAL A 91 13.98 -14.76 9.37
CA VAL A 91 15.39 -14.52 9.07
C VAL A 91 15.63 -15.02 7.67
N ILE A 92 16.06 -14.12 6.80
CA ILE A 92 16.29 -14.42 5.39
C ILE A 92 17.80 -14.57 5.17
N ILE A 93 18.23 -15.72 4.65
CA ILE A 93 19.66 -15.96 4.39
C ILE A 93 19.95 -15.75 2.90
N THR A 94 20.75 -14.70 2.62
CA THR A 94 21.17 -14.36 1.27
C THR A 94 22.69 -14.36 1.16
N ALA A 95 23.39 -14.85 2.17
CA ALA A 95 24.83 -14.80 2.21
C ALA A 95 25.39 -15.96 1.41
N GLY A 96 26.54 -15.73 0.78
CA GLY A 96 27.23 -16.82 0.13
C GLY A 96 27.83 -16.42 -1.20
N ALA A 97 28.68 -17.31 -1.73
CA ALA A 97 29.21 -17.12 -3.06
C ALA A 97 28.09 -17.27 -4.08
N ARG A 98 28.16 -16.48 -5.14
CA ARG A 98 27.25 -16.63 -6.26
C ARG A 98 27.53 -17.94 -6.99
N GLN A 99 26.50 -18.75 -7.18
CA GLN A 99 26.66 -20.02 -7.86
C GLN A 99 25.42 -20.31 -8.66
N GLN A 100 25.57 -21.25 -9.59
CA GLN A 100 24.50 -21.68 -10.47
C GLN A 100 23.33 -22.24 -9.68
N GLU A 101 22.13 -22.03 -10.21
CA GLU A 101 20.90 -22.51 -9.57
C GLU A 101 21.04 -23.98 -9.15
N GLY A 102 21.44 -24.84 -10.07
CA GLY A 102 21.49 -26.25 -9.73
C GLY A 102 22.79 -26.75 -9.13
N GLU A 103 23.71 -25.87 -8.75
CA GLU A 103 25.11 -26.24 -8.52
C GLU A 103 25.25 -27.56 -7.77
N SER A 104 25.96 -28.50 -8.38
CA SER A 104 26.13 -29.85 -7.83
C SER A 104 27.57 -30.22 -7.52
N ARG A 105 28.56 -29.44 -7.96
CA ARG A 105 29.96 -29.81 -7.78
C ARG A 105 30.40 -29.59 -6.34
N LEU A 106 30.94 -30.65 -5.72
CA LEU A 106 31.03 -30.71 -4.27
C LEU A 106 31.92 -29.60 -3.71
N ASN A 107 33.08 -29.38 -4.33
CA ASN A 107 33.95 -28.31 -3.85
C ASN A 107 33.21 -26.98 -3.74
N LEU A 108 32.40 -26.64 -4.74
CA LEU A 108 31.76 -25.34 -4.77
C LEU A 108 30.64 -25.26 -3.74
N VAL A 109 29.79 -26.30 -3.70
CA VAL A 109 28.77 -26.42 -2.66
C VAL A 109 29.38 -26.20 -1.27
N GLN A 110 30.48 -26.88 -0.99
CA GLN A 110 31.03 -26.92 0.36
C GLN A 110 31.45 -25.54 0.84
N ARG A 111 31.85 -24.66 -0.09
CA ARG A 111 32.17 -23.28 0.26
C ARG A 111 30.97 -22.58 0.91
N ASN A 112 29.78 -22.73 0.34
CA ASN A 112 28.64 -22.05 0.96
C ASN A 112 28.14 -22.81 2.18
N VAL A 113 28.34 -24.14 2.22
CA VAL A 113 28.08 -24.87 3.47
C VAL A 113 28.91 -24.27 4.61
N ASN A 114 30.19 -23.99 4.35
CA ASN A 114 31.05 -23.46 5.39
C ASN A 114 30.54 -22.12 5.90
N ILE A 115 30.10 -21.26 4.99
CA ILE A 115 29.49 -19.98 5.39
C ILE A 115 28.28 -20.22 6.28
N PHE A 116 27.42 -21.18 5.91
CA PHE A 116 26.22 -21.45 6.71
C PHE A 116 26.56 -22.04 8.07
N LYS A 117 27.68 -22.75 8.19
CA LYS A 117 28.12 -23.22 9.51
C LYS A 117 28.39 -22.05 10.46
N PHE A 118 28.86 -20.92 9.93
CA PHE A 118 29.10 -19.79 10.81
C PHE A 118 27.82 -18.99 11.07
N ILE A 119 26.97 -18.88 10.06
CA ILE A 119 25.78 -18.04 10.15
C ILE A 119 24.72 -18.69 11.02
N ILE A 120 24.33 -19.92 10.70
CA ILE A 120 23.06 -20.43 11.18
C ILE A 120 23.01 -20.57 12.70
N PRO A 121 24.03 -21.11 13.37
CA PRO A 121 23.97 -21.19 14.84
C PRO A 121 23.79 -19.83 15.51
N ASN A 122 24.39 -18.78 14.93
CA ASN A 122 24.23 -17.45 15.50
C ASN A 122 22.83 -16.92 15.29
N VAL A 123 22.20 -17.29 14.16
CA VAL A 123 20.80 -16.94 13.93
C VAL A 123 19.93 -17.61 14.97
N VAL A 124 20.12 -18.91 15.18
CA VAL A 124 19.32 -19.66 16.16
C VAL A 124 19.51 -19.12 17.57
N LYS A 125 20.75 -18.72 17.91
CA LYS A 125 21.05 -18.21 19.25
C LYS A 125 20.09 -17.11 19.66
N TYR A 126 19.78 -16.21 18.75
CA TYR A 126 19.08 -15.01 19.09
C TYR A 126 17.63 -14.94 18.63
N SER A 127 17.22 -15.79 17.68
CA SER A 127 15.82 -15.91 17.26
C SER A 127 15.47 -17.39 17.16
N PRO A 128 15.39 -18.09 18.30
CA PRO A 128 15.14 -19.55 18.26
C PRO A 128 13.78 -19.93 17.73
N HIS A 129 12.78 -19.03 17.78
CA HIS A 129 11.48 -19.36 17.23
C HIS A 129 11.27 -18.84 15.81
N CYS A 130 12.30 -18.33 15.14
CA CYS A 130 12.03 -17.70 13.85
C CYS A 130 11.69 -18.73 12.77
N LYS A 131 11.11 -18.23 11.68
CA LYS A 131 11.10 -18.95 10.41
C LYS A 131 12.34 -18.58 9.62
N LEU A 132 12.92 -19.56 8.96
CA LEU A 132 14.20 -19.42 8.28
C LEU A 132 13.93 -19.52 6.80
N LEU A 133 14.35 -18.50 6.03
CA LEU A 133 14.09 -18.47 4.59
C LEU A 133 15.43 -18.43 3.86
N VAL A 134 15.72 -19.48 3.09
CA VAL A 134 17.03 -19.63 2.45
C VAL A 134 16.92 -19.26 0.97
N VAL A 135 17.75 -18.32 0.56
CA VAL A 135 17.83 -17.89 -0.83
C VAL A 135 19.14 -18.29 -1.50
N SER A 136 20.23 -18.42 -0.76
CA SER A 136 21.54 -18.63 -1.38
C SER A 136 21.55 -19.92 -2.20
N ASN A 137 22.38 -19.94 -3.25
CA ASN A 137 22.49 -21.11 -4.13
C ASN A 137 23.68 -22.00 -3.70
N PRO A 138 23.58 -23.33 -3.88
CA PRO A 138 22.41 -24.07 -4.40
C PRO A 138 21.30 -24.21 -3.37
N VAL A 139 20.10 -23.76 -3.73
CA VAL A 139 19.14 -23.42 -2.68
C VAL A 139 18.56 -24.68 -2.04
N ASP A 140 18.32 -25.76 -2.80
CA ASP A 140 17.70 -26.92 -2.17
C ASP A 140 18.63 -27.60 -1.18
N ILE A 141 19.92 -27.74 -1.55
CA ILE A 141 20.93 -28.28 -0.65
C ILE A 141 21.17 -27.36 0.54
N LEU A 142 21.23 -26.05 0.30
CA LEU A 142 21.55 -25.17 1.43
C LEU A 142 20.38 -25.00 2.38
N THR A 143 19.16 -25.18 1.88
CA THR A 143 18.05 -25.23 2.82
C THR A 143 18.14 -26.47 3.71
N TYR A 144 18.50 -27.63 3.14
CA TYR A 144 18.74 -28.82 3.97
C TYR A 144 19.83 -28.56 5.00
N VAL A 145 20.94 -27.97 4.57
CA VAL A 145 22.03 -27.66 5.51
C VAL A 145 21.53 -26.75 6.62
N ALA A 146 20.82 -25.68 6.25
CA ALA A 146 20.28 -24.77 7.27
C ALA A 146 19.40 -25.51 8.26
N TRP A 147 18.55 -26.42 7.76
CA TRP A 147 17.70 -27.23 8.63
C TRP A 147 18.52 -28.10 9.57
N LYS A 148 19.55 -28.80 9.03
CA LYS A 148 20.35 -29.69 9.88
C LYS A 148 21.15 -28.91 10.93
N ILE A 149 21.70 -27.75 10.56
CA ILE A 149 22.51 -27.00 11.52
C ILE A 149 21.61 -26.31 12.54
N SER A 150 20.45 -25.82 12.11
CA SER A 150 19.59 -25.05 13.00
C SER A 150 18.95 -25.90 14.08
N GLY A 151 18.62 -27.15 13.77
CA GLY A 151 17.78 -27.97 14.62
C GLY A 151 16.31 -27.61 14.58
N PHE A 152 15.90 -26.69 13.72
CA PHE A 152 14.48 -26.30 13.67
C PHE A 152 13.61 -27.44 13.19
N PRO A 153 12.34 -27.45 13.58
CA PRO A 153 11.39 -28.36 12.92
C PRO A 153 11.24 -27.97 11.45
N LYS A 154 10.86 -28.94 10.62
CA LYS A 154 10.84 -28.70 9.17
C LYS A 154 9.86 -27.61 8.75
N ASN A 155 8.77 -27.41 9.50
CA ASN A 155 7.81 -26.37 9.12
C ASN A 155 8.43 -24.98 9.12
N ARG A 156 9.53 -24.78 9.85
CA ARG A 156 10.13 -23.47 10.00
C ARG A 156 11.38 -23.25 9.15
N VAL A 157 11.68 -24.13 8.21
CA VAL A 157 12.81 -23.91 7.31
C VAL A 157 12.28 -23.98 5.89
N ILE A 158 12.48 -22.91 5.14
CA ILE A 158 11.83 -22.70 3.86
C ILE A 158 12.89 -22.34 2.85
N GLY A 159 12.92 -23.05 1.73
CA GLY A 159 13.76 -22.66 0.61
C GLY A 159 12.97 -21.86 -0.41
N SER A 160 13.58 -20.80 -0.95
CA SER A 160 12.87 -20.01 -1.97
C SER A 160 12.56 -20.88 -3.18
N GLY A 161 13.42 -21.85 -3.47
CA GLY A 161 13.03 -22.92 -4.37
C GLY A 161 12.66 -22.40 -5.75
N CYS A 162 11.54 -22.90 -6.27
CA CYS A 162 11.03 -22.53 -7.58
C CYS A 162 9.99 -21.40 -7.51
N ASN A 163 9.99 -20.61 -6.44
CA ASN A 163 8.99 -19.56 -6.33
C ASN A 163 9.19 -18.51 -7.42
N LEU A 164 10.44 -18.04 -7.62
CA LEU A 164 10.72 -17.08 -8.70
C LEU A 164 10.58 -17.73 -10.07
N ASP A 165 11.01 -18.98 -10.22
CA ASP A 165 10.83 -19.67 -11.50
C ASP A 165 9.38 -19.62 -11.95
N SER A 166 8.47 -19.90 -11.03
CA SER A 166 7.07 -19.92 -11.41
C SER A 166 6.57 -18.52 -11.74
N ALA A 167 7.06 -17.49 -11.03
CA ALA A 167 6.69 -16.12 -11.37
C ALA A 167 7.22 -15.76 -12.76
N ARG A 168 8.42 -16.23 -13.11
CA ARG A 168 8.96 -15.89 -14.42
C ARG A 168 8.15 -16.57 -15.49
N PHE A 169 7.81 -17.83 -15.25
CA PHE A 169 6.99 -18.61 -16.17
C PHE A 169 5.65 -17.93 -16.41
N ARG A 170 5.03 -17.41 -15.34
CA ARG A 170 3.75 -16.69 -15.51
C ARG A 170 3.95 -15.38 -16.26
N TYR A 171 5.09 -14.69 -16.06
CA TYR A 171 5.38 -13.52 -16.88
C TYR A 171 5.44 -13.89 -18.35
N LEU A 172 6.19 -14.94 -18.67
CA LEU A 172 6.37 -15.32 -20.07
C LEU A 172 5.06 -15.79 -20.68
N MET A 173 4.29 -16.57 -19.92
CA MET A 173 2.97 -16.98 -20.39
C MET A 173 2.11 -15.77 -20.73
N GLY A 174 2.10 -14.76 -19.86
CA GLY A 174 1.29 -13.58 -20.08
C GLY A 174 1.74 -12.79 -21.28
N GLU A 175 3.05 -12.75 -21.54
CA GLU A 175 3.51 -12.03 -22.71
C GLU A 175 3.04 -12.72 -23.98
N ARG A 176 2.96 -14.04 -23.97
CA ARG A 176 2.52 -14.77 -25.16
C ARG A 176 1.01 -14.70 -25.33
N LEU A 177 0.27 -14.51 -24.24
CA LEU A 177 -1.18 -14.61 -24.28
C LEU A 177 -1.87 -13.26 -24.16
N GLY A 178 -1.13 -12.20 -23.90
CA GLY A 178 -1.69 -10.87 -23.79
C GLY A 178 -2.48 -10.60 -22.53
N VAL A 179 -2.21 -11.32 -21.43
CA VAL A 179 -2.81 -11.00 -20.14
C VAL A 179 -1.69 -10.81 -19.10
N HIS A 180 -2.08 -10.21 -17.97
CA HIS A 180 -1.18 -10.01 -16.84
C HIS A 180 -0.76 -11.35 -16.25
N ALA A 181 0.47 -11.37 -15.73
CA ALA A 181 0.97 -12.57 -15.04
C ALA A 181 0.05 -13.05 -13.93
N LEU A 182 -0.62 -12.11 -13.26
CA LEU A 182 -1.54 -12.46 -12.19
C LEU A 182 -2.64 -13.40 -12.67
N SER A 183 -3.05 -13.27 -13.93
CA SER A 183 -4.16 -14.06 -14.48
C SER A 183 -3.70 -15.30 -15.22
N CYS A 184 -2.41 -15.50 -15.32
CA CYS A 184 -1.83 -16.75 -15.79
C CYS A 184 -1.40 -17.56 -14.59
N HIS A 185 -1.68 -18.85 -14.64
CA HIS A 185 -1.37 -19.75 -13.56
C HIS A 185 -0.53 -20.88 -14.11
N GLY A 186 0.52 -21.23 -13.38
CA GLY A 186 1.41 -22.32 -13.78
C GLY A 186 2.45 -22.60 -12.71
N TRP A 187 2.91 -23.84 -12.65
CA TRP A 187 3.67 -24.35 -11.52
C TRP A 187 4.94 -25.03 -12.01
N ILE A 188 6.07 -24.55 -11.52
CA ILE A 188 7.37 -25.20 -11.70
C ILE A 188 7.74 -25.77 -10.34
N LEU A 189 7.98 -27.05 -10.31
CA LEU A 189 8.22 -27.79 -9.06
C LEU A 189 9.55 -28.52 -9.11
N GLY A 190 9.87 -29.18 -7.99
CA GLY A 190 11.01 -30.06 -7.88
C GLY A 190 12.30 -29.35 -7.51
N GLU A 191 13.38 -29.79 -8.13
CA GLU A 191 14.70 -29.28 -7.81
C GLU A 191 14.98 -27.99 -8.58
N HIS A 192 15.30 -26.90 -7.86
CA HIS A 192 15.57 -25.62 -8.50
C HIS A 192 16.70 -25.80 -9.51
N GLY A 193 16.51 -25.26 -10.71
CA GLY A 193 17.50 -25.36 -11.79
C GLY A 193 17.07 -26.18 -12.99
N ASP A 194 18.06 -26.66 -13.75
CA ASP A 194 17.79 -27.40 -14.97
C ASP A 194 16.86 -28.57 -14.77
N SER A 195 16.80 -29.13 -13.57
CA SER A 195 16.03 -30.34 -13.34
C SER A 195 14.62 -30.06 -12.84
N SER A 196 14.20 -28.80 -12.80
CA SER A 196 12.85 -28.51 -12.35
C SER A 196 11.81 -29.08 -13.32
N VAL A 197 10.58 -29.19 -12.83
CA VAL A 197 9.50 -29.92 -13.50
C VAL A 197 8.38 -28.93 -13.81
N PRO A 198 8.20 -28.53 -15.06
CA PRO A 198 7.06 -27.67 -15.40
C PRO A 198 5.79 -28.52 -15.49
N VAL A 199 4.79 -28.21 -14.65
CA VAL A 199 3.60 -29.05 -14.59
C VAL A 199 2.64 -28.55 -15.65
N TRP A 200 2.79 -29.09 -16.86
CA TRP A 200 1.99 -28.64 -17.99
C TRP A 200 0.49 -28.77 -17.70
N SER A 201 0.10 -29.74 -16.88
CA SER A 201 -1.31 -30.06 -16.70
C SER A 201 -2.05 -28.96 -15.97
N GLY A 202 -1.36 -28.18 -15.16
CA GLY A 202 -1.97 -27.16 -14.31
C GLY A 202 -1.93 -25.76 -14.87
N MET A 203 -1.33 -25.57 -16.02
CA MET A 203 -1.21 -24.25 -16.62
C MET A 203 -2.57 -23.82 -17.19
N ASN A 204 -3.02 -22.62 -16.86
CA ASN A 204 -4.39 -22.27 -17.16
C ASN A 204 -4.59 -20.77 -17.03
N VAL A 205 -5.63 -20.29 -17.70
CA VAL A 205 -6.15 -18.94 -17.54
C VAL A 205 -7.64 -19.09 -17.27
N ALA A 206 -8.11 -18.47 -16.20
CA ALA A 206 -9.55 -18.50 -15.90
C ALA A 206 -10.05 -19.93 -15.77
N GLY A 207 -9.20 -20.80 -15.27
CA GLY A 207 -9.55 -22.19 -15.12
C GLY A 207 -9.60 -22.97 -16.41
N VAL A 208 -9.15 -22.38 -17.52
CA VAL A 208 -9.11 -23.06 -18.81
C VAL A 208 -7.72 -23.67 -19.00
N SER A 209 -7.67 -25.00 -19.05
CA SER A 209 -6.42 -25.73 -19.19
C SER A 209 -5.84 -25.55 -20.59
N LEU A 210 -4.67 -24.92 -20.68
CA LEU A 210 -3.97 -24.75 -21.95
C LEU A 210 -3.64 -26.09 -22.59
N LYS A 211 -3.42 -27.13 -21.78
CA LYS A 211 -3.07 -28.45 -22.28
C LYS A 211 -4.27 -29.13 -22.91
N THR A 212 -5.47 -28.80 -22.43
CA THR A 212 -6.67 -29.33 -23.08
C THR A 212 -6.88 -28.63 -24.43
N LEU A 213 -6.71 -27.30 -24.48
CA LEU A 213 -6.83 -26.56 -25.75
C LEU A 213 -5.69 -26.86 -26.72
N HIS A 214 -4.56 -27.35 -26.21
CA HIS A 214 -3.31 -27.44 -26.97
C HIS A 214 -2.60 -28.69 -26.48
N PRO A 215 -3.08 -29.86 -26.90
CA PRO A 215 -2.59 -31.11 -26.31
C PRO A 215 -1.12 -31.35 -26.55
N GLU A 216 -0.52 -30.69 -27.54
CA GLU A 216 0.93 -30.85 -27.75
C GLU A 216 1.75 -30.01 -26.78
N LEU A 217 1.11 -29.17 -25.97
CA LEU A 217 1.78 -28.38 -24.95
C LEU A 217 2.77 -29.22 -24.16
N GLY A 218 4.03 -28.81 -24.17
CA GLY A 218 5.03 -29.48 -23.39
C GLY A 218 5.71 -30.64 -24.09
N THR A 219 5.56 -30.77 -25.40
CA THR A 219 6.24 -31.81 -26.17
C THR A 219 7.09 -31.20 -27.26
N ASP A 220 8.03 -32.00 -27.78
CA ASP A 220 8.90 -31.55 -28.85
C ASP A 220 8.11 -31.23 -30.12
N ALA A 221 7.04 -31.99 -30.39
CA ALA A 221 6.23 -31.79 -31.59
C ALA A 221 5.40 -30.51 -31.55
N ASP A 222 5.18 -29.93 -30.38
CA ASP A 222 4.43 -28.69 -30.29
C ASP A 222 5.04 -27.63 -31.19
N LYS A 223 4.27 -27.21 -32.19
CA LYS A 223 4.77 -26.19 -33.12
C LYS A 223 4.95 -24.81 -32.48
N GLU A 224 4.28 -24.51 -31.34
CA GLU A 224 4.51 -23.25 -30.64
C GLU A 224 5.69 -23.32 -29.69
N GLN A 225 6.24 -24.52 -29.49
CA GLN A 225 7.47 -24.72 -28.74
C GLN A 225 7.33 -24.24 -27.30
N TRP A 226 6.18 -24.53 -26.68
CA TRP A 226 5.97 -24.14 -25.30
C TRP A 226 7.00 -24.79 -24.39
N LYS A 227 7.54 -25.93 -24.77
CA LYS A 227 8.57 -26.52 -23.92
C LYS A 227 9.77 -25.59 -23.80
N GLN A 228 9.98 -24.70 -24.76
CA GLN A 228 11.10 -23.77 -24.69
C GLN A 228 10.84 -22.66 -23.68
N VAL A 229 9.60 -22.49 -23.27
CA VAL A 229 9.34 -21.53 -22.22
C VAL A 229 9.96 -21.99 -20.92
N HIS A 230 9.94 -23.31 -20.68
CA HIS A 230 10.59 -23.81 -19.49
C HIS A 230 12.10 -23.62 -19.59
N LYS A 231 12.70 -24.03 -20.71
CA LYS A 231 14.13 -23.77 -20.92
C LYS A 231 14.45 -22.30 -20.66
N GLN A 232 13.57 -21.40 -21.14
CA GLN A 232 13.77 -19.96 -20.99
C GLN A 232 13.72 -19.53 -19.54
N VAL A 233 12.81 -20.10 -18.75
CA VAL A 233 12.81 -19.88 -17.30
C VAL A 233 14.12 -20.36 -16.69
N VAL A 234 14.54 -21.58 -17.03
CA VAL A 234 15.72 -22.14 -16.40
C VAL A 234 16.96 -21.31 -16.73
N ASP A 235 16.99 -20.69 -17.91
CA ASP A 235 18.15 -19.93 -18.35
C ASP A 235 18.07 -18.44 -18.07
N SER A 236 16.97 -17.94 -17.49
CA SER A 236 16.74 -16.50 -17.47
C SER A 236 17.72 -15.80 -16.53
N ALA A 237 18.00 -16.40 -15.38
CA ALA A 237 18.95 -15.80 -14.46
C ALA A 237 20.33 -15.68 -15.10
N TYR A 238 20.78 -16.74 -15.77
CA TYR A 238 22.06 -16.71 -16.45
C TYR A 238 22.09 -15.60 -17.50
N GLU A 239 21.00 -15.46 -18.28
CA GLU A 239 20.96 -14.40 -19.30
C GLU A 239 21.02 -13.02 -18.65
N VAL A 240 20.36 -12.85 -17.52
CA VAL A 240 20.40 -11.55 -16.84
C VAL A 240 21.81 -11.29 -16.29
N ILE A 241 22.41 -12.30 -15.67
CA ILE A 241 23.81 -12.18 -15.22
C ILE A 241 24.71 -11.76 -16.37
N LYS A 242 24.57 -12.44 -17.51
CA LYS A 242 25.38 -12.10 -18.67
C LYS A 242 25.23 -10.63 -19.02
N LEU A 243 24.05 -10.05 -18.78
CA LEU A 243 23.76 -8.68 -19.19
C LEU A 243 24.16 -7.64 -18.13
N LYS A 244 23.77 -7.85 -16.87
CA LYS A 244 24.04 -6.85 -15.86
C LYS A 244 24.98 -7.32 -14.75
N GLY A 245 25.37 -8.59 -14.76
CA GLY A 245 26.39 -9.10 -13.85
C GLY A 245 25.88 -9.91 -12.69
N TYR A 246 24.58 -9.88 -12.43
CA TYR A 246 23.97 -10.57 -11.30
C TYR A 246 22.45 -10.37 -11.43
N THR A 247 21.66 -10.93 -10.53
CA THR A 247 20.22 -10.68 -10.47
C THR A 247 19.85 -10.26 -9.06
N SER A 248 18.80 -9.43 -8.94
CA SER A 248 18.47 -8.87 -7.63
C SER A 248 16.99 -8.53 -7.50
N TRP A 249 16.42 -7.81 -8.47
CA TRP A 249 15.12 -7.19 -8.24
C TRP A 249 14.00 -8.23 -8.15
N ALA A 250 13.96 -9.17 -9.11
CA ALA A 250 12.89 -10.16 -9.12
C ALA A 250 12.97 -11.05 -7.88
N ILE A 251 14.18 -11.55 -7.53
CA ILE A 251 14.26 -12.42 -6.36
C ILE A 251 13.84 -11.65 -5.10
N GLY A 252 14.19 -10.36 -5.02
CA GLY A 252 13.86 -9.59 -3.83
C GLY A 252 12.35 -9.45 -3.69
N LEU A 253 11.67 -9.17 -4.80
CA LEU A 253 10.21 -9.09 -4.82
C LEU A 253 9.57 -10.42 -4.47
N SER A 254 10.10 -11.52 -5.00
CA SER A 254 9.49 -12.81 -4.72
C SER A 254 9.68 -13.21 -3.27
N VAL A 255 10.80 -12.81 -2.66
CA VAL A 255 11.03 -13.10 -1.24
C VAL A 255 10.13 -12.24 -0.36
N ALA A 256 9.89 -11.01 -0.76
CA ALA A 256 8.97 -10.15 0.00
C ALA A 256 7.55 -10.68 -0.08
N ASP A 257 7.20 -11.35 -1.18
CA ASP A 257 5.88 -11.96 -1.28
C ASP A 257 5.74 -13.13 -0.31
N LEU A 258 6.77 -13.97 -0.23
CA LEU A 258 6.77 -15.04 0.75
C LEU A 258 6.66 -14.48 2.16
N ALA A 259 7.45 -13.44 2.45
CA ALA A 259 7.45 -12.83 3.76
C ALA A 259 6.09 -12.28 4.12
N GLU A 260 5.37 -11.73 3.15
CA GLU A 260 4.02 -11.24 3.41
C GLU A 260 3.09 -12.36 3.86
N SER A 261 3.15 -13.51 3.17
CA SER A 261 2.36 -14.66 3.60
C SER A 261 2.72 -15.07 5.02
N ILE A 262 4.01 -15.06 5.34
CA ILE A 262 4.44 -15.49 6.67
C ILE A 262 3.95 -14.49 7.72
N MET A 263 4.25 -13.21 7.48
CA MET A 263 4.01 -12.20 8.49
C MET A 263 2.52 -11.93 8.71
N LYS A 264 1.69 -12.08 7.68
CA LYS A 264 0.24 -11.84 7.78
C LYS A 264 -0.55 -13.12 7.95
N ASN A 265 0.13 -14.25 8.11
CA ASN A 265 -0.49 -15.56 8.28
C ASN A 265 -1.53 -15.86 7.19
N LEU A 266 -1.13 -15.64 5.94
CA LEU A 266 -2.13 -15.63 4.88
C LEU A 266 -2.57 -17.02 4.47
N ARG A 267 -1.72 -18.02 4.59
CA ARG A 267 -2.03 -19.39 4.10
C ARG A 267 -2.36 -19.37 2.62
N ARG A 268 -1.54 -18.65 1.85
CA ARG A 268 -1.49 -18.79 0.43
C ARG A 268 -0.58 -19.97 0.07
N VAL A 269 -0.77 -20.48 -1.13
CA VAL A 269 -0.01 -21.62 -1.65
C VAL A 269 1.06 -21.09 -2.57
N HIS A 270 2.31 -21.44 -2.26
CA HIS A 270 3.46 -20.97 -3.02
C HIS A 270 4.30 -22.18 -3.43
N PRO A 271 4.97 -22.10 -4.58
CA PRO A 271 5.90 -23.19 -4.94
C PRO A 271 7.25 -22.96 -4.33
N ILE A 272 7.47 -23.54 -3.15
CA ILE A 272 8.65 -23.31 -2.35
C ILE A 272 9.15 -24.66 -1.84
N SER A 273 10.40 -24.65 -1.41
CA SER A 273 11.15 -25.87 -1.14
C SER A 273 10.97 -26.28 0.31
N THR A 274 10.48 -27.50 0.53
CA THR A 274 10.15 -28.00 1.86
C THR A 274 10.72 -29.39 2.04
N MET A 275 10.91 -29.77 3.32
CA MET A 275 11.41 -31.12 3.65
C MET A 275 10.34 -32.14 3.32
N ILE A 276 10.54 -32.87 2.23
CA ILE A 276 9.46 -33.57 1.55
C ILE A 276 9.41 -35.05 1.86
N LYS A 277 10.26 -35.54 2.76
CA LYS A 277 10.26 -36.97 3.09
C LYS A 277 8.86 -37.42 3.50
N GLY A 278 8.45 -38.57 2.97
CA GLY A 278 7.16 -39.14 3.30
C GLY A 278 6.06 -38.78 2.34
N LEU A 279 6.32 -37.86 1.42
CA LEU A 279 5.33 -37.43 0.45
C LEU A 279 5.93 -37.56 -0.94
N TYR A 280 5.04 -37.61 -1.92
CA TYR A 280 5.44 -37.72 -3.33
C TYR A 280 6.38 -38.91 -3.54
N GLY A 281 6.21 -39.96 -2.74
CA GLY A 281 7.07 -41.14 -2.88
C GLY A 281 8.52 -40.95 -2.49
N ILE A 282 8.86 -39.87 -1.79
CA ILE A 282 10.26 -39.59 -1.48
C ILE A 282 10.59 -40.12 -0.09
N LYS A 283 11.73 -40.79 0.02
CA LYS A 283 12.12 -41.49 1.24
C LYS A 283 13.34 -40.88 1.92
N GLU A 284 13.98 -39.87 1.34
CA GLU A 284 15.15 -39.22 1.92
C GLU A 284 14.86 -37.82 2.45
N ASP A 285 15.73 -37.36 3.36
CA ASP A 285 15.73 -36.00 3.93
C ASP A 285 16.26 -35.02 2.89
N VAL A 286 15.37 -34.59 2.01
CA VAL A 286 15.69 -33.62 0.97
C VAL A 286 14.60 -32.56 0.96
N PHE A 287 14.93 -31.41 0.37
CA PHE A 287 14.02 -30.30 0.16
C PHE A 287 13.76 -30.18 -1.35
N LEU A 288 12.47 -30.24 -1.73
CA LEU A 288 12.01 -30.03 -3.10
C LEU A 288 10.81 -29.08 -3.08
N SER A 289 10.63 -28.33 -4.18
CA SER A 289 9.50 -27.41 -4.25
C SER A 289 8.23 -28.16 -4.64
N VAL A 290 7.17 -27.89 -3.88
CA VAL A 290 5.82 -28.40 -4.09
C VAL A 290 4.92 -27.24 -3.69
N PRO A 291 3.63 -27.26 -4.03
CA PRO A 291 2.75 -26.18 -3.54
C PRO A 291 2.55 -26.30 -2.04
N CYS A 292 2.98 -25.27 -1.30
CA CYS A 292 3.04 -25.27 0.14
C CYS A 292 2.15 -24.15 0.68
N VAL A 293 1.39 -24.46 1.71
CA VAL A 293 0.58 -23.46 2.43
C VAL A 293 1.50 -22.78 3.44
N LEU A 294 1.65 -21.46 3.29
CA LEU A 294 2.66 -20.67 4.00
C LEU A 294 1.95 -19.65 4.88
N GLY A 295 2.27 -19.67 6.17
CA GLY A 295 1.59 -18.84 7.15
C GLY A 295 2.51 -18.52 8.31
N GLN A 296 1.94 -18.08 9.43
CA GLN A 296 2.78 -17.59 10.52
C GLN A 296 3.66 -18.67 11.12
N ASN A 297 3.33 -19.95 10.92
CA ASN A 297 4.16 -21.04 11.42
C ASN A 297 4.99 -21.68 10.32
N GLY A 298 5.10 -21.01 9.17
CA GLY A 298 5.87 -21.54 8.06
C GLY A 298 5.02 -22.46 7.20
N ILE A 299 5.57 -23.59 6.83
CA ILE A 299 4.90 -24.52 5.93
C ILE A 299 4.13 -25.53 6.76
N SER A 300 2.79 -25.45 6.74
CA SER A 300 1.95 -26.32 7.56
C SER A 300 1.32 -27.47 6.77
N ASP A 301 1.18 -27.33 5.46
CA ASP A 301 0.41 -28.24 4.62
C ASP A 301 1.00 -28.21 3.21
N VAL A 302 0.85 -29.31 2.47
CA VAL A 302 1.29 -29.32 1.07
C VAL A 302 0.15 -29.82 0.20
N VAL A 303 0.00 -29.22 -0.96
CA VAL A 303 -0.94 -29.69 -1.95
C VAL A 303 -0.34 -30.92 -2.60
N LYS A 304 -1.16 -31.94 -2.79
CA LYS A 304 -0.78 -33.19 -3.46
C LYS A 304 -1.12 -33.04 -4.93
N VAL A 305 -0.14 -32.68 -5.73
CA VAL A 305 -0.36 -32.49 -7.16
C VAL A 305 -0.47 -33.85 -7.85
N THR A 306 -1.49 -34.02 -8.71
CA THR A 306 -1.58 -35.23 -9.55
C THR A 306 -0.53 -35.16 -10.64
N LEU A 307 0.50 -35.99 -10.56
CA LEU A 307 1.59 -35.97 -11.53
C LEU A 307 1.55 -37.21 -12.42
N THR A 308 2.07 -37.06 -13.64
CA THR A 308 2.25 -38.20 -14.52
C THR A 308 3.32 -39.12 -13.95
N SER A 309 3.34 -40.36 -14.43
CA SER A 309 4.36 -41.30 -13.98
C SER A 309 5.76 -40.74 -14.21
N GLU A 310 5.94 -39.99 -15.29
CA GLU A 310 7.26 -39.47 -15.62
C GLU A 310 7.59 -38.26 -14.75
N GLU A 311 6.60 -37.40 -14.46
CA GLU A 311 6.85 -36.29 -13.56
C GLU A 311 7.24 -36.82 -12.17
N GLU A 312 6.52 -37.82 -11.70
CA GLU A 312 6.85 -38.47 -10.43
C GLU A 312 8.28 -38.98 -10.44
N ALA A 313 8.66 -39.68 -11.51
CA ALA A 313 10.01 -40.25 -11.59
C ALA A 313 11.07 -39.16 -11.49
N HIS A 314 10.81 -38.04 -12.16
CA HIS A 314 11.73 -36.91 -12.13
C HIS A 314 11.97 -36.42 -10.70
N LEU A 315 10.88 -36.28 -9.93
CA LEU A 315 11.02 -35.83 -8.54
C LEU A 315 11.79 -36.85 -7.71
N LYS A 316 11.52 -38.13 -7.94
CA LYS A 316 12.23 -39.15 -7.19
C LYS A 316 13.72 -39.11 -7.52
N LYS A 317 14.07 -38.86 -8.77
CA LYS A 317 15.48 -38.83 -9.14
C LYS A 317 16.16 -37.59 -8.57
N SER A 318 15.46 -36.45 -8.57
CA SER A 318 15.97 -35.28 -7.86
C SER A 318 16.28 -35.61 -6.40
N ALA A 319 15.36 -36.27 -5.71
CA ALA A 319 15.63 -36.66 -4.32
C ALA A 319 16.92 -37.48 -4.22
N ASP A 320 17.07 -38.50 -5.08
CA ASP A 320 18.24 -39.37 -4.99
C ASP A 320 19.53 -38.61 -5.21
N THR A 321 19.55 -37.68 -6.19
CA THR A 321 20.79 -36.98 -6.46
C THR A 321 21.07 -35.90 -5.43
N LEU A 322 20.04 -35.24 -4.87
CA LEU A 322 20.28 -34.34 -3.75
C LEU A 322 20.81 -35.10 -2.54
N TRP A 323 20.20 -36.24 -2.23
CA TRP A 323 20.68 -37.03 -1.10
C TRP A 323 22.11 -37.49 -1.34
N GLY A 324 22.45 -37.79 -2.59
CA GLY A 324 23.81 -38.22 -2.89
C GLY A 324 24.83 -37.13 -2.55
N ILE A 325 24.57 -35.91 -3.00
CA ILE A 325 25.41 -34.75 -2.66
C ILE A 325 25.47 -34.56 -1.16
N GLN A 326 24.30 -34.57 -0.52
CA GLN A 326 24.22 -34.22 0.90
C GLN A 326 25.06 -35.15 1.74
N LYS A 327 25.18 -36.41 1.32
CA LYS A 327 25.96 -37.38 2.06
C LYS A 327 27.43 -37.02 2.11
N GLU A 328 27.89 -36.20 1.17
CA GLU A 328 29.30 -35.88 1.03
C GLU A 328 29.65 -34.55 1.67
N LEU A 329 28.66 -33.83 2.17
CA LEU A 329 28.93 -32.53 2.76
C LEU A 329 29.46 -32.69 4.17
N GLN A 330 30.28 -31.74 4.57
CA GLN A 330 30.84 -31.77 5.91
C GLN A 330 30.33 -30.55 6.67
N PHE A 331 29.76 -30.79 7.83
CA PHE A 331 29.33 -29.72 8.70
C PHE A 331 28.92 -30.32 10.03
N ALA B 2 -12.85 -37.18 1.29
CA ALA B 2 -13.03 -35.74 1.49
C ALA B 2 -12.06 -34.99 0.61
N LEU B 3 -12.58 -34.00 -0.10
CA LEU B 3 -11.76 -33.24 -1.02
C LEU B 3 -10.55 -32.64 -0.32
N LYS B 4 -10.77 -32.08 0.88
CA LYS B 4 -9.67 -31.43 1.57
C LYS B 4 -8.49 -32.38 1.72
N ASP B 5 -8.76 -33.64 2.09
CA ASP B 5 -7.69 -34.60 2.35
C ASP B 5 -7.14 -35.20 1.08
N GLN B 6 -7.96 -35.29 0.03
CA GLN B 6 -7.45 -35.69 -1.28
C GLN B 6 -6.48 -34.66 -1.82
N LEU B 7 -6.67 -33.40 -1.46
CA LEU B 7 -5.93 -32.29 -2.05
C LEU B 7 -4.73 -31.88 -1.22
N ILE B 8 -4.84 -31.99 0.10
CA ILE B 8 -3.90 -31.35 1.02
C ILE B 8 -3.45 -32.36 2.05
N HIS B 9 -2.13 -32.47 2.22
CA HIS B 9 -1.54 -33.30 3.26
C HIS B 9 -1.07 -32.40 4.38
N ASN B 10 -1.68 -32.57 5.53
CA ASN B 10 -1.35 -31.74 6.68
C ASN B 10 -0.06 -32.24 7.33
N LEU B 11 0.86 -31.31 7.60
CA LEU B 11 2.18 -31.65 8.11
C LEU B 11 2.41 -31.07 9.48
N LEU B 12 1.45 -30.30 10.00
CA LEU B 12 1.65 -29.54 11.22
C LEU B 12 0.32 -29.33 11.90
N LYS B 13 0.24 -29.63 13.19
CA LYS B 13 -0.92 -29.34 14.01
C LYS B 13 -0.75 -27.91 14.56
N GLU B 14 -1.65 -27.02 14.18
CA GLU B 14 -1.52 -25.61 14.50
C GLU B 14 -2.57 -25.19 15.53
N GLU B 15 -2.14 -24.44 16.53
CA GLU B 15 -3.04 -23.74 17.44
C GLU B 15 -3.24 -22.34 16.91
N HIS B 16 -4.47 -21.87 16.89
CA HIS B 16 -4.68 -20.48 16.51
C HIS B 16 -4.20 -19.58 17.64
N VAL B 17 -3.08 -18.89 17.42
CA VAL B 17 -2.62 -17.82 18.29
C VAL B 17 -2.44 -16.56 17.46
N PRO B 18 -3.42 -15.67 17.41
CA PRO B 18 -3.29 -14.47 16.59
C PRO B 18 -2.15 -13.60 17.10
N GLN B 19 -1.41 -13.01 16.18
CA GLN B 19 -0.21 -12.26 16.53
C GLN B 19 -0.40 -10.75 16.49
N ASN B 20 -1.38 -10.29 15.72
CA ASN B 20 -1.63 -8.87 15.49
C ASN B 20 -3.14 -8.64 15.40
N LYS B 21 -3.83 -9.06 16.46
CA LYS B 21 -5.28 -9.01 16.49
C LYS B 21 -5.82 -7.65 16.94
N ILE B 22 -6.91 -7.24 16.30
CA ILE B 22 -7.65 -6.04 16.67
C ILE B 22 -9.12 -6.42 16.81
N THR B 23 -9.78 -5.79 17.78
CA THR B 23 -11.20 -5.92 18.04
C THR B 23 -11.84 -4.55 17.95
N VAL B 24 -13.04 -4.52 17.37
CA VAL B 24 -13.89 -3.34 17.34
C VAL B 24 -15.18 -3.72 18.04
N VAL B 25 -15.54 -2.95 19.07
CA VAL B 25 -16.75 -3.16 19.85
C VAL B 25 -17.77 -2.14 19.41
N GLY B 26 -18.91 -2.61 18.88
CA GLY B 26 -19.92 -1.78 18.29
C GLY B 26 -19.78 -1.65 16.79
N VAL B 27 -20.68 -2.26 16.02
CA VAL B 27 -20.56 -2.32 14.57
C VAL B 27 -21.61 -1.41 13.95
N GLY B 28 -21.72 -0.20 14.50
CA GLY B 28 -22.53 0.86 13.92
C GLY B 28 -21.79 1.54 12.79
N ALA B 29 -22.22 2.77 12.49
CA ALA B 29 -21.59 3.49 11.39
C ALA B 29 -20.12 3.77 11.69
N VAL B 30 -19.78 4.10 12.94
CA VAL B 30 -18.39 4.41 13.28
C VAL B 30 -17.53 3.13 13.31
N GLY B 31 -18.02 2.10 14.00
CA GLY B 31 -17.25 0.87 14.10
C GLY B 31 -16.97 0.24 12.76
N MET B 32 -17.94 0.23 11.86
CA MET B 32 -17.68 -0.37 10.55
C MET B 32 -16.77 0.48 9.68
N ALA B 33 -16.82 1.81 9.82
CA ALA B 33 -15.82 2.66 9.15
C ALA B 33 -14.42 2.38 9.69
N CYS B 34 -14.28 2.22 11.01
CA CYS B 34 -12.99 1.81 11.56
C CYS B 34 -12.57 0.47 10.99
N ALA B 35 -13.50 -0.48 10.96
CA ALA B 35 -13.20 -1.83 10.47
C ALA B 35 -12.69 -1.81 9.04
N ILE B 36 -13.40 -1.15 8.13
CA ILE B 36 -12.96 -1.20 6.74
C ILE B 36 -11.62 -0.48 6.57
N SER B 37 -11.39 0.60 7.31
CA SER B 37 -10.12 1.30 7.22
C SER B 37 -8.96 0.45 7.72
N ILE B 38 -9.14 -0.22 8.84
CA ILE B 38 -8.11 -1.11 9.37
C ILE B 38 -7.82 -2.25 8.39
N LEU B 39 -8.89 -2.80 7.81
CA LEU B 39 -8.73 -3.88 6.84
C LEU B 39 -8.01 -3.38 5.59
N MET B 40 -8.34 -2.18 5.12
CA MET B 40 -7.68 -1.75 3.91
C MET B 40 -6.26 -1.25 4.14
N LYS B 41 -5.82 -1.13 5.39
CA LYS B 41 -4.45 -0.76 5.69
C LYS B 41 -3.60 -1.93 6.16
N ASP B 42 -4.15 -3.12 6.22
CA ASP B 42 -3.39 -4.33 6.55
C ASP B 42 -2.77 -4.23 7.94
N LEU B 43 -3.55 -3.74 8.91
CA LEU B 43 -2.97 -3.51 10.21
C LEU B 43 -3.14 -4.69 11.16
N ALA B 44 -3.98 -5.67 10.82
CA ALA B 44 -4.25 -6.81 11.68
C ALA B 44 -4.18 -8.10 10.88
N ASP B 45 -3.82 -9.20 11.56
CA ASP B 45 -3.98 -10.53 10.97
C ASP B 45 -5.26 -11.20 11.44
N GLU B 46 -6.02 -10.56 12.31
CA GLU B 46 -7.29 -11.08 12.76
C GLU B 46 -8.10 -9.89 13.20
N LEU B 47 -9.33 -9.79 12.70
CA LEU B 47 -10.25 -8.74 13.12
C LEU B 47 -11.45 -9.39 13.79
N ALA B 48 -11.76 -8.92 14.99
CA ALA B 48 -12.94 -9.37 15.74
C ALA B 48 -13.93 -8.24 15.94
N LEU B 49 -15.20 -8.59 15.79
CA LEU B 49 -16.32 -7.66 15.91
C LEU B 49 -17.27 -8.12 17.01
N VAL B 50 -17.74 -7.19 17.82
CA VAL B 50 -18.65 -7.48 18.91
C VAL B 50 -19.77 -6.45 18.91
N ASP B 51 -20.99 -6.90 19.18
CA ASP B 51 -22.13 -5.99 19.32
C ASP B 51 -23.18 -6.74 20.11
N VAL B 52 -24.21 -6.01 20.55
CA VAL B 52 -25.35 -6.69 21.16
C VAL B 52 -26.45 -7.03 20.15
N MET B 53 -26.46 -6.36 18.99
CA MET B 53 -27.45 -6.61 17.95
C MET B 53 -26.94 -7.76 17.09
N GLU B 54 -27.45 -8.98 17.33
CA GLU B 54 -26.74 -10.14 16.80
C GLU B 54 -26.97 -10.35 15.31
N ASP B 55 -28.13 -9.93 14.78
CA ASP B 55 -28.35 -10.04 13.34
C ASP B 55 -27.44 -9.06 12.60
N LYS B 56 -27.49 -7.79 12.98
CA LYS B 56 -26.61 -6.78 12.41
C LYS B 56 -25.16 -7.23 12.41
N LEU B 57 -24.71 -7.80 13.54
CA LEU B 57 -23.32 -8.23 13.70
C LEU B 57 -22.96 -9.34 12.72
N LYS B 58 -23.83 -10.35 12.56
CA LYS B 58 -23.50 -11.43 11.63
C LYS B 58 -23.50 -10.93 10.19
N GLY B 59 -24.46 -10.08 9.84
CA GLY B 59 -24.51 -9.52 8.50
C GLY B 59 -23.29 -8.70 8.16
N GLU B 60 -22.88 -7.80 9.07
CA GLU B 60 -21.67 -7.01 8.83
C GLU B 60 -20.45 -7.91 8.68
N MET B 61 -20.27 -8.87 9.59
CA MET B 61 -19.17 -9.80 9.48
C MET B 61 -19.20 -10.52 8.13
N MET B 62 -20.36 -11.05 7.72
CA MET B 62 -20.40 -11.78 6.46
C MET B 62 -20.08 -10.88 5.29
N ASP B 63 -20.56 -9.65 5.33
CA ASP B 63 -20.30 -8.70 4.24
C ASP B 63 -18.79 -8.45 4.13
N LEU B 64 -18.10 -8.30 5.26
CA LEU B 64 -16.64 -8.11 5.18
C LEU B 64 -15.98 -9.39 4.67
N GLN B 65 -16.35 -10.54 5.23
CA GLN B 65 -15.79 -11.83 4.81
C GLN B 65 -15.90 -12.04 3.31
N HIS B 66 -17.04 -11.69 2.72
CA HIS B 66 -17.22 -11.85 1.27
C HIS B 66 -16.22 -11.03 0.47
N GLY B 67 -15.52 -10.10 1.10
CA GLY B 67 -14.49 -9.35 0.42
C GLY B 67 -13.09 -9.84 0.70
N SER B 68 -12.93 -10.97 1.38
CA SER B 68 -11.59 -11.48 1.74
C SER B 68 -10.64 -11.59 0.56
N LEU B 69 -11.15 -12.04 -0.59
CA LEU B 69 -10.27 -12.16 -1.76
C LEU B 69 -9.51 -10.87 -2.02
N PHE B 70 -10.09 -9.73 -1.68
CA PHE B 70 -9.52 -8.41 -1.95
C PHE B 70 -8.69 -7.87 -0.79
N LEU B 71 -8.59 -8.59 0.31
CA LEU B 71 -7.91 -8.15 1.51
C LEU B 71 -6.73 -9.07 1.83
N ARG B 72 -5.97 -8.70 2.85
CA ARG B 72 -4.82 -9.47 3.35
C ARG B 72 -4.93 -9.60 4.85
N THR B 73 -6.18 -9.72 5.31
CA THR B 73 -6.50 -10.04 6.70
C THR B 73 -7.25 -11.37 6.67
N PRO B 74 -6.60 -12.48 7.05
CA PRO B 74 -7.16 -13.80 6.72
C PRO B 74 -8.28 -14.24 7.63
N LYS B 75 -8.50 -13.59 8.78
CA LYS B 75 -9.52 -14.05 9.71
C LYS B 75 -10.37 -12.88 10.21
N ILE B 76 -11.67 -12.97 9.98
CA ILE B 76 -12.62 -11.99 10.48
C ILE B 76 -13.67 -12.79 11.21
N VAL B 77 -13.90 -12.44 12.47
CA VAL B 77 -14.78 -13.18 13.37
C VAL B 77 -15.68 -12.21 14.11
N SER B 78 -16.79 -12.73 14.62
CA SER B 78 -17.74 -11.89 15.37
C SER B 78 -18.50 -12.73 16.40
N GLY B 79 -19.12 -12.03 17.34
CA GLY B 79 -19.94 -12.67 18.35
C GLY B 79 -20.33 -11.71 19.45
N LYS B 80 -21.45 -12.00 20.13
CA LYS B 80 -21.79 -11.22 21.31
C LYS B 80 -20.97 -11.65 22.52
N ASP B 81 -20.44 -12.87 22.49
CA ASP B 81 -19.56 -13.33 23.56
C ASP B 81 -18.12 -12.87 23.32
N TYR B 82 -17.53 -12.21 24.34
CA TYR B 82 -16.21 -11.62 24.16
C TYR B 82 -15.08 -12.65 24.08
N SER B 83 -15.36 -13.96 24.17
CA SER B 83 -14.33 -14.94 23.84
C SER B 83 -13.77 -14.71 22.45
N VAL B 84 -14.58 -14.22 21.50
CA VAL B 84 -14.08 -13.96 20.16
C VAL B 84 -12.99 -12.90 20.14
N THR B 85 -12.87 -12.06 21.20
CA THR B 85 -11.90 -10.97 21.23
C THR B 85 -10.58 -11.36 21.87
N ALA B 86 -10.45 -12.60 22.33
CA ALA B 86 -9.31 -12.99 23.13
C ALA B 86 -7.98 -12.66 22.45
N ASN B 87 -7.05 -12.19 23.27
CA ASN B 87 -5.67 -11.93 22.86
C ASN B 87 -5.56 -10.86 21.78
N SER B 88 -6.41 -9.83 21.87
CA SER B 88 -6.27 -8.68 21.00
C SER B 88 -5.10 -7.80 21.47
N LYS B 89 -4.39 -7.22 20.51
CA LYS B 89 -3.40 -6.21 20.84
C LYS B 89 -4.07 -4.88 21.16
N LEU B 90 -5.18 -4.63 20.49
CA LEU B 90 -5.84 -3.32 20.48
C LEU B 90 -7.33 -3.57 20.44
N VAL B 91 -8.06 -2.91 21.31
CA VAL B 91 -9.51 -3.04 21.37
C VAL B 91 -10.10 -1.65 21.25
N ILE B 92 -10.91 -1.46 20.23
CA ILE B 92 -11.47 -0.16 19.89
C ILE B 92 -12.92 -0.16 20.33
N ILE B 93 -13.33 0.83 21.14
CA ILE B 93 -14.71 0.91 21.64
C ILE B 93 -15.46 2.01 20.91
N THR B 94 -16.47 1.61 20.14
CA THR B 94 -17.31 2.53 19.40
C THR B 94 -18.78 2.36 19.78
N ALA B 95 -19.07 1.59 20.82
CA ALA B 95 -20.44 1.28 21.19
C ALA B 95 -21.04 2.46 21.94
N GLY B 96 -22.35 2.59 21.85
CA GLY B 96 -23.05 3.56 22.67
C GLY B 96 -24.02 4.37 21.86
N ALA B 97 -24.83 5.10 22.60
CA ALA B 97 -26.00 5.77 22.06
C ALA B 97 -25.71 6.48 20.74
N ARG B 98 -24.98 7.59 20.78
CA ARG B 98 -24.82 8.55 19.66
C ARG B 98 -25.65 9.81 19.90
N VAL B 109 -24.12 10.63 28.39
CA VAL B 109 -23.03 10.20 29.25
C VAL B 109 -23.44 9.04 30.16
N GLN B 110 -24.58 9.17 30.84
CA GLN B 110 -24.90 8.12 31.79
C GLN B 110 -25.36 6.86 31.06
N ARG B 111 -26.00 7.02 29.90
CA ARG B 111 -26.31 5.89 29.03
C ARG B 111 -25.03 5.14 28.62
N ASN B 112 -23.98 5.86 28.26
CA ASN B 112 -22.79 5.14 27.79
C ASN B 112 -21.92 4.65 28.94
N VAL B 113 -21.99 5.29 30.10
CA VAL B 113 -21.35 4.72 31.28
C VAL B 113 -21.93 3.34 31.59
N ASN B 114 -23.26 3.24 31.56
CA ASN B 114 -23.91 1.98 31.94
C ASN B 114 -23.52 0.88 30.98
N ILE B 115 -23.42 1.21 29.68
CA ILE B 115 -22.90 0.29 28.68
C ILE B 115 -21.47 -0.11 28.99
N PHE B 116 -20.60 0.88 29.25
CA PHE B 116 -19.21 0.57 29.50
C PHE B 116 -19.06 -0.32 30.72
N LYS B 117 -20.01 -0.27 31.66
CA LYS B 117 -19.90 -1.12 32.84
C LYS B 117 -20.00 -2.59 32.51
N PHE B 118 -20.65 -2.94 31.39
CA PHE B 118 -20.67 -4.33 30.92
C PHE B 118 -19.53 -4.60 29.94
N ILE B 119 -19.24 -3.64 29.04
CA ILE B 119 -18.24 -3.87 27.99
C ILE B 119 -16.84 -4.03 28.60
N ILE B 120 -16.38 -3.04 29.37
CA ILE B 120 -14.95 -2.97 29.69
C ILE B 120 -14.50 -4.19 30.48
N PRO B 121 -15.24 -4.68 31.47
CA PRO B 121 -14.75 -5.86 32.20
C PRO B 121 -14.63 -7.09 31.31
N ASN B 122 -15.53 -7.23 30.33
CA ASN B 122 -15.47 -8.31 29.35
C ASN B 122 -14.23 -8.18 28.46
N VAL B 123 -13.95 -6.97 27.96
CA VAL B 123 -12.75 -6.76 27.17
C VAL B 123 -11.53 -7.20 27.96
N VAL B 124 -11.41 -6.69 29.20
CA VAL B 124 -10.24 -6.86 30.05
C VAL B 124 -10.04 -8.31 30.44
N LYS B 125 -11.12 -9.07 30.56
CA LYS B 125 -11.00 -10.50 30.90
C LYS B 125 -10.26 -11.25 29.81
N TYR B 126 -10.59 -10.96 28.55
CA TYR B 126 -10.11 -11.76 27.44
C TYR B 126 -8.85 -11.22 26.79
N SER B 127 -8.50 -9.95 27.03
CA SER B 127 -7.28 -9.33 26.50
C SER B 127 -6.64 -8.47 27.58
N PRO B 128 -6.14 -9.09 28.64
CA PRO B 128 -5.62 -8.29 29.78
C PRO B 128 -4.46 -7.40 29.42
N HIS B 129 -3.80 -7.63 28.30
CA HIS B 129 -2.62 -6.86 27.93
C HIS B 129 -2.87 -5.90 26.78
N CYS B 130 -4.12 -5.71 26.38
CA CYS B 130 -4.39 -4.89 25.21
C CYS B 130 -4.24 -3.40 25.51
N LYS B 131 -4.14 -2.60 24.44
CA LYS B 131 -4.43 -1.19 24.48
C LYS B 131 -5.93 -0.98 24.25
N LEU B 132 -6.52 -0.05 25.00
CA LEU B 132 -7.93 0.32 24.86
C LEU B 132 -7.99 1.66 24.16
N LEU B 133 -8.63 1.69 23.03
CA LEU B 133 -8.84 2.93 22.27
C LEU B 133 -10.33 3.25 22.28
N VAL B 134 -10.70 4.32 22.98
CA VAL B 134 -12.10 4.68 23.18
C VAL B 134 -12.48 5.76 22.18
N VAL B 135 -13.57 5.53 21.47
CA VAL B 135 -14.07 6.51 20.49
C VAL B 135 -15.46 7.02 20.92
N SER B 136 -16.24 6.18 21.61
CA SER B 136 -17.59 6.55 21.98
C SER B 136 -17.59 7.89 22.70
N ASN B 137 -18.68 8.65 22.52
CA ASN B 137 -18.78 10.01 23.07
C ASN B 137 -19.57 10.03 24.38
N PRO B 138 -19.29 10.99 25.26
CA PRO B 138 -18.21 12.00 25.16
C PRO B 138 -16.87 11.36 25.41
N VAL B 139 -15.99 11.45 24.41
CA VAL B 139 -14.85 10.54 24.36
C VAL B 139 -13.90 10.78 25.54
N ASP B 140 -13.72 12.03 25.97
CA ASP B 140 -12.78 12.24 27.06
C ASP B 140 -13.30 11.63 28.37
N ILE B 141 -14.59 11.84 28.68
CA ILE B 141 -15.19 11.26 29.86
C ILE B 141 -15.21 9.73 29.82
N LEU B 142 -15.59 9.14 28.68
CA LEU B 142 -15.64 7.68 28.62
C LEU B 142 -14.25 7.04 28.60
N THR B 143 -13.20 7.74 28.17
CA THR B 143 -11.86 7.17 28.31
C THR B 143 -11.50 7.06 29.78
N TYR B 144 -11.79 8.12 30.56
CA TYR B 144 -11.69 8.06 32.01
C TYR B 144 -12.48 6.88 32.58
N VAL B 145 -13.74 6.75 32.21
CA VAL B 145 -14.55 5.62 32.70
C VAL B 145 -13.89 4.30 32.37
N ALA B 146 -13.43 4.16 31.13
CA ALA B 146 -12.76 2.90 30.73
C ALA B 146 -11.52 2.68 31.55
N TRP B 147 -10.82 3.76 31.89
CA TRP B 147 -9.62 3.65 32.70
C TRP B 147 -9.95 3.20 34.11
N LYS B 148 -10.95 3.83 34.71
CA LYS B 148 -11.35 3.44 36.06
C LYS B 148 -11.82 2.00 36.10
N ILE B 149 -12.69 1.61 35.18
CA ILE B 149 -13.23 0.25 35.19
C ILE B 149 -12.17 -0.78 34.85
N SER B 150 -11.27 -0.47 33.91
CA SER B 150 -10.31 -1.50 33.49
C SER B 150 -9.25 -1.77 34.54
N GLY B 151 -8.84 -0.74 35.26
CA GLY B 151 -7.66 -0.84 36.07
C GLY B 151 -6.35 -0.76 35.31
N PHE B 152 -6.39 -0.54 34.00
CA PHE B 152 -5.16 -0.50 33.24
C PHE B 152 -4.30 0.68 33.68
N PRO B 153 -2.98 0.61 33.46
CA PRO B 153 -2.16 1.79 33.63
C PRO B 153 -2.48 2.79 32.52
N LYS B 154 -2.29 4.07 32.80
CA LYS B 154 -2.78 5.10 31.88
C LYS B 154 -2.16 5.00 30.48
N ASN B 155 -0.97 4.42 30.34
CA ASN B 155 -0.37 4.35 29.01
C ASN B 155 -1.21 3.48 28.07
N ARG B 156 -1.98 2.56 28.61
CA ARG B 156 -2.78 1.64 27.80
C ARG B 156 -4.24 2.03 27.62
N VAL B 157 -4.62 3.24 28.01
CA VAL B 157 -6.00 3.69 27.81
C VAL B 157 -5.97 5.02 27.08
N ILE B 158 -6.49 5.02 25.86
CA ILE B 158 -6.34 6.12 24.91
C ILE B 158 -7.71 6.52 24.41
N GLY B 159 -7.95 7.83 24.30
CA GLY B 159 -9.17 8.34 23.67
C GLY B 159 -8.82 8.96 22.34
N SER B 160 -9.66 8.71 21.34
CA SER B 160 -9.39 9.22 20.00
C SER B 160 -9.28 10.72 20.01
N GLY B 161 -10.08 11.37 20.84
CA GLY B 161 -9.80 12.73 21.26
C GLY B 161 -9.84 13.72 20.10
N CYS B 162 -8.78 14.51 19.98
CA CYS B 162 -8.73 15.61 19.04
C CYS B 162 -7.96 15.24 17.77
N ASN B 163 -7.62 13.96 17.59
CA ASN B 163 -6.98 13.56 16.35
C ASN B 163 -7.82 13.97 15.15
N LEU B 164 -9.11 13.67 15.18
CA LEU B 164 -10.01 14.07 14.09
C LEU B 164 -10.16 15.58 14.01
N ASP B 165 -10.43 16.24 15.15
CA ASP B 165 -10.51 17.71 15.15
C ASP B 165 -9.31 18.33 14.44
N SER B 166 -8.12 17.82 14.75
CA SER B 166 -6.92 18.39 14.14
C SER B 166 -6.87 18.12 12.63
N ALA B 167 -7.28 16.91 12.21
CA ALA B 167 -7.32 16.61 10.78
C ALA B 167 -8.29 17.54 10.06
N ARG B 168 -9.47 17.78 10.65
CA ARG B 168 -10.42 18.72 10.06
C ARG B 168 -9.79 20.10 9.95
N PHE B 169 -9.16 20.55 11.01
CA PHE B 169 -8.51 21.84 11.02
C PHE B 169 -7.49 21.97 9.89
N ARG B 170 -6.67 20.94 9.72
CA ARG B 170 -5.65 20.96 8.69
C ARG B 170 -6.25 20.91 7.29
N TYR B 171 -7.35 20.18 7.10
CA TYR B 171 -8.05 20.23 5.83
C TYR B 171 -8.54 21.64 5.52
N LEU B 172 -9.17 22.29 6.49
CA LEU B 172 -9.72 23.63 6.26
C LEU B 172 -8.62 24.65 6.04
N MET B 173 -7.56 24.59 6.83
CA MET B 173 -6.39 25.44 6.58
C MET B 173 -5.82 25.22 5.17
N GLY B 174 -5.69 23.96 4.74
CA GLY B 174 -5.18 23.69 3.41
C GLY B 174 -6.06 24.25 2.30
N GLU B 175 -7.38 24.12 2.44
CA GLU B 175 -8.23 24.63 1.38
C GLU B 175 -8.11 26.13 1.26
N ARG B 176 -7.87 26.83 2.38
CA ARG B 176 -7.68 28.27 2.33
C ARG B 176 -6.30 28.67 1.81
N LEU B 177 -5.29 27.86 2.05
CA LEU B 177 -3.94 28.21 1.65
C LEU B 177 -3.49 27.59 0.34
N GLY B 178 -4.27 26.67 -0.24
CA GLY B 178 -3.90 26.08 -1.51
C GLY B 178 -2.88 24.96 -1.43
N VAL B 179 -2.75 24.28 -0.29
CA VAL B 179 -1.81 23.17 -0.16
C VAL B 179 -2.51 22.04 0.59
N HIS B 180 -1.91 20.86 0.50
CA HIS B 180 -2.48 19.67 1.10
C HIS B 180 -2.44 19.74 2.62
N ALA B 181 -3.46 19.13 3.23
CA ALA B 181 -3.51 19.03 4.68
C ALA B 181 -2.21 18.50 5.26
N LEU B 182 -1.55 17.58 4.55
CA LEU B 182 -0.31 17.02 5.03
C LEU B 182 0.74 18.10 5.28
N SER B 183 0.71 19.17 4.49
CA SER B 183 1.69 20.23 4.58
C SER B 183 1.25 21.38 5.49
N CYS B 184 0.02 21.33 6.01
CA CYS B 184 -0.52 22.29 6.96
C CYS B 184 -0.50 21.68 8.34
N HIS B 185 0.22 22.31 9.25
CA HIS B 185 0.41 21.79 10.60
C HIS B 185 -0.31 22.70 11.58
N GLY B 186 -1.09 22.09 12.46
CA GLY B 186 -1.93 22.85 13.40
C GLY B 186 -2.53 21.89 14.39
N TRP B 187 -2.61 22.31 15.66
CA TRP B 187 -2.97 21.41 16.75
C TRP B 187 -4.22 21.92 17.43
N ILE B 188 -5.26 21.08 17.49
CA ILE B 188 -6.45 21.30 18.33
C ILE B 188 -6.27 20.43 19.56
N LEU B 189 -6.29 21.01 20.74
CA LEU B 189 -6.05 20.27 21.99
C LEU B 189 -7.24 20.43 22.94
N GLY B 190 -7.16 19.72 24.06
CA GLY B 190 -8.18 19.81 25.09
C GLY B 190 -9.36 18.87 24.86
N GLU B 191 -10.55 19.33 25.19
CA GLU B 191 -11.74 18.52 24.99
C GLU B 191 -12.10 18.37 23.51
N HIS B 192 -12.45 17.15 23.11
CA HIS B 192 -13.05 16.94 21.80
C HIS B 192 -14.34 17.75 21.75
N GLY B 193 -14.58 18.46 20.65
CA GLY B 193 -15.85 19.16 20.55
C GLY B 193 -15.82 20.59 21.06
N ASP B 194 -16.86 21.01 21.79
CA ASP B 194 -17.14 22.45 21.96
C ASP B 194 -15.97 23.21 22.58
N SER B 195 -15.37 22.68 23.65
CA SER B 195 -14.43 23.48 24.43
C SER B 195 -12.98 23.30 23.97
N SER B 196 -12.76 22.77 22.77
CA SER B 196 -11.40 22.49 22.31
C SER B 196 -10.60 23.78 22.12
N VAL B 197 -9.27 23.61 22.05
CA VAL B 197 -8.34 24.73 22.05
C VAL B 197 -7.52 24.74 20.76
N PRO B 198 -7.67 25.76 19.92
CA PRO B 198 -6.80 25.89 18.76
C PRO B 198 -5.49 26.55 19.17
N VAL B 199 -4.36 25.89 18.88
CA VAL B 199 -3.05 26.43 19.32
C VAL B 199 -2.51 27.24 18.14
N TRP B 200 -2.99 28.48 18.04
CA TRP B 200 -2.61 29.37 16.94
C TRP B 200 -1.09 29.51 16.82
N SER B 201 -0.39 29.44 17.95
CA SER B 201 1.07 29.67 17.98
C SER B 201 1.85 28.55 17.29
N GLY B 202 1.27 27.36 17.15
CA GLY B 202 1.98 26.26 16.52
C GLY B 202 1.65 26.10 15.03
N MET B 203 0.69 26.87 14.54
CA MET B 203 0.23 26.68 13.19
C MET B 203 1.30 27.14 12.20
N ASN B 204 1.66 26.28 11.24
CA ASN B 204 2.73 26.62 10.30
C ASN B 204 2.63 25.77 9.04
N VAL B 205 3.16 26.32 7.95
CA VAL B 205 3.50 25.61 6.74
C VAL B 205 5.00 25.74 6.56
N ALA B 206 5.67 24.62 6.28
CA ALA B 206 7.14 24.59 6.09
C ALA B 206 7.89 25.29 7.23
N GLY B 207 7.40 25.11 8.46
CA GLY B 207 8.02 25.72 9.61
C GLY B 207 7.84 27.22 9.76
N VAL B 208 7.04 27.84 8.90
CA VAL B 208 6.75 29.26 8.95
C VAL B 208 5.56 29.47 9.88
N SER B 209 5.81 30.16 11.00
CA SER B 209 4.79 30.49 11.99
C SER B 209 3.75 31.42 11.39
N LEU B 210 2.52 30.93 11.23
CA LEU B 210 1.49 31.74 10.62
C LEU B 210 1.10 32.89 11.55
N LYS B 211 1.21 32.69 12.87
CA LYS B 211 0.84 33.72 13.85
C LYS B 211 1.87 34.82 13.94
N THR B 212 3.14 34.51 13.69
CA THR B 212 4.15 35.55 13.59
C THR B 212 3.97 36.34 12.30
N LEU B 213 3.59 35.68 11.21
CA LEU B 213 3.36 36.34 9.93
C LEU B 213 2.13 37.22 9.96
N HIS B 214 1.12 36.79 10.71
CA HIS B 214 -0.23 37.35 10.63
C HIS B 214 -0.68 37.55 12.07
N PRO B 215 -0.21 38.62 12.72
CA PRO B 215 -0.37 38.72 14.18
C PRO B 215 -1.81 38.67 14.66
N GLU B 216 -2.75 39.03 13.83
CA GLU B 216 -4.16 38.97 14.23
C GLU B 216 -4.76 37.57 14.18
N LEU B 217 -3.96 36.57 13.81
CA LEU B 217 -4.43 35.19 13.76
C LEU B 217 -5.01 34.77 15.11
N GLY B 218 -6.25 34.29 15.07
CA GLY B 218 -6.90 33.81 16.28
C GLY B 218 -7.62 34.87 17.08
N THR B 219 -7.71 36.09 16.58
CA THR B 219 -8.34 37.18 17.33
C THR B 219 -9.58 37.66 16.59
N ASP B 220 -10.46 38.35 17.33
CA ASP B 220 -11.67 38.90 16.74
C ASP B 220 -11.35 40.00 15.72
N ALA B 221 -10.22 40.70 15.89
CA ALA B 221 -9.81 41.78 15.00
C ALA B 221 -9.19 41.31 13.70
N ASP B 222 -9.31 40.03 13.38
CA ASP B 222 -8.67 39.47 12.19
C ASP B 222 -9.58 39.68 10.99
N LYS B 223 -9.14 40.52 10.06
CA LYS B 223 -9.99 40.79 8.90
C LYS B 223 -10.30 39.53 8.13
N GLU B 224 -9.51 38.49 8.25
CA GLU B 224 -9.74 37.24 7.56
C GLU B 224 -10.49 36.22 8.40
N GLN B 225 -10.72 36.50 9.69
CA GLN B 225 -11.59 35.66 10.51
C GLN B 225 -11.09 34.22 10.61
N TRP B 226 -9.79 34.02 10.76
CA TRP B 226 -9.29 32.64 10.91
C TRP B 226 -9.88 31.95 12.14
N LYS B 227 -10.27 32.71 13.16
CA LYS B 227 -10.96 32.11 14.31
C LYS B 227 -12.19 31.35 13.87
N GLN B 228 -12.80 31.76 12.76
CA GLN B 228 -13.96 31.05 12.24
C GLN B 228 -13.58 29.66 11.73
N VAL B 229 -12.31 29.43 11.42
CA VAL B 229 -11.96 28.06 11.01
C VAL B 229 -12.07 27.12 12.20
N HIS B 230 -11.69 27.59 13.39
CA HIS B 230 -11.89 26.75 14.56
C HIS B 230 -13.38 26.50 14.83
N LYS B 231 -14.21 27.53 14.68
CA LYS B 231 -15.65 27.36 14.90
C LYS B 231 -16.19 26.32 13.92
N GLN B 232 -15.69 26.34 12.69
CA GLN B 232 -16.06 25.36 11.68
C GLN B 232 -15.63 23.95 12.08
N VAL B 233 -14.43 23.79 12.64
CA VAL B 233 -14.04 22.49 13.22
C VAL B 233 -15.02 22.09 14.32
N VAL B 234 -15.25 22.99 15.27
CA VAL B 234 -16.16 22.70 16.38
C VAL B 234 -17.52 22.26 15.87
N ASP B 235 -18.02 22.94 14.83
CA ASP B 235 -19.37 22.75 14.33
C ASP B 235 -19.49 21.58 13.37
N SER B 236 -18.37 21.04 12.91
CA SER B 236 -18.38 20.17 11.75
C SER B 236 -19.22 18.93 11.97
N ALA B 237 -19.10 18.28 13.14
CA ALA B 237 -19.86 17.06 13.34
C ALA B 237 -21.35 17.35 13.31
N TYR B 238 -21.76 18.49 13.88
CA TYR B 238 -23.18 18.84 13.86
C TYR B 238 -23.66 19.14 12.45
N GLU B 239 -22.85 19.78 11.63
CA GLU B 239 -23.27 20.06 10.26
C GLU B 239 -23.37 18.76 9.45
N VAL B 240 -22.41 17.86 9.63
CA VAL B 240 -22.49 16.60 8.87
C VAL B 240 -23.65 15.75 9.38
N ILE B 241 -23.89 15.74 10.69
CA ILE B 241 -25.04 15.00 11.24
C ILE B 241 -26.32 15.55 10.65
N LYS B 242 -26.42 16.87 10.56
CA LYS B 242 -27.61 17.51 10.00
C LYS B 242 -27.81 17.13 8.55
N LEU B 243 -26.72 16.91 7.82
CA LEU B 243 -26.79 16.65 6.38
C LEU B 243 -26.98 15.17 6.05
N LYS B 244 -26.25 14.25 6.71
CA LYS B 244 -26.34 12.82 6.41
C LYS B 244 -26.74 11.98 7.61
N GLY B 245 -26.87 12.55 8.80
CA GLY B 245 -27.43 11.87 9.95
C GLY B 245 -26.43 11.41 10.99
N TYR B 246 -25.16 11.36 10.64
CA TYR B 246 -24.11 10.87 11.53
C TYR B 246 -22.80 11.13 10.80
N THR B 247 -21.69 10.86 11.46
CA THR B 247 -20.38 10.94 10.82
C THR B 247 -19.72 9.57 10.92
N SER B 248 -18.94 9.20 9.90
CA SER B 248 -18.34 7.89 9.97
C SER B 248 -16.97 7.84 9.28
N TRP B 249 -16.84 8.39 8.08
CA TRP B 249 -15.66 8.11 7.27
C TRP B 249 -14.41 8.79 7.84
N ALA B 250 -14.52 10.06 8.28
CA ALA B 250 -13.34 10.75 8.79
C ALA B 250 -12.86 10.12 10.09
N ILE B 251 -13.78 9.78 10.99
CA ILE B 251 -13.40 9.15 12.24
C ILE B 251 -12.79 7.78 12.00
N GLY B 252 -13.33 7.02 11.04
CA GLY B 252 -12.76 5.71 10.74
C GLY B 252 -11.30 5.80 10.32
N LEU B 253 -11.01 6.75 9.43
CA LEU B 253 -9.65 6.95 8.95
C LEU B 253 -8.74 7.45 10.07
N SER B 254 -9.24 8.31 10.97
CA SER B 254 -8.38 8.80 12.02
C SER B 254 -8.13 7.70 13.06
N VAL B 255 -9.11 6.83 13.28
CA VAL B 255 -8.87 5.71 14.21
C VAL B 255 -7.85 4.75 13.60
N ALA B 256 -7.90 4.56 12.29
CA ALA B 256 -6.96 3.64 11.66
C ALA B 256 -5.54 4.22 11.71
N ASP B 257 -5.42 5.54 11.55
CA ASP B 257 -4.15 6.24 11.71
C ASP B 257 -3.57 5.99 13.10
N LEU B 258 -4.39 6.11 14.14
CA LEU B 258 -3.93 5.77 15.47
C LEU B 258 -3.52 4.29 15.55
N ALA B 259 -4.37 3.41 15.01
CA ALA B 259 -4.08 1.99 15.07
C ALA B 259 -2.75 1.67 14.41
N GLU B 260 -2.44 2.37 13.31
CA GLU B 260 -1.19 2.14 12.62
C GLU B 260 -0.01 2.51 13.51
N SER B 261 -0.11 3.64 14.22
CA SER B 261 1.00 4.01 15.08
C SER B 261 1.19 3.00 16.20
N ILE B 262 0.08 2.43 16.70
CA ILE B 262 0.19 1.44 17.78
C ILE B 262 0.75 0.13 17.25
N MET B 263 0.18 -0.39 16.16
CA MET B 263 0.52 -1.73 15.69
C MET B 263 1.95 -1.80 15.17
N LYS B 264 2.45 -0.71 14.59
CA LYS B 264 3.79 -0.67 13.99
C LYS B 264 4.81 0.06 14.87
N ASN B 265 4.42 0.40 16.10
CA ASN B 265 5.31 1.06 17.07
C ASN B 265 5.99 2.30 16.48
N LEU B 266 5.21 3.15 15.83
CA LEU B 266 5.84 4.21 15.06
C LEU B 266 6.37 5.33 15.92
N ARG B 267 5.80 5.55 17.10
CA ARG B 267 6.18 6.68 17.96
C ARG B 267 6.03 8.01 17.19
N ARG B 268 4.88 8.13 16.52
CA ARG B 268 4.40 9.38 15.94
C ARG B 268 3.67 10.15 17.03
N VAL B 269 3.56 11.45 16.85
CA VAL B 269 2.87 12.32 17.79
C VAL B 269 1.48 12.60 17.25
N HIS B 270 0.48 12.34 18.08
CA HIS B 270 -0.91 12.58 17.75
C HIS B 270 -1.60 13.34 18.87
N PRO B 271 -2.55 14.16 18.54
CA PRO B 271 -3.36 14.79 19.61
C PRO B 271 -4.47 13.88 20.06
N ILE B 272 -4.22 13.14 21.13
CA ILE B 272 -5.16 12.15 21.61
C ILE B 272 -5.32 12.33 23.11
N SER B 273 -6.37 11.70 23.63
CA SER B 273 -6.82 11.90 25.00
C SER B 273 -6.08 10.97 25.96
N THR B 274 -5.38 11.56 26.93
CA THR B 274 -4.58 10.82 27.89
C THR B 274 -4.81 11.36 29.29
N MET B 275 -4.52 10.54 30.30
CA MET B 275 -4.71 10.95 31.69
C MET B 275 -3.61 11.95 32.07
N ILE B 276 -3.99 13.22 32.23
CA ILE B 276 -3.02 14.32 32.14
C ILE B 276 -2.67 14.91 33.50
N LYS B 277 -3.19 14.36 34.58
CA LYS B 277 -2.86 14.85 35.91
C LYS B 277 -1.35 14.99 36.08
N GLY B 278 -0.92 16.10 36.69
CA GLY B 278 0.47 16.34 36.93
C GLY B 278 1.19 17.10 35.84
N LEU B 279 0.54 17.32 34.71
CA LEU B 279 1.08 18.07 33.60
C LEU B 279 0.11 19.19 33.23
N TYR B 280 0.65 20.20 32.56
CA TYR B 280 -0.17 21.29 32.03
C TYR B 280 -0.92 22.02 33.14
N GLY B 281 -0.43 21.93 34.38
CA GLY B 281 -1.08 22.57 35.50
C GLY B 281 -2.35 21.90 35.95
N ILE B 282 -2.60 20.68 35.48
CA ILE B 282 -3.85 19.97 35.79
C ILE B 282 -3.63 19.09 37.00
N LYS B 283 -4.57 19.17 37.96
CA LYS B 283 -4.46 18.50 39.26
C LYS B 283 -5.52 17.42 39.49
N GLU B 284 -6.42 17.20 38.55
CA GLU B 284 -7.45 16.18 38.68
C GLU B 284 -7.20 15.03 37.71
N ASP B 285 -7.82 13.87 37.98
CA ASP B 285 -7.72 12.66 37.14
C ASP B 285 -8.63 12.81 35.92
N VAL B 286 -8.21 13.65 34.98
CA VAL B 286 -9.01 13.83 33.77
C VAL B 286 -8.20 13.44 32.55
N PHE B 287 -8.92 13.13 31.47
CA PHE B 287 -8.34 12.88 30.17
C PHE B 287 -8.63 14.06 29.26
N LEU B 288 -7.58 14.60 28.64
CA LEU B 288 -7.68 15.68 27.65
C LEU B 288 -6.70 15.37 26.54
N SER B 289 -6.89 16.01 25.37
CA SER B 289 -5.93 15.80 24.29
C SER B 289 -4.74 16.76 24.42
N VAL B 290 -3.54 16.19 24.36
CA VAL B 290 -2.26 16.88 24.21
C VAL B 290 -1.49 16.04 23.22
N PRO B 291 -0.38 16.53 22.66
CA PRO B 291 0.39 15.70 21.72
C PRO B 291 1.09 14.57 22.47
N CYS B 292 0.81 13.34 22.04
CA CYS B 292 1.27 12.13 22.69
C CYS B 292 2.08 11.30 21.70
N VAL B 293 3.18 10.74 22.19
CA VAL B 293 3.96 9.77 21.42
C VAL B 293 3.28 8.41 21.55
N LEU B 294 2.90 7.83 20.42
CA LEU B 294 2.05 6.64 20.39
C LEU B 294 2.78 5.48 19.70
N GLY B 295 2.86 4.35 20.39
CA GLY B 295 3.55 3.17 19.89
C GLY B 295 2.92 1.92 20.45
N GLN B 296 3.71 0.85 20.51
CA GLN B 296 3.16 -0.46 20.82
C GLN B 296 2.88 -0.63 22.31
N ASN B 297 3.34 0.27 23.15
CA ASN B 297 2.96 0.32 24.55
C ASN B 297 1.93 1.39 24.82
N GLY B 298 1.30 1.92 23.78
CA GLY B 298 0.36 3.01 23.94
C GLY B 298 1.05 4.35 24.06
N ILE B 299 0.59 5.19 24.97
CA ILE B 299 1.14 6.52 25.15
C ILE B 299 2.36 6.43 26.07
N SER B 300 3.56 6.62 25.53
CA SER B 300 4.77 6.50 26.34
C SER B 300 5.30 7.82 26.83
N ASP B 301 4.92 8.92 26.19
CA ASP B 301 5.53 10.23 26.39
C ASP B 301 4.52 11.25 25.93
N VAL B 302 4.55 12.41 26.57
CA VAL B 302 3.70 13.55 26.26
C VAL B 302 4.58 14.75 25.93
N VAL B 303 4.28 15.41 24.82
CA VAL B 303 4.95 16.63 24.44
C VAL B 303 4.37 17.76 25.26
N LYS B 304 5.26 18.63 25.74
CA LYS B 304 4.92 19.78 26.57
C LYS B 304 4.87 21.01 25.67
N VAL B 305 3.67 21.37 25.22
CA VAL B 305 3.48 22.53 24.35
C VAL B 305 3.62 23.80 25.16
N THR B 306 4.24 24.82 24.55
CA THR B 306 4.30 26.17 25.14
C THR B 306 3.01 26.90 24.82
N LEU B 307 2.10 26.91 25.78
CA LEU B 307 0.82 27.56 25.60
C LEU B 307 0.90 29.00 26.08
N THR B 308 0.06 29.84 25.49
CA THR B 308 -0.13 31.18 26.02
C THR B 308 -0.80 31.08 27.38
N SER B 309 -0.77 32.19 28.10
CA SER B 309 -1.35 32.19 29.44
C SER B 309 -2.83 31.82 29.42
N GLU B 310 -3.59 32.20 28.40
CA GLU B 310 -5.00 31.86 28.47
C GLU B 310 -5.40 30.70 27.58
N GLU B 311 -4.57 30.32 26.61
CA GLU B 311 -4.60 28.94 26.11
C GLU B 311 -4.46 27.97 27.26
N GLU B 312 -3.50 28.25 28.15
CA GLU B 312 -3.33 27.49 29.37
C GLU B 312 -4.55 27.61 30.27
N ALA B 313 -5.12 28.82 30.40
CA ALA B 313 -6.34 28.96 31.20
C ALA B 313 -7.48 28.19 30.56
N HIS B 314 -7.59 28.26 29.24
CA HIS B 314 -8.67 27.54 28.58
C HIS B 314 -8.56 26.03 28.80
N LEU B 315 -7.34 25.49 28.75
CA LEU B 315 -7.16 24.08 28.97
C LEU B 315 -7.45 23.69 30.41
N LYS B 316 -7.16 24.57 31.37
CA LYS B 316 -7.55 24.31 32.76
C LYS B 316 -9.06 24.31 32.92
N LYS B 317 -9.76 25.15 32.16
CA LYS B 317 -11.21 25.22 32.19
C LYS B 317 -11.83 23.89 31.71
N SER B 318 -11.27 23.32 30.66
CA SER B 318 -11.69 22.00 30.20
C SER B 318 -11.51 20.96 31.28
N ALA B 319 -10.31 20.89 31.86
CA ALA B 319 -10.08 19.99 32.99
C ALA B 319 -11.16 20.13 34.03
N ASP B 320 -11.49 21.37 34.42
CA ASP B 320 -12.45 21.62 35.47
C ASP B 320 -13.86 21.24 35.02
N THR B 321 -14.18 21.53 33.76
CA THR B 321 -15.43 21.10 33.16
C THR B 321 -15.57 19.59 33.15
N LEU B 322 -14.55 18.88 32.65
CA LEU B 322 -14.60 17.42 32.64
C LEU B 322 -14.65 16.85 34.04
N TRP B 323 -13.90 17.44 34.97
CA TRP B 323 -13.93 16.94 36.34
C TRP B 323 -15.31 17.14 36.97
N GLY B 324 -15.97 18.24 36.62
CA GLY B 324 -17.31 18.48 37.16
C GLY B 324 -18.29 17.40 36.74
N ILE B 325 -18.18 16.93 35.50
CA ILE B 325 -19.02 15.81 35.05
C ILE B 325 -18.62 14.50 35.72
N GLN B 326 -17.32 14.23 35.79
CA GLN B 326 -16.83 12.95 36.32
C GLN B 326 -17.30 12.72 37.74
N LYS B 327 -17.39 13.80 38.52
CA LYS B 327 -17.84 13.67 39.90
C LYS B 327 -19.28 13.21 39.97
N GLU B 328 -20.07 13.45 38.92
CA GLU B 328 -21.47 13.07 38.91
C GLU B 328 -21.71 11.66 38.35
N LEU B 329 -20.64 10.89 38.13
CA LEU B 329 -20.76 9.57 37.52
C LEU B 329 -21.05 8.49 38.55
N GLN B 330 -22.00 7.63 38.23
CA GLN B 330 -22.34 6.44 39.03
C GLN B 330 -21.92 5.19 38.27
N PHE B 331 -20.95 4.47 38.82
CA PHE B 331 -20.48 3.22 38.25
C PHE B 331 -19.50 2.55 39.21
N ALA C 2 -3.71 -21.97 -33.08
CA ALA C 2 -2.85 -21.14 -32.21
C ALA C 2 -3.50 -20.87 -30.85
N LEU C 3 -2.83 -21.36 -29.81
CA LEU C 3 -3.38 -21.38 -28.46
C LEU C 3 -4.00 -20.03 -28.09
N LYS C 4 -3.29 -18.93 -28.32
CA LYS C 4 -3.84 -17.64 -27.91
C LYS C 4 -5.22 -17.40 -28.51
N ASP C 5 -5.41 -17.80 -29.78
CA ASP C 5 -6.70 -17.56 -30.44
C ASP C 5 -7.75 -18.59 -30.07
N GLN C 6 -7.33 -19.79 -29.68
CA GLN C 6 -8.25 -20.76 -29.11
C GLN C 6 -8.71 -20.36 -27.72
N LEU C 7 -7.86 -19.63 -26.98
CA LEU C 7 -8.17 -19.24 -25.61
C LEU C 7 -8.88 -17.91 -25.53
N ILE C 8 -8.60 -16.98 -26.44
CA ILE C 8 -8.99 -15.59 -26.29
C ILE C 8 -9.67 -15.14 -27.58
N HIS C 9 -10.91 -14.65 -27.44
CA HIS C 9 -11.58 -13.93 -28.49
C HIS C 9 -11.26 -12.45 -28.36
N ASN C 10 -10.54 -11.90 -29.34
CA ASN C 10 -10.14 -10.50 -29.33
C ASN C 10 -11.31 -9.64 -29.77
N LEU C 11 -11.57 -8.56 -29.04
CA LEU C 11 -12.67 -7.65 -29.34
C LEU C 11 -12.21 -6.32 -29.87
N LEU C 12 -10.95 -5.98 -29.70
CA LEU C 12 -10.56 -4.58 -29.73
C LEU C 12 -9.10 -4.48 -30.13
N LYS C 13 -8.86 -3.69 -31.17
CA LYS C 13 -7.54 -3.52 -31.73
C LYS C 13 -6.50 -3.16 -30.66
N HIS C 16 -2.59 1.63 -27.76
CA HIS C 16 -2.10 1.77 -26.40
C HIS C 16 -1.35 3.09 -26.17
N VAL C 17 -2.00 4.02 -25.49
CA VAL C 17 -1.40 5.29 -25.08
C VAL C 17 -1.29 5.28 -23.56
N PRO C 18 -0.09 5.16 -22.98
CA PRO C 18 0.00 5.12 -21.51
C PRO C 18 -0.42 6.45 -20.92
N GLN C 19 -1.06 6.38 -19.76
CA GLN C 19 -1.66 7.54 -19.12
C GLN C 19 -0.85 8.09 -17.95
N ASN C 20 0.04 7.29 -17.38
CA ASN C 20 0.80 7.67 -16.19
C ASN C 20 2.21 7.15 -16.31
N LYS C 21 2.83 7.46 -17.44
CA LYS C 21 4.14 6.88 -17.73
C LYS C 21 5.24 7.70 -17.05
N ILE C 22 6.24 6.97 -16.54
CA ILE C 22 7.44 7.56 -15.96
C ILE C 22 8.65 6.97 -16.67
N THR C 23 9.64 7.81 -16.91
CA THR C 23 10.91 7.39 -17.48
C THR C 23 12.04 7.67 -16.49
N VAL C 24 12.99 6.74 -16.44
CA VAL C 24 14.23 6.92 -15.73
C VAL C 24 15.37 6.85 -16.74
N VAL C 25 16.22 7.88 -16.73
CA VAL C 25 17.38 7.96 -17.60
C VAL C 25 18.61 7.77 -16.72
N GLY C 26 19.36 6.68 -16.99
CA GLY C 26 20.46 6.27 -16.15
C GLY C 26 20.05 5.16 -15.21
N VAL C 27 20.34 3.91 -15.59
CA VAL C 27 19.93 2.76 -14.79
C VAL C 27 21.11 2.30 -13.95
N GLY C 28 21.72 3.25 -13.26
CA GLY C 28 22.81 2.97 -12.34
C GLY C 28 22.25 2.70 -10.96
N ALA C 29 23.08 2.98 -9.94
CA ALA C 29 22.67 2.67 -8.57
C ALA C 29 21.47 3.53 -8.19
N VAL C 30 21.55 4.82 -8.50
CA VAL C 30 20.45 5.74 -8.17
C VAL C 30 19.23 5.44 -9.04
N GLY C 31 19.44 5.33 -10.34
CA GLY C 31 18.32 5.10 -11.23
C GLY C 31 17.50 3.88 -10.84
N MET C 32 18.17 2.77 -10.55
CA MET C 32 17.42 1.56 -10.22
C MET C 32 16.78 1.65 -8.84
N ALA C 33 17.39 2.36 -7.90
CA ALA C 33 16.71 2.57 -6.63
C ALA C 33 15.43 3.38 -6.83
N CYS C 34 15.49 4.39 -7.72
CA CYS C 34 14.29 5.15 -8.04
C CYS C 34 13.25 4.26 -8.69
N ALA C 35 13.68 3.46 -9.64
CA ALA C 35 12.79 2.55 -10.34
C ALA C 35 12.08 1.60 -9.38
N ILE C 36 12.81 0.89 -8.54
CA ILE C 36 12.14 -0.08 -7.69
C ILE C 36 11.18 0.63 -6.73
N SER C 37 11.59 1.78 -6.19
CA SER C 37 10.71 2.54 -5.29
C SER C 37 9.43 3.02 -5.99
N ILE C 38 9.55 3.54 -7.22
CA ILE C 38 8.35 3.95 -7.95
C ILE C 38 7.46 2.75 -8.26
N LEU C 39 8.07 1.64 -8.62
CA LEU C 39 7.30 0.46 -8.95
C LEU C 39 6.52 -0.03 -7.76
N MET C 40 7.15 0.00 -6.59
CA MET C 40 6.46 -0.53 -5.43
C MET C 40 5.43 0.45 -4.87
N LYS C 41 5.38 1.65 -5.41
CA LYS C 41 4.37 2.61 -4.96
C LYS C 41 3.23 2.77 -5.95
N ASP C 42 3.23 1.99 -7.05
CA ASP C 42 2.13 1.97 -8.01
C ASP C 42 1.85 3.34 -8.62
N LEU C 43 2.91 4.10 -8.90
CA LEU C 43 2.77 5.46 -9.42
C LEU C 43 2.66 5.52 -10.93
N ALA C 44 3.05 4.46 -11.65
CA ALA C 44 3.09 4.45 -13.10
C ALA C 44 2.31 3.28 -13.66
N ASP C 45 1.74 3.48 -14.86
CA ASP C 45 1.23 2.35 -15.61
C ASP C 45 2.23 1.85 -16.65
N GLU C 46 3.30 2.61 -16.89
CA GLU C 46 4.36 2.16 -17.78
C GLU C 46 5.65 2.79 -17.26
N LEU C 47 6.71 2.00 -17.18
CA LEU C 47 8.02 2.49 -16.81
C LEU C 47 8.97 2.26 -17.97
N ALA C 48 9.69 3.29 -18.37
CA ALA C 48 10.66 3.22 -19.44
C ALA C 48 12.02 3.55 -18.87
N LEU C 49 13.04 2.82 -19.33
CA LEU C 49 14.43 3.01 -18.88
C LEU C 49 15.33 3.26 -20.08
N VAL C 50 16.25 4.21 -19.92
CA VAL C 50 17.22 4.58 -20.95
C VAL C 50 18.62 4.56 -20.36
N ASP C 51 19.59 4.10 -21.13
CA ASP C 51 20.98 4.22 -20.73
C ASP C 51 21.82 4.12 -21.99
N VAL C 52 23.13 4.40 -21.84
CA VAL C 52 24.07 4.16 -22.94
C VAL C 52 24.67 2.77 -22.89
N MET C 53 24.68 2.11 -21.74
CA MET C 53 25.22 0.76 -21.64
C MET C 53 24.10 -0.22 -21.97
N GLU C 54 24.06 -0.72 -23.21
CA GLU C 54 22.86 -1.43 -23.67
C GLU C 54 22.68 -2.78 -22.99
N ASP C 55 23.76 -3.47 -22.69
CA ASP C 55 23.64 -4.77 -22.01
C ASP C 55 23.07 -4.60 -20.62
N LYS C 56 23.65 -3.70 -19.84
CA LYS C 56 23.17 -3.51 -18.48
C LYS C 56 21.73 -3.00 -18.49
N LEU C 57 21.39 -2.19 -19.49
CA LEU C 57 20.03 -1.69 -19.64
C LEU C 57 19.05 -2.83 -19.85
N LYS C 58 19.36 -3.74 -20.79
CA LYS C 58 18.45 -4.85 -21.06
C LYS C 58 18.34 -5.76 -19.85
N GLY C 59 19.43 -5.93 -19.10
CA GLY C 59 19.41 -6.82 -17.96
C GLY C 59 18.60 -6.26 -16.79
N GLU C 60 18.72 -4.95 -16.55
CA GLU C 60 17.90 -4.34 -15.51
C GLU C 60 16.43 -4.43 -15.86
N MET C 61 16.09 -4.13 -17.11
CA MET C 61 14.71 -4.25 -17.56
C MET C 61 14.19 -5.66 -17.35
N MET C 62 14.94 -6.67 -17.80
CA MET C 62 14.48 -8.04 -17.69
C MET C 62 14.30 -8.46 -16.24
N ASP C 63 15.23 -8.03 -15.37
CA ASP C 63 15.14 -8.38 -13.95
C ASP C 63 13.86 -7.78 -13.32
N LEU C 64 13.51 -6.56 -13.72
CA LEU C 64 12.28 -5.95 -13.23
C LEU C 64 11.07 -6.69 -13.77
N GLN C 65 11.07 -6.93 -15.08
CA GLN C 65 9.99 -7.66 -15.74
C GLN C 65 9.70 -9.00 -15.09
N HIS C 66 10.77 -9.73 -14.72
CA HIS C 66 10.59 -11.04 -14.08
C HIS C 66 9.85 -10.95 -12.76
N GLY C 67 9.77 -9.77 -12.16
CA GLY C 67 9.00 -9.54 -10.97
C GLY C 67 7.59 -9.04 -11.21
N SER C 68 7.10 -9.06 -12.46
CA SER C 68 5.80 -8.46 -12.81
C SER C 68 4.65 -9.02 -12.00
N LEU C 69 4.69 -10.31 -11.68
CA LEU C 69 3.65 -10.93 -10.87
C LEU C 69 3.41 -10.18 -9.57
N PHE C 70 4.45 -9.56 -9.05
CA PHE C 70 4.41 -8.94 -7.72
C PHE C 70 4.16 -7.44 -7.79
N LEU C 71 3.99 -6.90 -8.98
CA LEU C 71 3.85 -5.48 -9.23
C LEU C 71 2.48 -5.20 -9.85
N ARG C 72 2.22 -3.91 -10.04
CA ARG C 72 0.98 -3.38 -10.57
C ARG C 72 1.25 -2.34 -11.64
N THR C 73 2.40 -2.46 -12.29
CA THR C 73 2.85 -1.59 -13.37
C THR C 73 3.03 -2.55 -14.54
N PRO C 74 2.08 -2.62 -15.47
CA PRO C 74 2.04 -3.79 -16.35
C PRO C 74 3.04 -3.80 -17.50
N LYS C 75 3.72 -2.70 -17.76
CA LYS C 75 4.62 -2.60 -18.90
C LYS C 75 5.90 -1.91 -18.47
N ILE C 76 7.02 -2.58 -18.70
CA ILE C 76 8.34 -2.03 -18.48
C ILE C 76 9.09 -2.18 -19.78
N VAL C 77 9.68 -1.09 -20.27
CA VAL C 77 10.36 -1.08 -21.54
C VAL C 77 11.70 -0.38 -21.38
N SER C 78 12.60 -0.60 -22.35
CA SER C 78 13.91 0.05 -22.29
C SER C 78 14.52 0.18 -23.67
N GLY C 79 15.46 1.12 -23.79
CA GLY C 79 16.32 1.18 -24.97
C GLY C 79 17.25 2.37 -24.89
N LYS C 80 18.28 2.32 -25.72
CA LYS C 80 19.16 3.45 -25.87
C LYS C 80 18.48 4.54 -26.70
N ASP C 81 17.55 4.16 -27.56
CA ASP C 81 16.78 5.08 -28.34
C ASP C 81 15.64 5.64 -27.48
N TYR C 82 15.48 6.95 -27.50
CA TYR C 82 14.55 7.56 -26.57
C TYR C 82 13.10 7.41 -27.00
N SER C 83 12.81 6.73 -28.10
CA SER C 83 11.41 6.55 -28.50
C SER C 83 10.66 5.72 -27.47
N VAL C 84 11.37 4.87 -26.71
CA VAL C 84 10.70 4.10 -25.67
C VAL C 84 10.07 5.00 -24.60
N THR C 85 10.54 6.24 -24.45
CA THR C 85 10.10 7.17 -23.40
C THR C 85 8.91 8.04 -23.80
N ALA C 86 8.37 7.87 -24.99
CA ALA C 86 7.34 8.77 -25.51
C ALA C 86 6.13 8.89 -24.56
N ASN C 87 5.67 10.12 -24.36
CA ASN C 87 4.43 10.38 -23.60
C ASN C 87 4.61 10.08 -22.12
N SER C 88 5.77 10.42 -21.58
CA SER C 88 5.97 10.31 -20.16
C SER C 88 5.37 11.55 -19.50
N LYS C 89 4.72 11.33 -18.36
CA LYS C 89 4.32 12.47 -17.53
C LYS C 89 5.51 13.04 -16.76
N LEU C 90 6.45 12.17 -16.41
CA LEU C 90 7.56 12.51 -15.55
C LEU C 90 8.80 11.83 -16.09
N VAL C 91 9.91 12.56 -16.18
CA VAL C 91 11.18 11.97 -16.64
C VAL C 91 12.24 12.33 -15.61
N ILE C 92 12.91 11.32 -15.08
CA ILE C 92 13.84 11.46 -13.96
C ILE C 92 15.25 11.26 -14.50
N ILE C 93 16.13 12.24 -14.30
CA ILE C 93 17.50 12.16 -14.84
C ILE C 93 18.45 11.78 -13.70
N THR C 94 19.00 10.57 -13.79
CA THR C 94 19.93 10.02 -12.81
C THR C 94 21.23 9.57 -13.46
N ALA C 95 21.52 10.06 -14.66
CA ALA C 95 22.67 9.66 -15.44
C ALA C 95 23.88 10.51 -15.09
N GLY C 96 25.07 9.93 -15.21
CA GLY C 96 26.31 10.68 -15.19
C GLY C 96 27.27 10.26 -14.09
N ALA C 97 28.35 11.03 -14.00
CA ALA C 97 29.44 10.76 -13.06
C ALA C 97 29.01 11.01 -11.62
N ARG C 98 29.53 10.19 -10.72
CA ARG C 98 29.30 10.36 -9.30
C ARG C 98 30.62 10.61 -8.56
N GLN C 99 30.51 11.05 -7.31
CA GLN C 99 31.68 11.40 -6.50
C GLN C 99 32.54 10.19 -6.18
N GLN C 100 33.87 10.38 -6.29
CA GLN C 100 34.81 9.53 -5.59
C GLN C 100 34.81 9.93 -4.12
N GLU C 101 35.36 9.05 -3.29
CA GLU C 101 35.46 9.37 -1.88
C GLU C 101 36.13 10.73 -1.69
N GLY C 102 35.50 11.59 -0.91
CA GLY C 102 36.02 12.92 -0.63
C GLY C 102 35.81 13.97 -1.71
N GLU C 103 35.25 13.61 -2.86
CA GLU C 103 35.06 14.55 -3.96
C GLU C 103 33.80 15.39 -3.79
N SER C 104 33.95 16.70 -4.04
CA SER C 104 32.78 17.59 -4.04
C SER C 104 31.85 17.27 -5.19
N ARG C 105 30.55 17.43 -4.94
CA ARG C 105 29.58 17.25 -6.03
C ARG C 105 29.82 18.29 -7.12
N LEU C 106 30.29 19.49 -6.73
CA LEU C 106 30.48 20.55 -7.71
C LEU C 106 31.56 20.18 -8.72
N ASN C 107 32.45 19.26 -8.36
CA ASN C 107 33.54 18.84 -9.24
C ASN C 107 33.05 17.99 -10.41
N LEU C 108 31.81 17.51 -10.38
CA LEU C 108 31.27 16.67 -11.44
C LEU C 108 30.67 17.48 -12.57
N VAL C 109 30.67 18.80 -12.46
CA VAL C 109 29.76 19.62 -13.26
C VAL C 109 30.13 19.54 -14.74
N GLN C 110 31.43 19.57 -15.07
CA GLN C 110 31.81 19.62 -16.47
C GLN C 110 31.43 18.33 -17.19
N ARG C 111 31.63 17.20 -16.54
CA ARG C 111 31.28 15.93 -17.18
C ARG C 111 29.78 15.80 -17.37
N ASN C 112 29.01 16.31 -16.44
CA ASN C 112 27.59 15.99 -16.53
C ASN C 112 26.83 17.00 -17.38
N VAL C 113 27.31 18.25 -17.44
CA VAL C 113 26.79 19.17 -18.44
C VAL C 113 26.93 18.57 -19.82
N ASN C 114 28.10 18.03 -20.13
CA ASN C 114 28.31 17.43 -21.44
C ASN C 114 27.25 16.37 -21.72
N ILE C 115 27.00 15.48 -20.74
CA ILE C 115 26.04 14.40 -20.89
C ILE C 115 24.64 14.95 -21.10
N PHE C 116 24.27 15.98 -20.33
CA PHE C 116 22.93 16.55 -20.43
C PHE C 116 22.70 17.13 -21.81
N LYS C 117 23.77 17.57 -22.49
CA LYS C 117 23.61 18.16 -23.83
C LYS C 117 23.01 17.18 -24.83
N PHE C 118 23.26 15.86 -24.68
CA PHE C 118 22.59 14.89 -25.53
C PHE C 118 21.28 14.37 -24.93
N ILE C 119 21.26 14.13 -23.62
CA ILE C 119 20.08 13.56 -22.96
C ILE C 119 18.88 14.47 -23.12
N ILE C 120 19.00 15.72 -22.68
CA ILE C 120 17.79 16.54 -22.48
C ILE C 120 17.05 16.75 -23.78
N PRO C 121 17.70 17.13 -24.89
CA PRO C 121 16.94 17.31 -26.13
C PRO C 121 16.20 16.06 -26.57
N ASN C 122 16.75 14.88 -26.26
CA ASN C 122 16.05 13.65 -26.63
C ASN C 122 14.85 13.39 -25.74
N VAL C 123 14.92 13.82 -24.48
CA VAL C 123 13.77 13.70 -23.59
C VAL C 123 12.63 14.60 -24.10
N VAL C 124 12.93 15.89 -24.27
CA VAL C 124 11.94 16.86 -24.79
C VAL C 124 11.30 16.34 -26.07
N LYS C 125 12.11 15.75 -26.95
CA LYS C 125 11.62 15.27 -28.23
C LYS C 125 10.42 14.35 -28.08
N TYR C 126 10.49 13.42 -27.13
CA TYR C 126 9.49 12.39 -27.03
C TYR C 126 8.42 12.67 -25.98
N SER C 127 8.70 13.58 -25.04
CA SER C 127 7.79 13.92 -23.95
C SER C 127 7.87 15.41 -23.71
N PRO C 128 7.41 16.23 -24.67
CA PRO C 128 7.62 17.68 -24.56
C PRO C 128 6.83 18.36 -23.44
N HIS C 129 5.82 17.68 -22.88
CA HIS C 129 5.01 18.18 -21.79
C HIS C 129 5.30 17.52 -20.44
N CYS C 130 6.37 16.73 -20.32
CA CYS C 130 6.63 16.06 -19.05
C CYS C 130 7.08 17.06 -18.00
N LYS C 131 7.10 16.61 -16.75
CA LYS C 131 7.89 17.26 -15.73
C LYS C 131 9.25 16.59 -15.70
N LEU C 132 10.31 17.41 -15.64
CA LEU C 132 11.70 16.95 -15.62
C LEU C 132 12.20 16.99 -14.18
N LEU C 133 12.50 15.84 -13.60
CA LEU C 133 13.05 15.75 -12.25
C LEU C 133 14.53 15.38 -12.35
N VAL C 134 15.39 16.33 -12.07
CA VAL C 134 16.84 16.15 -12.18
C VAL C 134 17.39 15.63 -10.86
N VAL C 135 18.23 14.61 -10.92
CA VAL C 135 18.87 14.04 -9.74
C VAL C 135 20.39 14.10 -9.84
N SER C 136 20.93 13.87 -11.04
CA SER C 136 22.37 13.96 -11.30
C SER C 136 23.04 15.15 -10.62
N ASN C 137 24.27 15.00 -10.17
CA ASN C 137 24.93 16.06 -9.38
C ASN C 137 25.94 16.81 -10.24
N PRO C 138 26.21 18.08 -9.89
CA PRO C 138 25.57 18.81 -8.78
C PRO C 138 24.14 19.23 -9.15
N VAL C 139 23.18 18.79 -8.34
CA VAL C 139 21.78 18.75 -8.78
C VAL C 139 21.24 20.14 -9.05
N ASP C 140 21.64 21.13 -8.26
CA ASP C 140 21.13 22.48 -8.46
C ASP C 140 21.60 23.05 -9.78
N ILE C 141 22.90 22.93 -10.08
CA ILE C 141 23.42 23.47 -11.33
C ILE C 141 22.88 22.68 -12.51
N LEU C 142 22.77 21.35 -12.38
CA LEU C 142 22.22 20.57 -13.48
C LEU C 142 20.72 20.78 -13.69
N THR C 143 19.98 21.17 -12.66
CA THR C 143 18.59 21.57 -12.92
C THR C 143 18.56 22.84 -13.76
N TYR C 144 19.38 23.83 -13.41
CA TYR C 144 19.52 25.01 -14.26
C TYR C 144 19.88 24.64 -15.68
N VAL C 145 20.84 23.72 -15.86
CA VAL C 145 21.24 23.31 -17.20
C VAL C 145 20.07 22.65 -17.94
N ALA C 146 19.38 21.70 -17.29
CA ALA C 146 18.24 21.07 -17.93
C ALA C 146 17.21 22.10 -18.37
N TRP C 147 16.98 23.13 -17.55
CA TRP C 147 16.03 24.18 -17.89
C TRP C 147 16.46 24.94 -19.14
N LYS C 148 17.71 25.39 -19.17
CA LYS C 148 18.21 26.11 -20.33
C LYS C 148 18.16 25.26 -21.60
N ILE C 149 18.56 23.99 -21.52
CA ILE C 149 18.57 23.14 -22.70
C ILE C 149 17.15 22.78 -23.13
N SER C 150 16.26 22.50 -22.18
CA SER C 150 14.97 21.93 -22.55
C SER C 150 14.04 22.98 -23.14
N GLY C 151 14.19 24.25 -22.77
CA GLY C 151 13.19 25.24 -23.08
C GLY C 151 11.91 25.12 -22.29
N PHE C 152 11.89 24.29 -21.26
CA PHE C 152 10.68 24.14 -20.46
C PHE C 152 10.46 25.39 -19.59
N PRO C 153 9.20 25.71 -19.28
CA PRO C 153 8.95 26.72 -18.25
C PRO C 153 9.43 26.21 -16.91
N LYS C 154 9.73 27.14 -16.01
CA LYS C 154 10.43 26.75 -14.80
C LYS C 154 9.59 25.84 -13.91
N ASN C 155 8.25 25.95 -13.97
CA ASN C 155 7.45 25.07 -13.12
C ASN C 155 7.74 23.60 -13.40
N ARG C 156 8.16 23.27 -14.62
CA ARG C 156 8.31 21.88 -15.04
C ARG C 156 9.75 21.35 -15.05
N VAL C 157 10.70 22.05 -14.47
CA VAL C 157 12.08 21.55 -14.33
C VAL C 157 12.40 21.59 -12.84
N ILE C 158 12.45 20.42 -12.21
CA ILE C 158 12.59 20.28 -10.76
C ILE C 158 13.89 19.56 -10.43
N GLY C 159 14.62 20.04 -9.43
CA GLY C 159 15.76 19.32 -8.89
C GLY C 159 15.40 18.66 -7.56
N SER C 160 15.83 17.41 -7.39
CA SER C 160 15.50 16.68 -6.15
C SER C 160 16.00 17.41 -4.92
N GLY C 161 17.10 18.16 -5.06
CA GLY C 161 17.49 19.18 -4.11
C GLY C 161 17.59 18.66 -2.69
N CYS C 162 17.04 19.43 -1.74
CA CYS C 162 17.19 19.15 -0.32
C CYS C 162 16.04 18.31 0.27
N ASN C 163 15.20 17.69 -0.56
CA ASN C 163 14.24 16.74 -0.03
C ASN C 163 14.95 15.68 0.81
N LEU C 164 16.05 15.14 0.27
CA LEU C 164 16.81 14.13 0.98
C LEU C 164 17.56 14.71 2.18
N ASP C 165 18.21 15.87 2.02
CA ASP C 165 18.92 16.46 3.16
C ASP C 165 17.97 16.65 4.33
N SER C 166 16.75 17.15 4.06
CA SER C 166 15.77 17.35 5.13
C SER C 166 15.31 16.03 5.70
N ALA C 167 15.18 14.99 4.86
CA ALA C 167 14.83 13.69 5.40
C ALA C 167 15.90 13.18 6.34
N ARG C 168 17.16 13.28 5.92
CA ARG C 168 18.27 12.92 6.81
C ARG C 168 18.20 13.72 8.09
N PHE C 169 18.02 15.03 7.96
CA PHE C 169 17.95 15.87 9.17
C PHE C 169 16.84 15.40 10.11
N ARG C 170 15.67 15.06 9.56
CA ARG C 170 14.56 14.67 10.42
C ARG C 170 14.80 13.31 11.05
N TYR C 171 15.49 12.39 10.34
CA TYR C 171 15.86 11.11 10.95
C TYR C 171 16.77 11.31 12.14
N LEU C 172 17.78 12.17 11.99
CA LEU C 172 18.72 12.42 13.06
C LEU C 172 18.05 13.14 14.23
N MET C 173 17.17 14.09 13.94
CA MET C 173 16.41 14.75 15.01
C MET C 173 15.55 13.75 15.79
N GLY C 174 14.81 12.90 15.06
CA GLY C 174 13.96 11.91 15.71
C GLY C 174 14.74 10.94 16.57
N GLU C 175 15.93 10.55 16.13
CA GLU C 175 16.77 9.66 16.92
C GLU C 175 17.20 10.33 18.23
N ARG C 176 17.46 11.62 18.19
CA ARG C 176 17.82 12.38 19.39
C ARG C 176 16.62 12.64 20.29
N LEU C 177 15.41 12.74 19.72
CA LEU C 177 14.24 13.10 20.53
C LEU C 177 13.36 11.90 20.88
N GLY C 178 13.65 10.73 20.31
CA GLY C 178 12.86 9.55 20.59
C GLY C 178 11.49 9.54 19.92
N VAL C 179 11.33 10.19 18.76
CA VAL C 179 10.07 10.15 18.03
C VAL C 179 10.36 9.91 16.56
N HIS C 180 9.33 9.52 15.83
CA HIS C 180 9.53 9.19 14.44
C HIS C 180 9.85 10.46 13.63
N ALA C 181 10.67 10.27 12.58
CA ALA C 181 10.98 11.36 11.63
C ALA C 181 9.74 12.10 11.14
N LEU C 182 8.63 11.38 10.92
CA LEU C 182 7.39 11.99 10.47
C LEU C 182 6.92 13.09 11.42
N SER C 183 7.16 12.93 12.72
CA SER C 183 6.72 13.93 13.70
C SER C 183 7.77 14.99 14.03
N CYS C 184 8.97 14.86 13.47
CA CYS C 184 10.03 15.86 13.62
C CYS C 184 10.08 16.71 12.36
N HIS C 185 9.86 18.01 12.52
CA HIS C 185 9.84 18.89 11.36
C HIS C 185 11.02 19.83 11.40
N GLY C 186 11.62 20.03 10.23
CA GLY C 186 12.85 20.79 10.11
C GLY C 186 13.23 20.87 8.64
N TRP C 187 13.67 22.04 8.21
CA TRP C 187 13.91 22.33 6.80
C TRP C 187 15.38 22.66 6.55
N ILE C 188 15.97 21.97 5.58
CA ILE C 188 17.30 22.28 5.06
C ILE C 188 17.11 22.86 3.66
N LEU C 189 17.62 24.05 3.42
CA LEU C 189 17.39 24.79 2.18
C LEU C 189 18.73 25.08 1.52
N GLY C 190 18.68 25.72 0.33
CA GLY C 190 19.90 26.06 -0.40
C GLY C 190 20.47 24.96 -1.25
N GLU C 191 21.81 24.86 -1.29
CA GLU C 191 22.51 23.83 -2.07
C GLU C 191 22.31 22.45 -1.48
N HIS C 192 22.03 21.47 -2.35
CA HIS C 192 22.20 20.07 -1.98
C HIS C 192 23.70 19.80 -1.98
N GLY C 193 24.32 20.13 -0.86
CA GLY C 193 25.77 19.97 -0.72
C GLY C 193 26.30 20.69 0.50
N ASP C 194 27.58 21.02 0.45
CA ASP C 194 28.27 21.52 1.64
C ASP C 194 27.66 22.82 2.16
N SER C 195 27.02 23.62 1.29
CA SER C 195 26.59 24.95 1.70
C SER C 195 25.10 25.00 2.03
N SER C 196 24.47 23.86 2.29
CA SER C 196 23.06 23.85 2.67
C SER C 196 22.84 24.65 3.98
N VAL C 197 21.61 25.10 4.16
CA VAL C 197 21.25 26.03 5.22
C VAL C 197 20.19 25.39 6.13
N PRO C 198 20.51 25.05 7.38
CA PRO C 198 19.47 24.58 8.29
C PRO C 198 18.67 25.77 8.83
N VAL C 199 17.35 25.67 8.77
CA VAL C 199 16.46 26.76 9.23
C VAL C 199 16.03 26.35 10.64
N TRP C 200 16.88 26.72 11.59
CA TRP C 200 16.69 26.38 13.00
C TRP C 200 15.38 26.92 13.54
N SER C 201 14.89 28.01 12.97
CA SER C 201 13.70 28.67 13.49
C SER C 201 12.44 27.87 13.19
N GLY C 202 12.49 26.98 12.21
CA GLY C 202 11.31 26.20 11.85
C GLY C 202 11.31 24.80 12.44
N MET C 203 12.40 24.38 13.08
CA MET C 203 12.44 23.04 13.63
C MET C 203 11.50 22.91 14.82
N ASN C 204 10.61 21.92 14.76
CA ASN C 204 9.54 21.81 15.75
C ASN C 204 8.99 20.39 15.80
N VAL C 205 8.43 20.05 16.95
CA VAL C 205 7.59 18.87 17.16
C VAL C 205 6.25 19.38 17.63
N ALA C 206 5.17 18.92 16.99
CA ALA C 206 3.81 19.29 17.39
C ALA C 206 3.64 20.80 17.48
N GLY C 207 4.33 21.53 16.61
CA GLY C 207 4.23 22.97 16.55
C GLY C 207 5.02 23.69 17.63
N VAL C 208 5.72 22.93 18.46
CA VAL C 208 6.58 23.48 19.50
C VAL C 208 7.97 23.72 18.93
N SER C 209 8.32 24.99 18.79
CA SER C 209 9.61 25.37 18.24
C SER C 209 10.73 25.02 19.21
N LEU C 210 11.74 24.31 18.71
CA LEU C 210 12.83 23.89 19.58
C LEU C 210 13.63 25.09 20.01
N LYS C 211 13.77 26.06 19.11
CA LYS C 211 14.49 27.29 19.38
C LYS C 211 13.80 28.09 20.47
N THR C 212 12.48 27.90 20.64
CA THR C 212 11.75 28.54 21.72
C THR C 212 12.20 28.00 23.07
N LEU C 213 12.43 26.69 23.16
CA LEU C 213 12.86 26.15 24.43
C LEU C 213 14.35 26.36 24.64
N HIS C 214 15.07 26.62 23.55
CA HIS C 214 16.53 26.48 23.52
C HIS C 214 17.04 27.44 22.46
N PRO C 215 17.04 28.74 22.77
CA PRO C 215 17.31 29.74 21.72
C PRO C 215 18.69 29.64 21.13
N GLU C 216 19.60 29.00 21.83
CA GLU C 216 20.94 28.85 21.28
C GLU C 216 21.04 27.64 20.36
N LEU C 217 19.91 27.00 20.08
CA LEU C 217 19.89 25.84 19.20
C LEU C 217 20.56 26.10 17.87
N GLY C 218 21.50 25.23 17.51
CA GLY C 218 22.10 25.29 16.20
C GLY C 218 23.30 26.20 16.12
N THR C 219 23.47 27.08 17.09
CA THR C 219 24.57 28.04 17.18
C THR C 219 25.82 27.41 17.79
N ASP C 220 26.93 28.15 17.71
CA ASP C 220 28.18 27.68 18.34
C ASP C 220 28.14 27.75 19.86
N ALA C 221 27.17 28.42 20.45
CA ALA C 221 27.04 28.47 21.90
C ALA C 221 26.16 27.35 22.47
N ASP C 222 25.79 26.36 21.67
CA ASP C 222 24.87 25.31 22.09
C ASP C 222 25.66 24.16 22.72
N LYS C 223 25.49 23.98 24.04
CA LYS C 223 26.16 22.88 24.75
C LYS C 223 25.71 21.52 24.23
N GLU C 224 24.48 21.41 23.76
CA GLU C 224 24.03 20.15 23.18
C GLU C 224 24.54 19.91 21.76
N GLN C 225 25.16 20.90 21.14
CA GLN C 225 25.81 20.73 19.85
C GLN C 225 24.85 20.25 18.75
N TRP C 226 23.67 20.88 18.67
CA TRP C 226 22.72 20.54 17.62
C TRP C 226 23.25 20.92 16.24
N LYS C 227 24.18 21.87 16.18
CA LYS C 227 24.82 22.20 14.90
C LYS C 227 25.51 20.98 14.31
N GLN C 228 25.93 20.03 15.16
CA GLN C 228 26.59 18.85 14.64
C GLN C 228 25.61 17.93 13.93
N VAL C 229 24.32 18.10 14.19
CA VAL C 229 23.31 17.38 13.42
C VAL C 229 23.33 17.86 11.96
N HIS C 230 23.38 19.15 11.74
CA HIS C 230 23.47 19.62 10.36
C HIS C 230 24.78 19.17 9.73
N LYS C 231 25.88 19.21 10.51
CA LYS C 231 27.16 18.74 9.96
C LYS C 231 27.05 17.29 9.49
N GLN C 232 26.36 16.46 10.28
CA GLN C 232 26.15 15.06 9.90
C GLN C 232 25.35 14.95 8.61
N VAL C 233 24.37 15.84 8.42
CA VAL C 233 23.65 15.86 7.15
C VAL C 233 24.59 16.21 6.02
N VAL C 234 25.38 17.27 6.21
CA VAL C 234 26.36 17.69 5.20
C VAL C 234 27.31 16.53 4.89
N ASP C 235 27.74 15.83 5.92
CA ASP C 235 28.75 14.79 5.77
C ASP C 235 28.16 13.45 5.35
N SER C 236 26.85 13.27 5.44
CA SER C 236 26.24 11.95 5.27
C SER C 236 26.66 11.29 3.97
N ALA C 237 26.57 11.99 2.84
CA ALA C 237 26.90 11.36 1.57
C ALA C 237 28.34 10.87 1.56
N TYR C 238 29.27 11.71 2.05
CA TYR C 238 30.66 11.34 2.13
C TYR C 238 30.86 10.10 3.01
N GLU C 239 30.23 10.06 4.18
CA GLU C 239 30.40 8.88 5.03
C GLU C 239 29.89 7.63 4.33
N VAL C 240 28.74 7.71 3.66
CA VAL C 240 28.20 6.50 3.03
C VAL C 240 29.06 6.09 1.83
N ILE C 241 29.55 7.05 1.05
CA ILE C 241 30.41 6.72 -0.08
C ILE C 241 31.66 6.01 0.44
N LYS C 242 32.24 6.53 1.52
CA LYS C 242 33.39 5.87 2.14
C LYS C 242 33.06 4.44 2.56
N LEU C 243 31.81 4.16 2.90
CA LEU C 243 31.48 2.88 3.51
C LEU C 243 31.03 1.83 2.48
N LYS C 244 30.16 2.21 1.55
CA LYS C 244 29.67 1.30 0.54
C LYS C 244 29.99 1.74 -0.87
N GLY C 245 30.51 2.95 -1.06
CA GLY C 245 31.00 3.38 -2.34
C GLY C 245 30.09 4.33 -3.10
N TYR C 246 28.86 4.51 -2.63
CA TYR C 246 27.85 5.32 -3.30
C TYR C 246 26.65 5.35 -2.37
N THR C 247 25.67 6.17 -2.71
CA THR C 247 24.40 6.14 -2.00
C THR C 247 23.29 5.87 -3.01
N SER C 248 22.25 5.15 -2.59
CA SER C 248 21.22 4.83 -3.56
C SER C 248 19.81 4.78 -2.97
N TRP C 249 19.64 4.08 -1.85
CA TRP C 249 18.29 3.79 -1.36
C TRP C 249 17.56 5.04 -0.89
N ALA C 250 18.26 5.93 -0.17
CA ALA C 250 17.55 7.07 0.38
C ALA C 250 17.11 8.03 -0.71
N ILE C 251 17.96 8.26 -1.70
CA ILE C 251 17.57 9.15 -2.80
C ILE C 251 16.49 8.49 -3.61
N GLY C 252 16.59 7.16 -3.81
CA GLY C 252 15.50 6.42 -4.43
C GLY C 252 14.16 6.75 -3.79
N LEU C 253 14.09 6.58 -2.47
CA LEU C 253 12.87 6.84 -1.73
C LEU C 253 12.46 8.32 -1.81
N SER C 254 13.44 9.23 -1.78
CA SER C 254 13.13 10.67 -1.82
C SER C 254 12.55 11.06 -3.16
N VAL C 255 13.12 10.51 -4.23
CA VAL C 255 12.63 10.75 -5.58
C VAL C 255 11.22 10.17 -5.74
N ALA C 256 10.94 9.04 -5.10
CA ALA C 256 9.61 8.44 -5.23
C ALA C 256 8.58 9.25 -4.46
N ASP C 257 9.00 9.86 -3.35
CA ASP C 257 8.17 10.80 -2.60
C ASP C 257 7.77 11.97 -3.49
N LEU C 258 8.74 12.53 -4.18
CA LEU C 258 8.47 13.64 -5.09
C LEU C 258 7.59 13.19 -6.23
N ALA C 259 7.91 12.03 -6.82
CA ALA C 259 7.08 11.47 -7.88
C ALA C 259 5.63 11.38 -7.44
N GLU C 260 5.42 10.94 -6.20
CA GLU C 260 4.05 10.76 -5.72
C GLU C 260 3.31 12.08 -5.68
N SER C 261 3.97 13.16 -5.24
CA SER C 261 3.27 14.44 -5.19
C SER C 261 2.94 14.93 -6.59
N ILE C 262 3.86 14.71 -7.53
CA ILE C 262 3.64 15.09 -8.92
C ILE C 262 2.52 14.25 -9.53
N MET C 263 2.62 12.93 -9.46
CA MET C 263 1.72 12.04 -10.20
C MET C 263 0.31 12.09 -9.65
N LYS C 264 0.15 12.39 -8.36
CA LYS C 264 -1.17 12.43 -7.74
C LYS C 264 -1.65 13.85 -7.49
N ASN C 265 -0.89 14.85 -7.94
CA ASN C 265 -1.28 16.25 -7.84
C ASN C 265 -1.55 16.65 -6.38
N LEU C 266 -0.67 16.22 -5.49
CA LEU C 266 -0.94 16.36 -4.07
C LEU C 266 -0.84 17.80 -3.55
N ARG C 267 -0.04 18.65 -4.20
CA ARG C 267 0.26 19.98 -3.68
C ARG C 267 0.80 19.92 -2.25
N ARG C 268 1.70 18.98 -2.01
CA ARG C 268 2.50 18.95 -0.80
C ARG C 268 3.69 19.90 -0.97
N VAL C 269 4.21 20.38 0.16
CA VAL C 269 5.36 21.27 0.16
C VAL C 269 6.63 20.46 0.35
N HIS C 270 7.59 20.68 -0.54
CA HIS C 270 8.86 19.97 -0.45
C HIS C 270 10.03 20.94 -0.63
N PRO C 271 11.12 20.70 0.05
CA PRO C 271 12.32 21.52 -0.21
C PRO C 271 13.05 21.05 -1.45
N ILE C 272 12.76 21.68 -2.59
CA ILE C 272 13.29 21.20 -3.85
C ILE C 272 13.82 22.37 -4.66
N SER C 273 14.67 22.03 -5.64
CA SER C 273 15.52 22.97 -6.33
C SER C 273 14.73 23.64 -7.45
N THR C 274 14.63 24.96 -7.39
CA THR C 274 13.84 25.73 -8.33
C THR C 274 14.50 27.07 -8.62
N MET C 275 14.05 27.67 -9.71
CA MET C 275 14.55 28.96 -10.19
C MET C 275 14.08 30.06 -9.25
N ILE C 276 14.99 30.55 -8.41
CA ILE C 276 14.61 31.38 -7.28
C ILE C 276 14.80 32.88 -7.55
N LYS C 277 15.10 33.26 -8.79
CA LYS C 277 15.40 34.66 -9.10
C LYS C 277 14.25 35.55 -8.65
N GLY C 278 14.57 36.55 -7.85
CA GLY C 278 13.55 37.47 -7.41
C GLY C 278 12.78 37.02 -6.18
N LEU C 279 13.24 35.97 -5.52
CA LEU C 279 12.78 35.64 -4.19
C LEU C 279 13.99 35.54 -3.28
N TYR C 280 13.73 35.67 -1.99
CA TYR C 280 14.77 35.58 -0.97
C TYR C 280 15.92 36.57 -1.24
N GLY C 281 15.66 37.62 -2.03
CA GLY C 281 16.65 38.65 -2.27
C GLY C 281 17.66 38.32 -3.34
N ILE C 282 17.40 37.30 -4.15
CA ILE C 282 18.35 36.79 -5.12
C ILE C 282 18.01 37.35 -6.49
N LYS C 283 19.05 37.81 -7.22
CA LYS C 283 18.87 38.52 -8.47
C LYS C 283 19.36 37.76 -9.71
N GLU C 284 20.00 36.60 -9.55
CA GLU C 284 20.47 35.79 -10.67
C GLU C 284 19.55 34.60 -10.95
N ASP C 285 19.79 33.97 -12.10
CA ASP C 285 19.12 32.74 -12.56
C ASP C 285 19.57 31.51 -11.79
N VAL C 286 19.63 31.55 -10.48
CA VAL C 286 20.14 30.41 -9.72
C VAL C 286 18.97 29.48 -9.38
N PHE C 287 19.27 28.18 -9.37
CA PHE C 287 18.39 27.16 -8.80
C PHE C 287 18.95 26.75 -7.44
N LEU C 288 18.10 26.71 -6.43
CA LEU C 288 18.43 26.04 -5.18
C LEU C 288 17.11 25.72 -4.48
N SER C 289 17.22 25.01 -3.35
CA SER C 289 16.02 24.47 -2.69
C SER C 289 15.38 25.49 -1.77
N VAL C 290 14.08 25.72 -1.98
CA VAL C 290 13.22 26.43 -1.05
C VAL C 290 11.98 25.55 -0.96
N PRO C 291 11.03 25.83 -0.06
CA PRO C 291 9.81 24.99 0.00
C PRO C 291 8.87 25.31 -1.15
N CYS C 292 8.55 24.29 -1.96
CA CYS C 292 7.76 24.45 -3.17
C CYS C 292 6.53 23.57 -3.09
N VAL C 293 5.41 24.11 -3.55
CA VAL C 293 4.17 23.36 -3.71
C VAL C 293 4.26 22.55 -5.00
N LEU C 294 4.16 21.24 -4.85
CA LEU C 294 4.47 20.28 -5.92
C LEU C 294 3.20 19.52 -6.32
N GLY C 295 2.85 19.59 -7.60
CA GLY C 295 1.70 18.90 -8.15
C GLY C 295 1.86 18.51 -9.61
N GLN C 296 0.73 18.27 -10.29
CA GLN C 296 0.74 17.73 -11.64
C GLN C 296 1.31 18.69 -12.68
N ASN C 297 1.40 19.98 -12.37
CA ASN C 297 2.10 20.92 -13.24
C ASN C 297 3.49 21.27 -12.71
N GLY C 298 4.03 20.49 -11.79
CA GLY C 298 5.34 20.77 -11.24
C GLY C 298 5.23 21.75 -10.08
N ILE C 299 6.08 22.76 -10.09
CA ILE C 299 6.18 23.72 -8.99
C ILE C 299 5.26 24.89 -9.31
N SER C 300 4.12 24.98 -8.62
CA SER C 300 3.15 26.04 -8.87
C SER C 300 3.35 27.22 -7.93
N ASP C 301 3.92 27.01 -6.75
CA ASP C 301 4.03 28.03 -5.73
C ASP C 301 5.26 27.81 -4.85
N VAL C 302 5.77 28.89 -4.29
CA VAL C 302 6.91 28.87 -3.36
C VAL C 302 6.48 29.49 -2.04
N VAL C 303 6.78 28.79 -0.94
CA VAL C 303 6.58 29.33 0.40
C VAL C 303 7.66 30.37 0.68
N LYS C 304 7.27 31.51 1.23
CA LYS C 304 8.22 32.57 1.57
C LYS C 304 8.61 32.37 3.03
N VAL C 305 9.76 31.76 3.26
CA VAL C 305 10.19 31.54 4.63
C VAL C 305 10.85 32.78 5.17
N THR C 306 10.54 33.12 6.41
CA THR C 306 11.17 34.25 7.09
C THR C 306 12.42 33.76 7.79
N LEU C 307 13.57 34.19 7.30
CA LEU C 307 14.83 33.73 7.83
C LEU C 307 15.38 34.75 8.83
N THR C 308 16.06 34.25 9.86
CA THR C 308 16.98 35.10 10.61
C THR C 308 18.00 35.72 9.68
N SER C 309 18.69 36.74 10.18
CA SER C 309 19.70 37.40 9.35
C SER C 309 20.83 36.44 9.01
N GLU C 310 21.16 35.52 9.93
CA GLU C 310 22.24 34.56 9.70
C GLU C 310 21.80 33.49 8.71
N GLU C 311 20.58 32.97 8.89
CA GLU C 311 20.02 32.01 7.92
C GLU C 311 19.95 32.65 6.55
N GLU C 312 19.57 33.92 6.49
CA GLU C 312 19.48 34.63 5.22
C GLU C 312 20.87 34.82 4.61
N ALA C 313 21.86 35.14 5.44
CA ALA C 313 23.20 35.33 4.93
C ALA C 313 23.74 34.03 4.37
N HIS C 314 23.58 32.94 5.14
CA HIS C 314 24.00 31.60 4.70
C HIS C 314 23.33 31.21 3.38
N LEU C 315 22.08 31.62 3.15
CA LEU C 315 21.42 31.25 1.90
C LEU C 315 21.96 32.05 0.73
N LYS C 316 22.24 33.35 0.94
CA LYS C 316 22.86 34.08 -0.16
C LYS C 316 24.30 33.64 -0.41
N LYS C 317 24.96 33.02 0.58
CA LYS C 317 26.29 32.47 0.31
C LYS C 317 26.16 31.17 -0.50
N SER C 318 25.22 30.31 -0.12
CA SER C 318 24.90 29.15 -0.94
C SER C 318 24.58 29.60 -2.37
N ALA C 319 23.69 30.57 -2.50
CA ALA C 319 23.38 31.16 -3.81
C ALA C 319 24.66 31.62 -4.52
N ASP C 320 25.50 32.40 -3.81
CA ASP C 320 26.75 32.90 -4.40
C ASP C 320 27.64 31.75 -4.89
N THR C 321 27.82 30.72 -4.05
CA THR C 321 28.63 29.56 -4.38
C THR C 321 28.18 28.91 -5.67
N LEU C 322 26.87 28.67 -5.81
CA LEU C 322 26.28 28.43 -7.13
C LEU C 322 26.30 29.76 -7.91
N TRP C 323 25.99 29.71 -9.19
CA TRP C 323 26.15 30.90 -10.04
C TRP C 323 27.62 31.18 -10.33
N GLY C 324 28.46 31.24 -9.30
CA GLY C 324 29.89 31.25 -9.55
C GLY C 324 30.27 30.16 -10.53
N ILE C 325 29.59 29.02 -10.44
CA ILE C 325 29.79 27.92 -11.39
C ILE C 325 28.91 28.09 -12.60
N GLN C 326 27.61 28.41 -12.40
CA GLN C 326 26.71 28.58 -13.53
C GLN C 326 27.26 29.58 -14.54
N LYS C 327 27.78 30.71 -14.06
CA LYS C 327 28.14 31.79 -14.98
C LYS C 327 29.22 31.35 -15.94
N GLU C 328 30.07 30.41 -15.52
CA GLU C 328 31.17 29.96 -16.36
C GLU C 328 30.70 29.13 -17.55
N LEU C 329 29.61 28.39 -17.41
CA LEU C 329 29.27 27.36 -18.39
C LEU C 329 29.18 27.91 -19.82
N ALA D 1 -1.89 42.45 3.72
CA ALA D 1 -2.70 41.60 2.79
C ALA D 1 -3.02 40.22 3.39
N ALA D 2 -3.61 39.37 2.55
CA ALA D 2 -4.05 38.06 2.99
C ALA D 2 -2.89 37.20 3.46
N LEU D 3 -3.12 36.41 4.50
CA LEU D 3 -2.11 35.45 4.96
C LEU D 3 -1.59 34.60 3.79
N LYS D 4 -2.48 34.10 2.93
CA LYS D 4 -2.01 33.21 1.87
C LYS D 4 -0.98 33.91 0.99
N ASP D 5 -1.15 35.21 0.72
CA ASP D 5 -0.18 35.92 -0.10
C ASP D 5 1.05 36.32 0.70
N GLN D 6 0.91 36.54 2.01
CA GLN D 6 2.09 36.74 2.84
C GLN D 6 2.97 35.51 2.82
N LEU D 7 2.35 34.34 2.77
CA LEU D 7 3.07 33.08 2.97
C LEU D 7 3.50 32.43 1.68
N ILE D 8 2.76 32.63 0.60
CA ILE D 8 2.95 31.86 -0.62
C ILE D 8 3.08 32.82 -1.79
N HIS D 9 4.15 32.66 -2.56
CA HIS D 9 4.30 33.36 -3.83
C HIS D 9 3.81 32.46 -4.96
N ASN D 10 2.76 32.90 -5.64
CA ASN D 10 2.19 32.11 -6.73
C ASN D 10 3.05 32.27 -7.98
N LEU D 11 3.42 31.15 -8.59
CA LEU D 11 4.27 31.18 -9.77
C LEU D 11 3.53 30.76 -11.02
N LEU D 12 2.30 30.27 -10.87
CA LEU D 12 1.65 29.50 -11.90
C LEU D 12 0.14 29.62 -11.76
N LYS D 13 -0.50 30.21 -12.76
CA LYS D 13 -1.94 30.20 -12.87
C LYS D 13 -2.35 28.90 -13.54
N GLU D 14 -3.13 28.09 -12.84
CA GLU D 14 -3.48 26.76 -13.32
C GLU D 14 -4.98 26.64 -13.53
N GLU D 15 -5.36 26.18 -14.72
CA GLU D 15 -6.70 25.67 -14.96
C GLU D 15 -6.70 24.18 -14.66
N HIS D 16 -7.77 23.69 -14.07
CA HIS D 16 -7.79 22.31 -13.60
C HIS D 16 -8.18 21.39 -14.74
N VAL D 17 -7.23 20.59 -15.19
CA VAL D 17 -7.45 19.48 -16.11
C VAL D 17 -7.22 18.18 -15.33
N PRO D 18 -8.25 17.39 -15.04
CA PRO D 18 -8.04 16.19 -14.22
C PRO D 18 -7.50 15.05 -15.06
N GLN D 19 -6.59 14.28 -14.47
CA GLN D 19 -5.84 13.27 -15.22
C GLN D 19 -6.28 11.84 -14.92
N ASN D 20 -6.75 11.58 -13.71
CA ASN D 20 -7.12 10.25 -13.26
C ASN D 20 -8.42 10.35 -12.44
N LYS D 21 -9.43 10.94 -13.04
CA LYS D 21 -10.67 11.23 -12.33
C LYS D 21 -11.65 10.07 -12.38
N ILE D 22 -12.25 9.74 -11.23
CA ILE D 22 -13.31 8.75 -11.11
C ILE D 22 -14.55 9.43 -10.54
N THR D 23 -15.71 9.10 -11.10
CA THR D 23 -17.00 9.56 -10.61
C THR D 23 -17.78 8.36 -10.07
N VAL D 24 -18.45 8.58 -8.95
CA VAL D 24 -19.41 7.64 -8.38
C VAL D 24 -20.76 8.32 -8.43
N VAL D 25 -21.69 7.71 -9.14
CA VAL D 25 -23.07 8.16 -9.19
C VAL D 25 -23.82 7.40 -8.12
N GLY D 26 -24.41 8.15 -7.19
CA GLY D 26 -25.12 7.60 -6.06
C GLY D 26 -24.32 7.52 -4.78
N VAL D 27 -24.70 8.27 -3.74
CA VAL D 27 -23.97 8.21 -2.47
C VAL D 27 -24.76 7.41 -1.45
N GLY D 28 -25.47 6.38 -1.91
CA GLY D 28 -26.01 5.41 -1.00
C GLY D 28 -24.96 4.49 -0.39
N ALA D 29 -25.44 3.39 0.20
CA ALA D 29 -24.53 2.47 0.86
C ALA D 29 -23.48 1.92 -0.10
N VAL D 30 -23.89 1.54 -1.31
CA VAL D 30 -22.95 0.95 -2.27
C VAL D 30 -21.99 2.02 -2.78
N GLY D 31 -22.54 3.17 -3.17
CA GLY D 31 -21.69 4.23 -3.71
C GLY D 31 -20.62 4.68 -2.74
N MET D 32 -20.96 4.80 -1.45
CA MET D 32 -19.95 5.25 -0.49
C MET D 32 -18.96 4.14 -0.14
N ALA D 33 -19.39 2.88 -0.20
CA ALA D 33 -18.44 1.76 -0.05
C ALA D 33 -17.48 1.72 -1.23
N CYS D 34 -17.98 1.94 -2.45
CA CYS D 34 -17.10 2.13 -3.60
C CYS D 34 -16.14 3.30 -3.39
N ALA D 35 -16.66 4.44 -2.92
CA ALA D 35 -15.84 5.63 -2.74
C ALA D 35 -14.70 5.38 -1.78
N ILE D 36 -15.00 4.83 -0.59
CA ILE D 36 -13.94 4.68 0.41
C ILE D 36 -12.89 3.67 -0.05
N SER D 37 -13.32 2.61 -0.71
CA SER D 37 -12.37 1.62 -1.23
C SER D 37 -11.48 2.17 -2.30
N ILE D 38 -12.03 3.02 -3.17
CA ILE D 38 -11.24 3.67 -4.22
C ILE D 38 -10.26 4.66 -3.59
N LEU D 39 -10.72 5.40 -2.59
CA LEU D 39 -9.85 6.34 -1.92
C LEU D 39 -8.70 5.65 -1.23
N MET D 40 -9.01 4.56 -0.51
CA MET D 40 -7.97 3.86 0.21
C MET D 40 -7.07 3.02 -0.71
N LYS D 41 -7.39 2.91 -1.99
CA LYS D 41 -6.49 2.23 -2.91
C LYS D 41 -5.76 3.19 -3.84
N ASP D 42 -5.93 4.49 -3.66
CA ASP D 42 -5.19 5.51 -4.40
C ASP D 42 -5.37 5.39 -5.91
N LEU D 43 -6.61 5.15 -6.35
CA LEU D 43 -6.84 4.94 -7.77
C LEU D 43 -7.14 6.22 -8.55
N ALA D 44 -7.57 7.28 -7.89
CA ALA D 44 -7.96 8.51 -8.58
C ALA D 44 -7.20 9.68 -7.98
N ASP D 45 -6.94 10.71 -8.80
CA ASP D 45 -6.44 11.96 -8.25
C ASP D 45 -7.56 12.95 -8.06
N GLU D 46 -8.77 12.58 -8.46
CA GLU D 46 -9.94 13.38 -8.19
C GLU D 46 -11.13 12.44 -8.12
N LEU D 47 -11.94 12.56 -7.08
CA LEU D 47 -13.14 11.74 -6.93
C LEU D 47 -14.33 12.68 -6.96
N ALA D 48 -15.29 12.38 -7.83
CA ALA D 48 -16.50 13.20 -7.92
C ALA D 48 -17.70 12.34 -7.54
N LEU D 49 -18.58 12.90 -6.74
CA LEU D 49 -19.81 12.25 -6.32
C LEU D 49 -20.98 13.03 -6.88
N VAL D 50 -21.94 12.30 -7.45
CA VAL D 50 -23.17 12.91 -7.93
C VAL D 50 -24.37 12.15 -7.37
N ASP D 51 -25.41 12.91 -7.04
CA ASP D 51 -26.67 12.31 -6.62
C ASP D 51 -27.75 13.38 -6.75
N VAL D 52 -28.99 13.02 -6.41
CA VAL D 52 -30.13 13.89 -6.63
C VAL D 52 -30.54 14.67 -5.39
N MET D 53 -30.11 14.25 -4.21
CA MET D 53 -30.44 14.94 -2.96
C MET D 53 -29.18 15.67 -2.44
N GLU D 54 -29.28 16.98 -2.29
CA GLU D 54 -28.11 17.84 -2.10
C GLU D 54 -27.55 17.78 -0.70
N ASP D 55 -28.40 17.59 0.31
CA ASP D 55 -27.92 17.50 1.69
C ASP D 55 -27.11 16.23 1.93
N LYS D 56 -27.67 15.07 1.61
CA LYS D 56 -26.95 13.80 1.74
C LYS D 56 -25.62 13.87 1.00
N LEU D 57 -25.63 14.41 -0.21
CA LEU D 57 -24.45 14.52 -1.03
C LEU D 57 -23.39 15.38 -0.37
N LYS D 58 -23.77 16.55 0.14
CA LYS D 58 -22.78 17.42 0.74
C LYS D 58 -22.28 16.79 2.02
N GLY D 59 -23.15 16.09 2.73
CA GLY D 59 -22.75 15.48 3.98
C GLY D 59 -21.71 14.40 3.77
N GLU D 60 -21.93 13.55 2.76
CA GLU D 60 -20.97 12.48 2.48
C GLU D 60 -19.64 13.06 1.98
N MET D 61 -19.68 14.00 1.03
CA MET D 61 -18.47 14.70 0.60
C MET D 61 -17.67 15.28 1.78
N MET D 62 -18.32 16.05 2.67
CA MET D 62 -17.57 16.68 3.76
C MET D 62 -16.94 15.62 4.66
N ASP D 63 -17.66 14.51 4.89
CA ASP D 63 -17.16 13.45 5.78
C ASP D 63 -15.89 12.85 5.18
N LEU D 64 -15.85 12.69 3.84
CA LEU D 64 -14.64 12.19 3.19
C LEU D 64 -13.54 13.25 3.20
N GLN D 65 -13.90 14.49 2.89
CA GLN D 65 -12.93 15.60 2.90
C GLN D 65 -12.23 15.72 4.24
N HIS D 66 -12.98 15.52 5.32
CA HIS D 66 -12.41 15.62 6.66
C HIS D 66 -11.30 14.61 6.91
N GLY D 67 -11.26 13.50 6.17
CA GLY D 67 -10.17 12.54 6.26
C GLY D 67 -9.05 12.75 5.26
N SER D 68 -8.99 13.91 4.59
CA SER D 68 -8.00 14.13 3.54
C SER D 68 -6.60 13.93 4.06
N LEU D 69 -6.35 14.32 5.32
CA LEU D 69 -5.02 14.15 5.92
C LEU D 69 -4.53 12.72 5.79
N PHE D 70 -5.45 11.75 5.75
CA PHE D 70 -5.13 10.34 5.82
C PHE D 70 -5.18 9.67 4.45
N LEU D 71 -5.46 10.44 3.41
CA LEU D 71 -5.60 9.94 2.06
C LEU D 71 -4.56 10.57 1.14
N ARG D 72 -4.50 10.09 -0.08
CA ARG D 72 -3.62 10.62 -1.11
C ARG D 72 -4.42 10.92 -2.38
N THR D 73 -5.66 11.36 -2.19
CA THR D 73 -6.51 11.82 -3.28
C THR D 73 -6.85 13.27 -2.98
N PRO D 74 -6.28 14.24 -3.70
CA PRO D 74 -6.30 15.63 -3.20
C PRO D 74 -7.59 16.38 -3.46
N LYS D 75 -8.44 15.91 -4.39
CA LYS D 75 -9.62 16.65 -4.81
C LYS D 75 -10.81 15.73 -4.69
N ILE D 76 -11.72 16.04 -3.77
CA ILE D 76 -12.98 15.32 -3.63
C ILE D 76 -14.08 16.36 -3.80
N VAL D 77 -14.98 16.13 -4.75
CA VAL D 77 -15.99 17.12 -5.09
C VAL D 77 -17.33 16.43 -5.22
N SER D 78 -18.39 17.24 -5.23
CA SER D 78 -19.72 16.66 -5.36
C SER D 78 -20.67 17.74 -5.88
N GLY D 79 -21.74 17.30 -6.53
CA GLY D 79 -22.81 18.20 -6.93
C GLY D 79 -23.97 17.43 -7.53
N LYS D 80 -25.13 18.08 -7.51
CA LYS D 80 -26.29 17.52 -8.21
C LYS D 80 -26.19 17.70 -9.71
N ASP D 81 -25.39 18.65 -10.20
CA ASP D 81 -25.25 18.82 -11.64
C ASP D 81 -24.08 18.00 -12.13
N TYR D 82 -24.27 17.35 -13.27
CA TYR D 82 -23.27 16.43 -13.81
C TYR D 82 -22.05 17.14 -14.37
N SER D 83 -22.05 18.48 -14.43
CA SER D 83 -20.82 19.18 -14.76
C SER D 83 -19.68 18.82 -13.80
N VAL D 84 -19.99 18.45 -12.55
CA VAL D 84 -18.90 18.09 -11.63
C VAL D 84 -18.23 16.79 -12.00
N THR D 85 -18.90 15.94 -12.79
CA THR D 85 -18.32 14.69 -13.27
C THR D 85 -17.50 14.82 -14.54
N ALA D 86 -17.37 16.00 -15.11
CA ALA D 86 -16.80 16.15 -16.45
C ALA D 86 -15.39 15.57 -16.54
N ASN D 87 -15.12 14.90 -17.66
CA ASN D 87 -13.79 14.37 -18.01
C ASN D 87 -13.32 13.26 -17.08
N SER D 88 -14.26 12.46 -16.59
CA SER D 88 -13.90 11.27 -15.83
C SER D 88 -13.38 10.16 -16.75
N LYS D 89 -12.36 9.43 -16.27
CA LYS D 89 -11.90 8.24 -16.97
C LYS D 89 -12.88 7.09 -16.77
N LEU D 90 -13.48 7.03 -15.59
CA LEU D 90 -14.29 5.92 -15.13
C LEU D 90 -15.45 6.51 -14.33
N VAL D 91 -16.68 6.11 -14.68
CA VAL D 91 -17.91 6.54 -14.02
C VAL D 91 -18.63 5.30 -13.52
N ILE D 92 -18.76 5.20 -12.21
CA ILE D 92 -19.29 4.03 -11.54
C ILE D 92 -20.75 4.32 -11.19
N ILE D 93 -21.68 3.51 -11.69
CA ILE D 93 -23.11 3.82 -11.50
C ILE D 93 -23.70 2.91 -10.42
N THR D 94 -24.14 3.52 -9.28
CA THR D 94 -24.69 2.76 -8.16
C THR D 94 -26.08 3.23 -7.77
N ALA D 95 -26.63 4.18 -8.52
CA ALA D 95 -27.94 4.73 -8.22
C ALA D 95 -29.02 3.70 -8.53
N GLY D 96 -30.02 3.60 -7.67
CA GLY D 96 -31.21 2.83 -7.99
C GLY D 96 -31.85 2.24 -6.74
N ALA D 97 -33.04 1.68 -6.96
CA ALA D 97 -33.72 0.94 -5.92
C ALA D 97 -32.97 -0.35 -5.60
N ARG D 98 -33.03 -0.77 -4.34
CA ARG D 98 -32.39 -2.00 -3.91
C ARG D 98 -33.45 -2.98 -3.40
N GLN D 99 -33.01 -4.22 -3.15
CA GLN D 99 -33.93 -5.29 -2.78
C GLN D 99 -34.47 -5.12 -1.37
N GLN D 100 -35.78 -5.36 -1.21
CA GLN D 100 -36.33 -5.70 0.10
C GLN D 100 -35.98 -7.14 0.43
N GLU D 101 -36.24 -7.52 1.68
CA GLU D 101 -36.03 -8.90 2.10
C GLU D 101 -36.80 -9.83 1.19
N GLY D 102 -36.11 -10.84 0.65
CA GLY D 102 -36.76 -11.80 -0.21
C GLY D 102 -37.00 -11.40 -1.65
N GLU D 103 -36.77 -10.13 -2.02
CA GLU D 103 -37.03 -9.67 -3.38
C GLU D 103 -35.89 -10.03 -4.34
N SER D 104 -36.27 -10.44 -5.55
CA SER D 104 -35.31 -10.69 -6.62
C SER D 104 -34.76 -9.37 -7.17
N ARG D 105 -33.47 -9.39 -7.51
CA ARG D 105 -32.86 -8.29 -8.25
C ARG D 105 -33.63 -7.98 -9.51
N LEU D 106 -34.22 -9.00 -10.14
CA LEU D 106 -34.89 -8.76 -11.40
C LEU D 106 -36.15 -7.91 -11.21
N ASN D 107 -36.68 -7.88 -9.99
CA ASN D 107 -37.89 -7.08 -9.70
C ASN D 107 -37.58 -5.59 -9.61
N LEU D 108 -36.30 -5.21 -9.68
CA LEU D 108 -35.89 -3.82 -9.63
C LEU D 108 -35.86 -3.20 -11.01
N VAL D 109 -36.12 -3.98 -12.05
CA VAL D 109 -35.79 -3.51 -13.40
C VAL D 109 -36.62 -2.30 -13.82
N GLN D 110 -37.94 -2.32 -13.62
CA GLN D 110 -38.74 -1.20 -14.12
C GLN D 110 -38.31 0.12 -13.46
N ARG D 111 -38.13 0.09 -12.13
CA ARG D 111 -37.70 1.28 -11.42
C ARG D 111 -36.33 1.78 -11.90
N ASN D 112 -35.36 0.89 -12.03
CA ASN D 112 -34.01 1.39 -12.29
C ASN D 112 -33.76 1.64 -13.77
N VAL D 113 -34.44 0.95 -14.68
CA VAL D 113 -34.38 1.36 -16.07
C VAL D 113 -34.74 2.83 -16.23
N ASN D 114 -35.87 3.22 -15.63
CA ASN D 114 -36.29 4.61 -15.73
C ASN D 114 -35.24 5.54 -15.15
N ILE D 115 -34.62 5.16 -14.03
CA ILE D 115 -33.55 5.97 -13.47
C ILE D 115 -32.37 6.08 -14.44
N PHE D 116 -32.05 5.00 -15.18
CA PHE D 116 -30.90 5.09 -16.07
C PHE D 116 -31.19 6.00 -17.24
N LYS D 117 -32.45 6.12 -17.66
CA LYS D 117 -32.79 7.06 -18.73
C LYS D 117 -32.49 8.49 -18.32
N PHE D 118 -32.54 8.80 -17.03
CA PHE D 118 -32.11 10.12 -16.57
C PHE D 118 -30.60 10.19 -16.39
N ILE D 119 -30.00 9.18 -15.77
CA ILE D 119 -28.59 9.25 -15.40
C ILE D 119 -27.70 9.16 -16.62
N ILE D 120 -27.88 8.13 -17.45
CA ILE D 120 -26.86 7.81 -18.46
C ILE D 120 -26.67 8.95 -19.44
N PRO D 121 -27.71 9.62 -19.95
CA PRO D 121 -27.45 10.72 -20.89
C PRO D 121 -26.64 11.83 -20.24
N ASN D 122 -26.80 12.01 -18.94
CA ASN D 122 -26.07 13.05 -18.23
C ASN D 122 -24.60 12.68 -18.10
N VAL D 123 -24.33 11.42 -17.75
CA VAL D 123 -22.95 10.96 -17.68
C VAL D 123 -22.26 11.18 -19.01
N VAL D 124 -22.88 10.71 -20.08
CA VAL D 124 -22.25 10.67 -21.40
C VAL D 124 -22.06 12.09 -21.94
N LYS D 125 -22.92 13.03 -21.55
CA LYS D 125 -22.74 14.42 -21.96
C LYS D 125 -21.37 14.94 -21.51
N TYR D 126 -21.01 14.68 -20.24
CA TYR D 126 -19.84 15.29 -19.63
C TYR D 126 -18.57 14.45 -19.64
N SER D 127 -18.67 13.13 -19.84
CA SER D 127 -17.49 12.26 -19.95
C SER D 127 -17.72 11.33 -21.12
N PRO D 128 -17.65 11.87 -22.34
CA PRO D 128 -17.95 11.08 -23.54
C PRO D 128 -16.95 9.98 -23.81
N HIS D 129 -15.76 10.04 -23.21
CA HIS D 129 -14.70 9.05 -23.43
C HIS D 129 -14.52 8.09 -22.25
N CYS D 130 -15.39 8.17 -21.25
CA CYS D 130 -15.21 7.35 -20.06
C CYS D 130 -15.50 5.89 -20.37
N LYS D 131 -15.10 5.05 -19.41
CA LYS D 131 -15.63 3.71 -19.23
C LYS D 131 -16.80 3.79 -18.25
N LEU D 132 -17.88 3.08 -18.56
CA LEU D 132 -19.02 2.98 -17.66
C LEU D 132 -18.93 1.66 -16.94
N LEU D 133 -19.00 1.72 -15.63
CA LEU D 133 -19.02 0.53 -14.78
C LEU D 133 -20.34 0.53 -14.02
N VAL D 134 -21.24 -0.36 -14.39
CA VAL D 134 -22.59 -0.38 -13.85
C VAL D 134 -22.61 -1.30 -12.64
N VAL D 135 -23.12 -0.80 -11.52
CA VAL D 135 -23.30 -1.63 -10.33
C VAL D 135 -24.76 -1.85 -9.99
N SER D 136 -25.63 -0.89 -10.29
CA SER D 136 -27.03 -0.97 -9.91
C SER D 136 -27.66 -2.25 -10.42
N ASN D 137 -28.68 -2.74 -9.71
CA ASN D 137 -29.27 -4.04 -10.06
C ASN D 137 -30.60 -3.90 -10.78
N PRO D 138 -30.96 -4.89 -11.61
CA PRO D 138 -30.19 -6.10 -11.98
C PRO D 138 -29.05 -5.76 -12.91
N VAL D 139 -27.83 -6.10 -12.49
CA VAL D 139 -26.66 -5.44 -13.05
C VAL D 139 -26.48 -5.81 -14.52
N ASP D 140 -26.76 -7.06 -14.88
CA ASP D 140 -26.59 -7.46 -16.28
C ASP D 140 -27.54 -6.69 -17.19
N ILE D 141 -28.81 -6.60 -16.82
CA ILE D 141 -29.77 -5.89 -17.67
C ILE D 141 -29.46 -4.40 -17.70
N LEU D 142 -29.08 -3.82 -16.56
CA LEU D 142 -28.76 -2.39 -16.57
C LEU D 142 -27.45 -2.05 -17.29
N THR D 143 -26.49 -2.98 -17.42
CA THR D 143 -25.36 -2.72 -18.31
C THR D 143 -25.83 -2.65 -19.75
N TYR D 144 -26.70 -3.59 -20.14
CA TYR D 144 -27.35 -3.53 -21.46
C TYR D 144 -28.02 -2.20 -21.68
N VAL D 145 -28.85 -1.79 -20.74
CA VAL D 145 -29.52 -0.50 -20.82
C VAL D 145 -28.51 0.63 -20.98
N ALA D 146 -27.47 0.66 -20.14
CA ALA D 146 -26.49 1.74 -20.27
C ALA D 146 -25.83 1.71 -21.64
N TRP D 147 -25.59 0.51 -22.17
CA TRP D 147 -25.05 0.39 -23.53
C TRP D 147 -25.98 0.99 -24.57
N LYS D 148 -27.25 0.58 -24.59
CA LYS D 148 -28.18 1.12 -25.58
C LYS D 148 -28.36 2.63 -25.45
N ILE D 149 -28.44 3.13 -24.22
CA ILE D 149 -28.66 4.57 -24.04
C ILE D 149 -27.39 5.36 -24.38
N SER D 150 -26.23 4.88 -23.94
CA SER D 150 -25.01 5.69 -24.08
C SER D 150 -24.58 5.80 -25.53
N GLY D 151 -24.77 4.75 -26.31
CA GLY D 151 -24.19 4.69 -27.62
C GLY D 151 -22.73 4.35 -27.64
N PHE D 152 -22.16 3.96 -26.50
CA PHE D 152 -20.75 3.62 -26.41
C PHE D 152 -20.50 2.27 -27.10
N PRO D 153 -19.29 2.04 -27.62
CA PRO D 153 -18.92 0.68 -28.02
C PRO D 153 -18.90 -0.23 -26.81
N LYS D 154 -19.15 -1.52 -27.05
CA LYS D 154 -19.39 -2.45 -25.95
C LYS D 154 -18.16 -2.62 -25.03
N ASN D 155 -16.95 -2.32 -25.51
CA ASN D 155 -15.79 -2.46 -24.64
C ASN D 155 -15.80 -1.48 -23.48
N ARG D 156 -16.58 -0.41 -23.58
CA ARG D 156 -16.56 0.68 -22.61
C ARG D 156 -17.77 0.64 -21.69
N VAL D 157 -18.61 -0.36 -21.80
CA VAL D 157 -19.78 -0.50 -20.95
C VAL D 157 -19.70 -1.86 -20.25
N ILE D 158 -19.42 -1.81 -18.96
CA ILE D 158 -19.03 -2.95 -18.14
C ILE D 158 -19.96 -3.03 -16.95
N GLY D 159 -20.42 -4.24 -16.62
CA GLY D 159 -21.18 -4.49 -15.40
C GLY D 159 -20.30 -5.20 -14.39
N SER D 160 -20.41 -4.79 -13.11
CA SER D 160 -19.61 -5.42 -12.08
C SER D 160 -19.83 -6.94 -12.03
N GLY D 161 -21.03 -7.40 -12.37
CA GLY D 161 -21.26 -8.82 -12.69
C GLY D 161 -20.94 -9.81 -11.57
N CYS D 162 -20.26 -10.90 -11.94
CA CYS D 162 -19.92 -11.98 -11.01
C CYS D 162 -18.51 -11.86 -10.41
N ASN D 163 -17.87 -10.69 -10.49
CA ASN D 163 -16.61 -10.52 -9.77
C ASN D 163 -16.84 -10.81 -8.30
N LEU D 164 -17.97 -10.29 -7.77
CA LEU D 164 -18.32 -10.49 -6.36
C LEU D 164 -18.78 -11.93 -6.07
N ASP D 165 -19.65 -12.50 -6.92
CA ASP D 165 -20.02 -13.90 -6.72
C ASP D 165 -18.78 -14.80 -6.69
N SER D 166 -17.86 -14.56 -7.61
CA SER D 166 -16.64 -15.38 -7.64
C SER D 166 -15.80 -15.18 -6.40
N ALA D 167 -15.70 -13.94 -5.91
CA ALA D 167 -15.04 -13.69 -4.64
C ALA D 167 -15.73 -14.43 -3.49
N ARG D 168 -17.07 -14.42 -3.46
CA ARG D 168 -17.78 -15.11 -2.39
C ARG D 168 -17.51 -16.61 -2.46
N PHE D 169 -17.55 -17.16 -3.66
CA PHE D 169 -17.31 -18.59 -3.85
C PHE D 169 -15.90 -18.98 -3.40
N ARG D 170 -14.91 -18.18 -3.78
CA ARG D 170 -13.53 -18.48 -3.42
C ARG D 170 -13.30 -18.40 -1.92
N TYR D 171 -13.95 -17.41 -1.24
CA TYR D 171 -13.88 -17.33 0.21
C TYR D 171 -14.43 -18.60 0.86
N LEU D 172 -15.64 -19.03 0.45
CA LEU D 172 -16.23 -20.26 1.01
C LEU D 172 -15.40 -21.48 0.68
N MET D 173 -14.90 -21.56 -0.55
CA MET D 173 -14.00 -22.66 -0.88
C MET D 173 -12.76 -22.65 0.03
N GLY D 174 -12.16 -21.49 0.26
CA GLY D 174 -10.96 -21.45 1.08
C GLY D 174 -11.22 -21.83 2.53
N GLU D 175 -12.38 -21.45 3.06
CA GLU D 175 -12.72 -21.82 4.43
C GLU D 175 -12.81 -23.32 4.59
N ARG D 176 -13.41 -24.02 3.61
CA ARG D 176 -13.49 -25.47 3.66
C ARG D 176 -12.13 -26.12 3.46
N LEU D 177 -11.29 -25.56 2.59
CA LEU D 177 -10.03 -26.20 2.25
C LEU D 177 -8.87 -25.75 3.11
N GLY D 178 -9.03 -24.64 3.84
CA GLY D 178 -8.00 -24.20 4.76
C GLY D 178 -6.87 -23.43 4.10
N VAL D 179 -7.16 -22.73 3.01
CA VAL D 179 -6.22 -21.85 2.34
C VAL D 179 -6.92 -20.52 2.08
N HIS D 180 -6.11 -19.51 1.77
CA HIS D 180 -6.64 -18.18 1.43
C HIS D 180 -7.44 -18.24 0.14
N ALA D 181 -8.51 -17.43 0.08
CA ALA D 181 -9.29 -17.27 -1.15
C ALA D 181 -8.42 -16.96 -2.36
N LEU D 182 -7.31 -16.24 -2.15
CA LEU D 182 -6.40 -15.95 -3.26
C LEU D 182 -5.90 -17.22 -3.93
N SER D 183 -5.74 -18.30 -3.17
CA SER D 183 -5.18 -19.54 -3.68
C SER D 183 -6.24 -20.54 -4.14
N CYS D 184 -7.51 -20.18 -4.02
CA CYS D 184 -8.61 -21.03 -4.48
C CYS D 184 -9.17 -20.45 -5.77
N HIS D 185 -9.07 -21.17 -6.86
CA HIS D 185 -9.53 -20.63 -8.13
C HIS D 185 -10.80 -21.34 -8.56
N GLY D 186 -11.81 -20.55 -8.91
CA GLY D 186 -13.13 -21.05 -9.29
C GLY D 186 -13.89 -19.88 -9.86
N TRP D 187 -14.75 -20.11 -10.85
CA TRP D 187 -15.40 -19.05 -11.60
C TRP D 187 -16.91 -19.24 -11.56
N ILE D 188 -17.60 -18.19 -11.13
CA ILE D 188 -19.07 -18.07 -11.23
C ILE D 188 -19.37 -17.14 -12.40
N LEU D 189 -20.10 -17.65 -13.37
CA LEU D 189 -20.41 -16.92 -14.61
C LEU D 189 -21.93 -16.72 -14.73
N GLY D 190 -22.34 -16.01 -15.77
CA GLY D 190 -23.76 -15.84 -16.05
C GLY D 190 -24.40 -14.64 -15.38
N GLU D 191 -25.67 -14.75 -15.01
CA GLU D 191 -26.32 -13.65 -14.29
C GLU D 191 -25.74 -13.45 -12.90
N HIS D 192 -25.56 -12.18 -12.52
CA HIS D 192 -25.29 -11.88 -11.11
C HIS D 192 -26.62 -12.00 -10.39
N GLY D 193 -26.92 -13.19 -9.90
CA GLY D 193 -28.29 -13.49 -9.49
C GLY D 193 -28.53 -15.00 -9.42
N ASP D 194 -29.82 -15.34 -9.36
CA ASP D 194 -30.25 -16.69 -9.01
C ASP D 194 -29.79 -17.73 -10.03
N SER D 195 -29.59 -17.34 -11.28
CA SER D 195 -29.23 -18.27 -12.32
C SER D 195 -27.73 -18.30 -12.59
N SER D 196 -26.91 -17.80 -11.67
CA SER D 196 -25.46 -17.89 -11.90
C SER D 196 -25.00 -19.36 -12.03
N VAL D 197 -23.86 -19.51 -12.69
CA VAL D 197 -23.32 -20.79 -13.16
C VAL D 197 -21.95 -21.08 -12.57
N PRO D 198 -21.84 -22.01 -11.62
CA PRO D 198 -20.52 -22.43 -11.15
C PRO D 198 -19.83 -23.31 -12.18
N VAL D 199 -18.57 -22.99 -12.49
CA VAL D 199 -17.80 -23.76 -13.45
C VAL D 199 -16.93 -24.78 -12.72
N TRP D 200 -17.57 -25.85 -12.27
CA TRP D 200 -16.90 -26.90 -11.51
C TRP D 200 -15.66 -27.44 -12.22
N SER D 201 -15.71 -27.51 -13.56
CA SER D 201 -14.65 -28.14 -14.34
C SER D 201 -13.34 -27.39 -14.27
N GLY D 202 -13.38 -26.15 -13.79
CA GLY D 202 -12.23 -25.25 -13.82
C GLY D 202 -11.67 -24.98 -12.44
N MET D 203 -12.39 -25.42 -11.40
CA MET D 203 -11.97 -25.17 -10.02
C MET D 203 -10.68 -25.93 -9.72
N ASN D 204 -9.74 -25.23 -9.06
CA ASN D 204 -8.43 -25.82 -8.83
C ASN D 204 -7.71 -25.05 -7.74
N VAL D 205 -6.81 -25.75 -7.05
CA VAL D 205 -5.78 -25.14 -6.21
C VAL D 205 -4.43 -25.55 -6.77
N ALA D 206 -3.57 -24.57 -7.01
CA ALA D 206 -2.23 -24.84 -7.57
C ALA D 206 -2.28 -25.65 -8.87
N GLY D 207 -3.36 -25.48 -9.63
CA GLY D 207 -3.52 -26.17 -10.91
C GLY D 207 -4.01 -27.59 -10.79
N VAL D 208 -4.32 -28.03 -9.57
CA VAL D 208 -4.88 -29.33 -9.35
C VAL D 208 -6.39 -29.24 -9.51
N SER D 209 -6.92 -29.96 -10.50
CA SER D 209 -8.35 -29.98 -10.78
C SER D 209 -9.10 -30.63 -9.62
N LEU D 210 -9.99 -29.87 -8.98
CA LEU D 210 -10.73 -30.45 -7.87
C LEU D 210 -11.71 -31.49 -8.35
N LYS D 211 -12.27 -31.30 -9.55
CA LYS D 211 -13.26 -32.26 -10.00
C LYS D 211 -12.60 -33.57 -10.39
N THR D 212 -11.35 -33.54 -10.84
CA THR D 212 -10.60 -34.76 -11.06
C THR D 212 -10.35 -35.52 -9.76
N LEU D 213 -9.97 -34.80 -8.70
CA LEU D 213 -9.77 -35.49 -7.43
C LEU D 213 -11.07 -36.01 -6.85
N HIS D 214 -12.17 -35.31 -7.12
CA HIS D 214 -13.43 -35.53 -6.40
C HIS D 214 -14.54 -35.53 -7.45
N PRO D 215 -14.72 -36.65 -8.15
CA PRO D 215 -15.49 -36.63 -9.39
C PRO D 215 -16.93 -36.22 -9.23
N GLU D 216 -17.51 -36.38 -8.04
CA GLU D 216 -18.89 -35.96 -7.83
C GLU D 216 -19.03 -34.46 -7.60
N LEU D 217 -17.93 -33.73 -7.57
CA LEU D 217 -18.00 -32.28 -7.42
C LEU D 217 -19.05 -31.71 -8.36
N GLY D 218 -20.03 -30.99 -7.79
CA GLY D 218 -21.01 -30.27 -8.58
C GLY D 218 -22.27 -31.06 -8.89
N THR D 219 -22.33 -32.33 -8.52
CA THR D 219 -23.48 -33.19 -8.74
C THR D 219 -24.28 -33.29 -7.47
N ASP D 220 -25.50 -33.83 -7.61
CA ASP D 220 -26.32 -34.09 -6.44
C ASP D 220 -25.95 -35.39 -5.76
N ALA D 221 -25.11 -36.22 -6.37
CA ALA D 221 -24.66 -37.47 -5.76
C ALA D 221 -23.47 -37.28 -4.84
N ASP D 222 -22.99 -36.06 -4.66
CA ASP D 222 -21.76 -35.80 -3.93
C ASP D 222 -22.02 -35.85 -2.42
N LYS D 223 -21.31 -36.75 -1.72
CA LYS D 223 -21.49 -36.92 -0.28
C LYS D 223 -21.12 -35.67 0.49
N GLU D 224 -20.26 -34.81 -0.06
CA GLU D 224 -19.88 -33.56 0.60
C GLU D 224 -20.74 -32.38 0.19
N GLN D 225 -21.59 -32.54 -0.82
CA GLN D 225 -22.57 -31.51 -1.14
C GLN D 225 -21.89 -30.18 -1.46
N TRP D 226 -20.81 -30.23 -2.23
CA TRP D 226 -20.18 -29.01 -2.71
C TRP D 226 -21.13 -28.14 -3.52
N LYS D 227 -22.19 -28.71 -4.08
CA LYS D 227 -23.17 -27.87 -4.76
C LYS D 227 -23.82 -26.89 -3.79
N GLN D 228 -23.91 -27.22 -2.49
CA GLN D 228 -24.48 -26.27 -1.54
C GLN D 228 -23.58 -25.07 -1.33
N VAL D 229 -22.33 -25.12 -1.79
CA VAL D 229 -21.46 -23.97 -1.67
C VAL D 229 -21.88 -22.92 -2.69
N HIS D 230 -22.23 -23.35 -3.90
CA HIS D 230 -22.76 -22.42 -4.89
C HIS D 230 -24.14 -21.92 -4.46
N LYS D 231 -24.93 -22.77 -3.82
CA LYS D 231 -26.22 -22.33 -3.29
C LYS D 231 -26.03 -21.23 -2.26
N GLN D 232 -24.99 -21.34 -1.43
CA GLN D 232 -24.69 -20.28 -0.48
C GLN D 232 -24.31 -18.98 -1.18
N VAL D 233 -23.62 -19.08 -2.31
CA VAL D 233 -23.30 -17.89 -3.09
C VAL D 233 -24.60 -17.25 -3.60
N VAL D 234 -25.48 -18.05 -4.17
CA VAL D 234 -26.74 -17.51 -4.67
C VAL D 234 -27.52 -16.85 -3.54
N ASP D 235 -27.49 -17.45 -2.36
CA ASP D 235 -28.32 -17.01 -1.25
C ASP D 235 -27.67 -15.89 -0.46
N SER D 236 -26.37 -15.67 -0.65
CA SER D 236 -25.59 -14.81 0.24
C SER D 236 -26.21 -13.43 0.37
N ALA D 237 -26.56 -12.78 -0.74
CA ALA D 237 -27.07 -11.41 -0.61
C ALA D 237 -28.42 -11.36 0.12
N TYR D 238 -29.29 -12.32 -0.12
CA TYR D 238 -30.56 -12.36 0.61
C TYR D 238 -30.32 -12.61 2.09
N GLU D 239 -29.30 -13.40 2.41
CA GLU D 239 -28.99 -13.65 3.81
C GLU D 239 -28.48 -12.38 4.50
N VAL D 240 -27.55 -11.68 3.85
CA VAL D 240 -27.01 -10.43 4.42
C VAL D 240 -28.09 -9.35 4.49
N ILE D 241 -28.96 -9.29 3.49
CA ILE D 241 -30.06 -8.32 3.51
C ILE D 241 -30.97 -8.58 4.71
N LYS D 242 -31.30 -9.84 4.93
CA LYS D 242 -32.12 -10.22 6.09
C LYS D 242 -31.49 -9.79 7.40
N LEU D 243 -30.16 -9.81 7.48
CA LEU D 243 -29.42 -9.60 8.73
C LEU D 243 -29.14 -8.12 8.98
N LYS D 244 -28.68 -7.37 7.97
CA LYS D 244 -28.31 -5.98 8.15
C LYS D 244 -29.05 -5.03 7.22
N GLY D 245 -29.86 -5.54 6.31
CA GLY D 245 -30.74 -4.71 5.51
C GLY D 245 -30.27 -4.46 4.10
N TYR D 246 -29.00 -4.70 3.79
CA TYR D 246 -28.40 -4.35 2.51
C TYR D 246 -26.99 -4.94 2.53
N THR D 247 -26.32 -4.87 1.39
CA THR D 247 -24.91 -5.28 1.34
C THR D 247 -24.12 -4.11 0.80
N SER D 248 -22.88 -3.97 1.28
CA SER D 248 -22.12 -2.83 0.85
C SER D 248 -20.61 -3.04 0.79
N TRP D 249 -20.01 -3.64 1.82
CA TRP D 249 -18.55 -3.67 1.88
C TRP D 249 -17.97 -4.57 0.81
N ALA D 250 -18.58 -5.72 0.54
CA ALA D 250 -17.98 -6.64 -0.40
C ALA D 250 -18.07 -6.09 -1.81
N ILE D 251 -19.21 -5.50 -2.18
CA ILE D 251 -19.30 -4.97 -3.54
C ILE D 251 -18.38 -3.78 -3.71
N GLY D 252 -18.19 -2.96 -2.66
CA GLY D 252 -17.29 -1.83 -2.77
C GLY D 252 -15.87 -2.29 -3.04
N LEU D 253 -15.44 -3.32 -2.32
CA LEU D 253 -14.11 -3.88 -2.59
C LEU D 253 -14.03 -4.52 -3.96
N SER D 254 -15.13 -5.14 -4.44
CA SER D 254 -15.08 -5.76 -5.76
C SER D 254 -15.01 -4.71 -6.84
N VAL D 255 -15.73 -3.61 -6.67
CA VAL D 255 -15.71 -2.53 -7.64
C VAL D 255 -14.34 -1.88 -7.68
N ALA D 256 -13.68 -1.80 -6.54
CA ALA D 256 -12.37 -1.15 -6.48
C ALA D 256 -11.30 -2.04 -7.11
N ASP D 257 -11.52 -3.35 -7.04
CA ASP D 257 -10.70 -4.32 -7.76
C ASP D 257 -10.79 -4.09 -9.26
N LEU D 258 -12.01 -4.02 -9.78
CA LEU D 258 -12.21 -3.74 -11.19
C LEU D 258 -11.65 -2.38 -11.57
N ALA D 259 -11.85 -1.38 -10.71
CA ALA D 259 -11.35 -0.04 -10.99
C ALA D 259 -9.83 -0.05 -11.10
N GLU D 260 -9.15 -0.80 -10.24
CA GLU D 260 -7.69 -0.90 -10.33
C GLU D 260 -7.24 -1.47 -11.68
N SER D 261 -7.91 -2.50 -12.19
CA SER D 261 -7.47 -3.06 -13.46
C SER D 261 -7.69 -2.07 -14.59
N ILE D 262 -8.77 -1.29 -14.51
CA ILE D 262 -9.03 -0.27 -15.53
C ILE D 262 -7.99 0.84 -15.43
N MET D 263 -7.86 1.45 -14.24
CA MET D 263 -7.06 2.66 -14.14
C MET D 263 -5.57 2.38 -14.39
N LYS D 264 -5.09 1.19 -14.03
CA LYS D 264 -3.68 0.83 -14.20
C LYS D 264 -3.44 -0.04 -15.43
N ASN D 265 -4.47 -0.29 -16.23
CA ASN D 265 -4.37 -1.03 -17.49
C ASN D 265 -3.75 -2.40 -17.25
N LEU D 266 -4.23 -3.10 -16.23
CA LEU D 266 -3.55 -4.31 -15.82
C LEU D 266 -3.78 -5.46 -16.80
N ARG D 267 -4.88 -5.46 -17.53
CA ARG D 267 -5.28 -6.59 -18.37
C ARG D 267 -5.31 -7.89 -17.58
N ARG D 268 -5.88 -7.81 -16.38
CA ARG D 268 -6.26 -8.97 -15.61
C ARG D 268 -7.61 -9.47 -16.07
N VAL D 269 -7.87 -10.75 -15.82
CA VAL D 269 -9.11 -11.41 -16.23
C VAL D 269 -10.10 -11.42 -15.08
N HIS D 270 -11.30 -10.93 -15.34
CA HIS D 270 -12.34 -10.88 -14.34
C HIS D 270 -13.65 -11.39 -14.91
N PRO D 271 -14.48 -11.99 -14.10
CA PRO D 271 -15.81 -12.40 -14.57
C PRO D 271 -16.80 -11.27 -14.42
N ILE D 272 -16.98 -10.49 -15.49
CA ILE D 272 -17.78 -9.27 -15.46
C ILE D 272 -18.75 -9.26 -16.61
N SER D 273 -19.75 -8.38 -16.52
CA SER D 273 -20.89 -8.43 -17.42
C SER D 273 -20.56 -7.70 -18.72
N THR D 274 -20.74 -8.42 -19.85
CA THR D 274 -20.39 -7.90 -21.16
C THR D 274 -21.34 -8.47 -22.20
N MET D 275 -21.37 -7.83 -23.36
CA MET D 275 -22.28 -8.19 -24.44
C MET D 275 -21.77 -9.45 -25.11
N ILE D 276 -22.50 -10.56 -24.95
CA ILE D 276 -21.95 -11.89 -25.20
C ILE D 276 -22.50 -12.52 -26.48
N LYS D 277 -23.14 -11.74 -27.32
CA LYS D 277 -23.79 -12.29 -28.52
C LYS D 277 -22.73 -12.88 -29.44
N GLY D 278 -22.99 -14.08 -29.96
CA GLY D 278 -22.06 -14.70 -30.87
C GLY D 278 -21.03 -15.58 -30.19
N LEU D 279 -21.06 -15.67 -28.87
CA LEU D 279 -20.16 -16.53 -28.13
C LEU D 279 -21.02 -17.43 -27.26
N TYR D 280 -20.39 -18.49 -26.76
CA TYR D 280 -21.03 -19.43 -25.81
C TYR D 280 -22.42 -19.88 -26.26
N GLY D 281 -22.72 -19.83 -27.56
CA GLY D 281 -24.00 -20.33 -28.02
C GLY D 281 -25.14 -19.33 -27.92
N ILE D 282 -24.84 -18.08 -27.63
CA ILE D 282 -25.88 -17.11 -27.35
C ILE D 282 -26.11 -16.25 -28.58
N LYS D 283 -27.38 -16.14 -28.98
CA LYS D 283 -27.78 -15.46 -30.21
C LYS D 283 -28.37 -14.06 -30.02
N GLU D 284 -28.68 -13.67 -28.79
CA GLU D 284 -29.30 -12.37 -28.53
C GLU D 284 -28.29 -11.43 -27.88
N ASP D 285 -28.67 -10.15 -27.84
CA ASP D 285 -27.88 -9.04 -27.30
C ASP D 285 -27.75 -9.06 -25.79
N VAL D 286 -27.53 -10.19 -25.16
CA VAL D 286 -27.57 -10.23 -23.70
C VAL D 286 -26.21 -9.87 -23.13
N PHE D 287 -26.22 -9.17 -22.00
CA PHE D 287 -25.04 -8.99 -21.16
C PHE D 287 -25.09 -10.03 -20.03
N LEU D 288 -24.02 -10.77 -19.87
CA LEU D 288 -23.85 -11.58 -18.66
C LEU D 288 -22.36 -11.75 -18.45
N SER D 289 -21.97 -12.36 -17.33
CA SER D 289 -20.57 -12.43 -16.95
C SER D 289 -19.86 -13.62 -17.60
N VAL D 290 -18.73 -13.34 -18.21
CA VAL D 290 -17.77 -14.33 -18.70
C VAL D 290 -16.40 -13.78 -18.32
N PRO D 291 -15.32 -14.56 -18.39
CA PRO D 291 -14.00 -14.00 -18.05
C PRO D 291 -13.54 -13.00 -19.12
N CYS D 292 -13.25 -11.77 -18.72
CA CYS D 292 -12.96 -10.69 -19.64
C CYS D 292 -11.62 -10.08 -19.26
N VAL D 293 -10.84 -9.72 -20.27
CA VAL D 293 -9.59 -9.01 -20.06
C VAL D 293 -9.92 -7.53 -19.87
N LEU D 294 -9.51 -6.98 -18.74
CA LEU D 294 -9.93 -5.66 -18.30
C LEU D 294 -8.72 -4.75 -18.19
N GLY D 295 -8.78 -3.60 -18.89
CA GLY D 295 -7.75 -2.58 -18.86
C GLY D 295 -8.23 -1.17 -19.18
N GLN D 296 -7.30 -0.32 -19.61
CA GLN D 296 -7.61 1.10 -19.76
C GLN D 296 -8.60 1.37 -20.88
N ASN D 297 -8.80 0.43 -21.80
CA ASN D 297 -9.83 0.56 -22.81
C ASN D 297 -11.09 -0.21 -22.43
N GLY D 298 -11.20 -0.68 -21.19
CA GLY D 298 -12.28 -1.54 -20.80
C GLY D 298 -12.03 -2.98 -21.19
N ILE D 299 -13.05 -3.65 -21.72
CA ILE D 299 -12.94 -5.04 -22.09
C ILE D 299 -12.31 -5.11 -23.48
N SER D 300 -11.06 -5.54 -23.55
CA SER D 300 -10.43 -5.74 -24.84
C SER D 300 -10.63 -7.14 -25.41
N ASP D 301 -10.90 -8.13 -24.56
CA ASP D 301 -10.85 -9.52 -24.98
C ASP D 301 -11.75 -10.34 -24.05
N VAL D 302 -12.30 -11.43 -24.60
CA VAL D 302 -13.05 -12.41 -23.82
C VAL D 302 -12.32 -13.74 -23.84
N VAL D 303 -12.24 -14.37 -22.68
CA VAL D 303 -11.70 -15.73 -22.63
C VAL D 303 -12.79 -16.73 -22.96
N LYS D 304 -12.45 -17.69 -23.81
CA LYS D 304 -13.37 -18.73 -24.25
C LYS D 304 -13.17 -19.94 -23.34
N VAL D 305 -14.04 -20.01 -22.32
CA VAL D 305 -14.00 -21.07 -21.32
C VAL D 305 -14.52 -22.36 -21.91
N THR D 306 -13.89 -23.48 -21.56
CA THR D 306 -14.28 -24.80 -22.04
C THR D 306 -15.26 -25.42 -21.05
N LEU D 307 -16.52 -25.07 -21.19
CA LEU D 307 -17.55 -25.58 -20.31
C LEU D 307 -17.94 -27.00 -20.68
N THR D 308 -18.31 -27.78 -19.65
CA THR D 308 -19.03 -29.01 -19.91
C THR D 308 -20.37 -28.70 -20.55
N SER D 309 -20.98 -29.71 -21.17
CA SER D 309 -22.27 -29.46 -21.81
C SER D 309 -23.30 -28.99 -20.77
N GLU D 310 -23.22 -29.51 -19.54
CA GLU D 310 -24.16 -29.09 -18.52
C GLU D 310 -23.88 -27.67 -18.02
N GLU D 311 -22.60 -27.31 -17.84
CA GLU D 311 -22.25 -25.92 -17.54
C GLU D 311 -22.68 -25.00 -18.67
N GLU D 312 -22.47 -25.43 -19.91
CA GLU D 312 -22.94 -24.65 -21.06
C GLU D 312 -24.46 -24.50 -21.04
N ALA D 313 -25.18 -25.55 -20.62
CA ALA D 313 -26.63 -25.49 -20.60
C ALA D 313 -27.13 -24.55 -19.50
N HIS D 314 -26.47 -24.55 -18.35
CA HIS D 314 -26.83 -23.59 -17.31
C HIS D 314 -26.58 -22.16 -17.77
N LEU D 315 -25.49 -21.93 -18.50
CA LEU D 315 -25.20 -20.59 -18.99
C LEU D 315 -26.22 -20.14 -20.02
N LYS D 316 -26.65 -21.06 -20.89
CA LYS D 316 -27.67 -20.71 -21.86
C LYS D 316 -28.98 -20.37 -21.18
N LYS D 317 -29.31 -21.10 -20.11
CA LYS D 317 -30.53 -20.82 -19.37
C LYS D 317 -30.44 -19.46 -18.70
N SER D 318 -29.24 -19.09 -18.26
CA SER D 318 -29.05 -17.79 -17.64
C SER D 318 -29.31 -16.67 -18.65
N ALA D 319 -28.71 -16.79 -19.83
CA ALA D 319 -28.95 -15.86 -20.92
C ALA D 319 -30.41 -15.77 -21.28
N ASP D 320 -31.09 -16.93 -21.34
CA ASP D 320 -32.50 -16.93 -21.73
C ASP D 320 -33.35 -16.22 -20.69
N THR D 321 -33.04 -16.43 -19.41
CA THR D 321 -33.69 -15.68 -18.34
C THR D 321 -33.52 -14.17 -18.55
N LEU D 322 -32.28 -13.71 -18.74
CA LEU D 322 -32.04 -12.28 -18.91
C LEU D 322 -32.67 -11.74 -20.19
N TRP D 323 -32.59 -12.50 -21.27
CA TRP D 323 -33.21 -12.04 -22.51
C TRP D 323 -34.72 -11.96 -22.37
N GLY D 324 -35.30 -12.75 -21.48
CA GLY D 324 -36.74 -12.72 -21.30
C GLY D 324 -37.21 -11.42 -20.69
N ILE D 325 -36.36 -10.78 -19.89
CA ILE D 325 -36.63 -9.45 -19.36
C ILE D 325 -36.20 -8.37 -20.34
N GLN D 326 -35.03 -8.58 -20.95
CA GLN D 326 -34.46 -7.63 -21.91
C GLN D 326 -35.39 -7.37 -23.09
N LYS D 327 -36.05 -8.40 -23.62
CA LYS D 327 -36.88 -8.22 -24.81
C LYS D 327 -38.11 -7.34 -24.56
N GLU D 328 -38.57 -7.23 -23.32
CA GLU D 328 -39.72 -6.38 -22.95
C GLU D 328 -39.41 -4.89 -22.81
N LEU D 329 -38.14 -4.48 -22.78
CA LEU D 329 -37.81 -3.09 -22.50
C LEU D 329 -37.98 -2.21 -23.74
#